data_4JV8
# 
_entry.id   4JV8 
# 
_audit_conform.dict_name       mmcif_pdbx.dic 
_audit_conform.dict_version    5.379 
_audit_conform.dict_location   http://mmcif.pdb.org/dictionaries/ascii/mmcif_pdbx.dic 
# 
loop_
_database_2.database_id 
_database_2.database_code 
_database_2.pdbx_database_accession 
_database_2.pdbx_DOI 
PDB   4JV8         pdb_00004jv8 10.2210/pdb4jv8/pdb 
RCSB  RCSB078546   ?            ?                   
WWPDB D_1000078546 ?            ?                   
# 
loop_
_pdbx_database_related.db_name 
_pdbx_database_related.db_id 
_pdbx_database_related.details 
_pdbx_database_related.content_type 
PDB 4JV6 . unspecified 
PDB 4JVB . unspecified 
PDB 4JVF . unspecified 
# 
_pdbx_database_status.status_code                     REL 
_pdbx_database_status.entry_id                        4JV8 
_pdbx_database_status.recvd_initial_deposition_date   2013-03-25 
_pdbx_database_status.deposit_site                    RCSB 
_pdbx_database_status.process_site                    RCSB 
_pdbx_database_status.status_code_sf                  REL 
_pdbx_database_status.status_code_mr                  ? 
_pdbx_database_status.SG_entry                        ? 
_pdbx_database_status.status_code_cs                  ? 
_pdbx_database_status.methods_development_category    ? 
_pdbx_database_status.pdb_format_compatible           Y 
_pdbx_database_status.status_code_nmr_data            ? 
# 
loop_
_audit_author.name 
_audit_author.pdbx_ordinal 
'Gunther, Z.'      1  
'Papke, B.'        2  
'Ismail, S.'       3  
'Vartak, N.'       4  
'Chandra, A.'      5  
'Hoffmann, M.'     6  
'Hahn, S.'         7  
'Triola, G.'       8  
'Wittinghofer, A.' 9  
'Bastiaens, P.'    10 
'Waldmann, H.'     11 
# 
_citation.id                        primary 
_citation.title                     'Small molecule inhibition of the KRAS PDEd interaction impairs oncogenic KRAS signalling' 
_citation.journal_abbrev            Nature 
_citation.journal_volume            497 
_citation.page_first                638 
_citation.page_last                 642 
_citation.year                      2013 
_citation.journal_id_ASTM           NATUAS 
_citation.country                   UK 
_citation.journal_id_ISSN           0028-0836 
_citation.journal_id_CSD            0006 
_citation.book_publisher            ? 
_citation.pdbx_database_id_PubMed   23698361 
_citation.pdbx_database_id_DOI      10.1038/nature12205 
# 
loop_
_citation_author.citation_id 
_citation_author.name 
_citation_author.ordinal 
_citation_author.identifier_ORCID 
primary 'Zimmermann, G.'   1  ? 
primary 'Papke, B.'        2  ? 
primary 'Ismail, S.'       3  ? 
primary 'Vartak, N.'       4  ? 
primary 'Chandra, A.'      5  ? 
primary 'Hoffmann, M.'     6  ? 
primary 'Hahn, S.A.'       7  ? 
primary 'Triola, G.'       8  ? 
primary 'Wittinghofer, A.' 9  ? 
primary 'Bastiaens, P.I.'  10 ? 
primary 'Waldmann, H.'     11 ? 
# 
_cell.entry_id           4JV8 
_cell.length_a           55.970 
_cell.length_b           55.970 
_cell.length_c           115.560 
_cell.angle_alpha        90.00 
_cell.angle_beta         90.00 
_cell.angle_gamma        120.00 
_cell.Z_PDB              6 
_cell.pdbx_unique_axis   ? 
_cell.length_a_esd       ? 
_cell.length_b_esd       ? 
_cell.length_c_esd       ? 
_cell.angle_alpha_esd    ? 
_cell.angle_beta_esd     ? 
_cell.angle_gamma_esd    ? 
# 
_symmetry.entry_id                         4JV8 
_symmetry.space_group_name_H-M             'P 32 2 1' 
_symmetry.pdbx_full_space_group_name_H-M   ? 
_symmetry.cell_setting                     ? 
_symmetry.Int_Tables_number                154 
_symmetry.space_group_name_Hall            ? 
# 
loop_
_entity.id 
_entity.type 
_entity.src_method 
_entity.pdbx_description 
_entity.formula_weight 
_entity.pdbx_number_of_molecules 
_entity.pdbx_ec 
_entity.pdbx_mutation 
_entity.pdbx_fragment 
_entity.details 
1 polymer     man 
;Retinal rod rhodopsin-sensitive cGMP 3',5'-cyclic phosphodiesterase subunit delta
;
17585.121 1   ? ? ? ? 
2 non-polymer syn '(6R)-6-(pyridin-2-yl)-5,6-dihydrobenzimidazo[1,2-c]quinazoline'                    298.341   2   ? ? ? ? 
3 water       nat water                                                                               18.015    251 ? ? ? ? 
# 
_entity_name_com.entity_id   1 
_entity_name_com.name        'GMP-PDE delta, Protein p17' 
# 
_entity_poly.entity_id                      1 
_entity_poly.type                           'polypeptide(L)' 
_entity_poly.nstd_linkage                   no 
_entity_poly.nstd_monomer                   no 
_entity_poly.pdbx_seq_one_letter_code       
;GSMSAKDERAREILRGFKLNWMNLRDAETGKILWQGTEDLSVPGVEHEARVPKKILKCKAVSRELNFSSTEQMEKFRLEQ
KVYFKGQCLEEWFFEFGFVIPNSTNTWQSLIEAAPESQMMPASVLTGNVIIETKFFDDDLLVSTSRVRLFYV
;
_entity_poly.pdbx_seq_one_letter_code_can   
;GSMSAKDERAREILRGFKLNWMNLRDAETGKILWQGTEDLSVPGVEHEARVPKKILKCKAVSRELNFSSTEQMEKFRLEQ
KVYFKGQCLEEWFFEFGFVIPNSTNTWQSLIEAAPESQMMPASVLTGNVIIETKFFDDDLLVSTSRVRLFYV
;
_entity_poly.pdbx_strand_id                 B 
_entity_poly.pdbx_target_identifier         ? 
# 
loop_
_entity_poly_seq.entity_id 
_entity_poly_seq.num 
_entity_poly_seq.mon_id 
_entity_poly_seq.hetero 
1 1   GLY n 
1 2   SER n 
1 3   MET n 
1 4   SER n 
1 5   ALA n 
1 6   LYS n 
1 7   ASP n 
1 8   GLU n 
1 9   ARG n 
1 10  ALA n 
1 11  ARG n 
1 12  GLU n 
1 13  ILE n 
1 14  LEU n 
1 15  ARG n 
1 16  GLY n 
1 17  PHE n 
1 18  LYS n 
1 19  LEU n 
1 20  ASN n 
1 21  TRP n 
1 22  MET n 
1 23  ASN n 
1 24  LEU n 
1 25  ARG n 
1 26  ASP n 
1 27  ALA n 
1 28  GLU n 
1 29  THR n 
1 30  GLY n 
1 31  LYS n 
1 32  ILE n 
1 33  LEU n 
1 34  TRP n 
1 35  GLN n 
1 36  GLY n 
1 37  THR n 
1 38  GLU n 
1 39  ASP n 
1 40  LEU n 
1 41  SER n 
1 42  VAL n 
1 43  PRO n 
1 44  GLY n 
1 45  VAL n 
1 46  GLU n 
1 47  HIS n 
1 48  GLU n 
1 49  ALA n 
1 50  ARG n 
1 51  VAL n 
1 52  PRO n 
1 53  LYS n 
1 54  LYS n 
1 55  ILE n 
1 56  LEU n 
1 57  LYS n 
1 58  CYS n 
1 59  LYS n 
1 60  ALA n 
1 61  VAL n 
1 62  SER n 
1 63  ARG n 
1 64  GLU n 
1 65  LEU n 
1 66  ASN n 
1 67  PHE n 
1 68  SER n 
1 69  SER n 
1 70  THR n 
1 71  GLU n 
1 72  GLN n 
1 73  MET n 
1 74  GLU n 
1 75  LYS n 
1 76  PHE n 
1 77  ARG n 
1 78  LEU n 
1 79  GLU n 
1 80  GLN n 
1 81  LYS n 
1 82  VAL n 
1 83  TYR n 
1 84  PHE n 
1 85  LYS n 
1 86  GLY n 
1 87  GLN n 
1 88  CYS n 
1 89  LEU n 
1 90  GLU n 
1 91  GLU n 
1 92  TRP n 
1 93  PHE n 
1 94  PHE n 
1 95  GLU n 
1 96  PHE n 
1 97  GLY n 
1 98  PHE n 
1 99  VAL n 
1 100 ILE n 
1 101 PRO n 
1 102 ASN n 
1 103 SER n 
1 104 THR n 
1 105 ASN n 
1 106 THR n 
1 107 TRP n 
1 108 GLN n 
1 109 SER n 
1 110 LEU n 
1 111 ILE n 
1 112 GLU n 
1 113 ALA n 
1 114 ALA n 
1 115 PRO n 
1 116 GLU n 
1 117 SER n 
1 118 GLN n 
1 119 MET n 
1 120 MET n 
1 121 PRO n 
1 122 ALA n 
1 123 SER n 
1 124 VAL n 
1 125 LEU n 
1 126 THR n 
1 127 GLY n 
1 128 ASN n 
1 129 VAL n 
1 130 ILE n 
1 131 ILE n 
1 132 GLU n 
1 133 THR n 
1 134 LYS n 
1 135 PHE n 
1 136 PHE n 
1 137 ASP n 
1 138 ASP n 
1 139 ASP n 
1 140 LEU n 
1 141 LEU n 
1 142 VAL n 
1 143 SER n 
1 144 THR n 
1 145 SER n 
1 146 ARG n 
1 147 VAL n 
1 148 ARG n 
1 149 LEU n 
1 150 PHE n 
1 151 TYR n 
1 152 VAL n 
# 
_entity_src_gen.entity_id                          1 
_entity_src_gen.pdbx_src_id                        1 
_entity_src_gen.pdbx_alt_source_flag               sample 
_entity_src_gen.pdbx_seq_type                      ? 
_entity_src_gen.pdbx_beg_seq_num                   ? 
_entity_src_gen.pdbx_end_seq_num                   ? 
_entity_src_gen.gene_src_common_name               human 
_entity_src_gen.gene_src_genus                     ? 
_entity_src_gen.pdbx_gene_src_gene                 'PDE6D, PDED' 
_entity_src_gen.gene_src_species                   ? 
_entity_src_gen.gene_src_strain                    ? 
_entity_src_gen.gene_src_tissue                    ? 
_entity_src_gen.gene_src_tissue_fraction           ? 
_entity_src_gen.gene_src_details                   ? 
_entity_src_gen.pdbx_gene_src_fragment             ? 
_entity_src_gen.pdbx_gene_src_scientific_name      'Homo sapiens' 
_entity_src_gen.pdbx_gene_src_ncbi_taxonomy_id     9606 
_entity_src_gen.pdbx_gene_src_variant              ? 
_entity_src_gen.pdbx_gene_src_cell_line            ? 
_entity_src_gen.pdbx_gene_src_atcc                 ? 
_entity_src_gen.pdbx_gene_src_organ                ? 
_entity_src_gen.pdbx_gene_src_organelle            ? 
_entity_src_gen.pdbx_gene_src_cell                 ? 
_entity_src_gen.pdbx_gene_src_cellular_location    ? 
_entity_src_gen.host_org_common_name               ? 
_entity_src_gen.pdbx_host_org_scientific_name      'Escherichia coli' 
_entity_src_gen.pdbx_host_org_ncbi_taxonomy_id     562 
_entity_src_gen.host_org_genus                     ? 
_entity_src_gen.pdbx_host_org_gene                 ? 
_entity_src_gen.pdbx_host_org_organ                ? 
_entity_src_gen.host_org_species                   ? 
_entity_src_gen.pdbx_host_org_tissue               ? 
_entity_src_gen.pdbx_host_org_tissue_fraction      ? 
_entity_src_gen.pdbx_host_org_strain               ? 
_entity_src_gen.pdbx_host_org_variant              ? 
_entity_src_gen.pdbx_host_org_cell_line            ? 
_entity_src_gen.pdbx_host_org_atcc                 ? 
_entity_src_gen.pdbx_host_org_culture_collection   ? 
_entity_src_gen.pdbx_host_org_cell                 ? 
_entity_src_gen.pdbx_host_org_organelle            ? 
_entity_src_gen.pdbx_host_org_cellular_location    ? 
_entity_src_gen.pdbx_host_org_vector_type          ? 
_entity_src_gen.pdbx_host_org_vector               ? 
_entity_src_gen.host_org_details                   ? 
_entity_src_gen.expression_system_id               ? 
_entity_src_gen.plasmid_name                       ? 
_entity_src_gen.plasmid_details                    ? 
_entity_src_gen.pdbx_description                   ? 
# 
_struct_ref.id                         1 
_struct_ref.db_name                    UNP 
_struct_ref.db_code                    PDE6D_HUMAN 
_struct_ref.pdbx_db_accession          O43924 
_struct_ref.entity_id                  1 
_struct_ref.pdbx_seq_one_letter_code   
;MSAKDERAREILRGFKLNWMNLRDAETGKILWQGTEDLSVPGVEHEARVPKKILKCKAVSRELNFSSTEQMEKFRLEQKV
YFKGQCLEEWFFEFGFVIPNSTNTWQSLIEAAPESQMMPASVLTGNVIIETKFFDDDLLVSTSRVRLFYV
;
_struct_ref.pdbx_align_begin           1 
_struct_ref.pdbx_db_isoform            ? 
# 
_struct_ref_seq.align_id                      1 
_struct_ref_seq.ref_id                        1 
_struct_ref_seq.pdbx_PDB_id_code              4JV8 
_struct_ref_seq.pdbx_strand_id                B 
_struct_ref_seq.seq_align_beg                 3 
_struct_ref_seq.pdbx_seq_align_beg_ins_code   ? 
_struct_ref_seq.seq_align_end                 152 
_struct_ref_seq.pdbx_seq_align_end_ins_code   ? 
_struct_ref_seq.pdbx_db_accession             O43924 
_struct_ref_seq.db_align_beg                  1 
_struct_ref_seq.pdbx_db_align_beg_ins_code    ? 
_struct_ref_seq.db_align_end                  150 
_struct_ref_seq.pdbx_db_align_end_ins_code    ? 
_struct_ref_seq.pdbx_auth_seq_align_beg       1 
_struct_ref_seq.pdbx_auth_seq_align_end       150 
# 
loop_
_struct_ref_seq_dif.align_id 
_struct_ref_seq_dif.pdbx_pdb_id_code 
_struct_ref_seq_dif.mon_id 
_struct_ref_seq_dif.pdbx_pdb_strand_id 
_struct_ref_seq_dif.seq_num 
_struct_ref_seq_dif.pdbx_pdb_ins_code 
_struct_ref_seq_dif.pdbx_seq_db_name 
_struct_ref_seq_dif.pdbx_seq_db_accession_code 
_struct_ref_seq_dif.db_mon_id 
_struct_ref_seq_dif.pdbx_seq_db_seq_num 
_struct_ref_seq_dif.details 
_struct_ref_seq_dif.pdbx_auth_seq_num 
_struct_ref_seq_dif.pdbx_ordinal 
1 4JV8 GLY B 1 ? UNP O43924 ? ? 'expression tag' -1 1 
1 4JV8 SER B 2 ? UNP O43924 ? ? 'expression tag' 0  2 
# 
loop_
_chem_comp.id 
_chem_comp.type 
_chem_comp.mon_nstd_flag 
_chem_comp.name 
_chem_comp.pdbx_synonyms 
_chem_comp.formula 
_chem_comp.formula_weight 
1M1 non-polymer         . '(6R)-6-(pyridin-2-yl)-5,6-dihydrobenzimidazo[1,2-c]quinazoline' ? 'C19 H14 N4'     298.341 
ALA 'L-peptide linking' y ALANINE                                                          ? 'C3 H7 N O2'     89.093  
ARG 'L-peptide linking' y ARGININE                                                         ? 'C6 H15 N4 O2 1' 175.209 
ASN 'L-peptide linking' y ASPARAGINE                                                       ? 'C4 H8 N2 O3'    132.118 
ASP 'L-peptide linking' y 'ASPARTIC ACID'                                                  ? 'C4 H7 N O4'     133.103 
CYS 'L-peptide linking' y CYSTEINE                                                         ? 'C3 H7 N O2 S'   121.158 
GLN 'L-peptide linking' y GLUTAMINE                                                        ? 'C5 H10 N2 O3'   146.144 
GLU 'L-peptide linking' y 'GLUTAMIC ACID'                                                  ? 'C5 H9 N O4'     147.129 
GLY 'peptide linking'   y GLYCINE                                                          ? 'C2 H5 N O2'     75.067  
HIS 'L-peptide linking' y HISTIDINE                                                        ? 'C6 H10 N3 O2 1' 156.162 
HOH non-polymer         . WATER                                                            ? 'H2 O'           18.015  
ILE 'L-peptide linking' y ISOLEUCINE                                                       ? 'C6 H13 N O2'    131.173 
LEU 'L-peptide linking' y LEUCINE                                                          ? 'C6 H13 N O2'    131.173 
LYS 'L-peptide linking' y LYSINE                                                           ? 'C6 H15 N2 O2 1' 147.195 
MET 'L-peptide linking' y METHIONINE                                                       ? 'C5 H11 N O2 S'  149.211 
PHE 'L-peptide linking' y PHENYLALANINE                                                    ? 'C9 H11 N O2'    165.189 
PRO 'L-peptide linking' y PROLINE                                                          ? 'C5 H9 N O2'     115.130 
SER 'L-peptide linking' y SERINE                                                           ? 'C3 H7 N O3'     105.093 
THR 'L-peptide linking' y THREONINE                                                        ? 'C4 H9 N O3'     119.119 
TRP 'L-peptide linking' y TRYPTOPHAN                                                       ? 'C11 H12 N2 O2'  204.225 
TYR 'L-peptide linking' y TYROSINE                                                         ? 'C9 H11 N O3'    181.189 
VAL 'L-peptide linking' y VALINE                                                           ? 'C5 H11 N O2'    117.146 
# 
_exptl.entry_id          4JV8 
_exptl.method            'X-RAY DIFFRACTION' 
_exptl.crystals_number   1 
# 
_exptl_crystal.id                    1 
_exptl_crystal.density_meas          ? 
_exptl_crystal.density_Matthews      2.97 
_exptl_crystal.density_percent_sol   58.60 
_exptl_crystal.description           ? 
_exptl_crystal.F_000                 ? 
_exptl_crystal.preparation           ? 
# 
_exptl_crystal_grow.crystal_id      1 
_exptl_crystal_grow.method          'VAPOR DIFFUSION, SITTING DROP' 
_exptl_crystal_grow.temp            293 
_exptl_crystal_grow.temp_details    ? 
_exptl_crystal_grow.pH              4.6 
_exptl_crystal_grow.pdbx_pH_range   ? 
_exptl_crystal_grow.pdbx_details    '100mM Sodium Acetate(pH4.6) 2.0M NaCl, VAPOR DIFFUSION, SITTING DROP, temperature 293K' 
# 
_diffrn.id                     1 
_diffrn.ambient_temp           100 
_diffrn.ambient_temp_details   ? 
_diffrn.crystal_id             1 
# 
_diffrn_detector.diffrn_id              1 
_diffrn_detector.detector               PIXEL 
_diffrn_detector.type                   'PSI PILATUS 6M' 
_diffrn_detector.pdbx_collection_date   2011-03-21 
_diffrn_detector.details                ? 
# 
_diffrn_radiation.diffrn_id                        1 
_diffrn_radiation.wavelength_id                    1 
_diffrn_radiation.pdbx_monochromatic_or_laue_m_l   M 
_diffrn_radiation.monochromator                    'SAGITALLY - HORIZONTALLY FOCUSED SI(111) MONOCHROMATOR' 
_diffrn_radiation.pdbx_diffrn_protocol             'SINGLE WAVELENGTH' 
_diffrn_radiation.pdbx_scattering_type             x-ray 
# 
_diffrn_radiation_wavelength.id           1 
_diffrn_radiation_wavelength.wavelength   0.9786 
_diffrn_radiation_wavelength.wt           1.0 
# 
_diffrn_source.diffrn_id                   1 
_diffrn_source.source                      SYNCHROTRON 
_diffrn_source.type                        'SLS BEAMLINE X10SA' 
_diffrn_source.pdbx_synchrotron_site       SLS 
_diffrn_source.pdbx_synchrotron_beamline   X10SA 
_diffrn_source.pdbx_wavelength             ? 
_diffrn_source.pdbx_wavelength_list        0.9786 
# 
_reflns.pdbx_diffrn_id               1 
_reflns.pdbx_ordinal                 1 
_reflns.entry_id                     4JV8 
_reflns.observed_criterion_sigma_I   -3 
_reflns.observed_criterion_sigma_F   -3 
_reflns.d_resolution_low             27.98 
_reflns.d_resolution_high            1.45 
_reflns.number_obs                   37973 
_reflns.number_all                   37973 
_reflns.percent_possible_obs         99.9 
_reflns.pdbx_Rmerge_I_obs            ? 
_reflns.pdbx_Rsym_value              ? 
_reflns.pdbx_netI_over_sigmaI        ? 
_reflns.B_iso_Wilson_estimate        ? 
_reflns.pdbx_redundancy              ? 
_reflns.R_free_details               ? 
_reflns.limit_h_max                  ? 
_reflns.limit_h_min                  ? 
_reflns.limit_k_max                  ? 
_reflns.limit_k_min                  ? 
_reflns.limit_l_max                  ? 
_reflns.limit_l_min                  ? 
_reflns.observed_criterion_F_max     ? 
_reflns.observed_criterion_F_min     ? 
_reflns.pdbx_chi_squared             ? 
_reflns.pdbx_scaling_rejects         ? 
# 
_reflns_shell.pdbx_diffrn_id         1 
_reflns_shell.pdbx_ordinal           1 
_reflns_shell.d_res_high             1.45 
_reflns_shell.d_res_low              1.5 
_reflns_shell.percent_possible_all   99.6 
_reflns_shell.Rmerge_I_obs           ? 
_reflns_shell.pdbx_Rsym_value        ? 
_reflns_shell.meanI_over_sigI_obs    ? 
_reflns_shell.pdbx_redundancy        ? 
_reflns_shell.percent_possible_obs   ? 
_reflns_shell.number_unique_all      ? 
_reflns_shell.number_measured_all    ? 
_reflns_shell.number_measured_obs    ? 
_reflns_shell.number_unique_obs      ? 
_reflns_shell.pdbx_chi_squared       ? 
# 
_refine.pdbx_refine_id                           'X-RAY DIFFRACTION' 
_refine.entry_id                                 4JV8 
_refine.pdbx_diffrn_id                           1 
_refine.pdbx_TLS_residual_ADP_flag               ? 
_refine.ls_number_reflns_obs                     36030 
_refine.ls_number_reflns_all                     ? 
_refine.pdbx_ls_sigma_I                          ? 
_refine.pdbx_ls_sigma_F                          . 
_refine.pdbx_data_cutoff_high_absF               ? 
_refine.pdbx_data_cutoff_low_absF                ? 
_refine.pdbx_data_cutoff_high_rms_absF           ? 
_refine.ls_d_res_low                             27.98 
_refine.ls_d_res_high                            1.45 
_refine.ls_percent_reflns_obs                    99.88 
_refine.ls_R_factor_obs                          0.18140 
_refine.ls_R_factor_all                          ? 
_refine.ls_R_factor_R_work                       0.17994 
_refine.ls_R_factor_R_free                       0.20862 
_refine.ls_R_factor_R_free_error                 ? 
_refine.ls_R_factor_R_free_error_details         ? 
_refine.ls_percent_reflns_R_free                 5.0 
_refine.ls_number_reflns_R_free                  1897 
_refine.ls_number_parameters                     ? 
_refine.ls_number_restraints                     ? 
_refine.occupancy_min                            ? 
_refine.occupancy_max                            ? 
_refine.correlation_coeff_Fo_to_Fc               0.967 
_refine.correlation_coeff_Fo_to_Fc_free          0.957 
_refine.B_iso_mean                               22.627 
_refine.aniso_B[1][1]                            0.55 
_refine.aniso_B[2][2]                            0.55 
_refine.aniso_B[3][3]                            -0.83 
_refine.aniso_B[1][2]                            0.28 
_refine.aniso_B[1][3]                            0.00 
_refine.aniso_B[2][3]                            0.00 
_refine.solvent_model_details                    MASK 
_refine.solvent_model_param_ksol                 ? 
_refine.solvent_model_param_bsol                 ? 
_refine.pdbx_solvent_vdw_probe_radii             1.20 
_refine.pdbx_solvent_ion_probe_radii             0.80 
_refine.pdbx_solvent_shrinkage_radii             0.80 
_refine.pdbx_ls_cross_valid_method               THROUGHOUT 
_refine.details                                  'HYDROGENS HAVE BEEN USED IF PRESENT IN THE INPUT' 
_refine.pdbx_starting_model                      3T5G 
_refine.pdbx_method_to_determine_struct          'MOLECULAR REPLACEMENT' 
_refine.pdbx_isotropic_thermal_model             ? 
_refine.pdbx_stereochemistry_target_values       'MAXIMUM LIKELIHOOD' 
_refine.pdbx_stereochem_target_val_spec_case     ? 
_refine.pdbx_R_Free_selection_details            RANDOM 
_refine.pdbx_overall_ESU_R                       0.059 
_refine.pdbx_overall_ESU_R_Free                  0.063 
_refine.overall_SU_ML                            0.037 
_refine.pdbx_overall_phase_error                 ? 
_refine.overall_SU_B                             0.937 
_refine.overall_SU_R_Cruickshank_DPI             ? 
_refine.pdbx_overall_SU_R_free_Cruickshank_DPI   ? 
_refine.pdbx_overall_SU_R_Blow_DPI               ? 
_refine.pdbx_overall_SU_R_free_Blow_DPI          ? 
_refine.ls_redundancy_reflns_obs                 ? 
_refine.B_iso_min                                ? 
_refine.B_iso_max                                ? 
_refine.overall_SU_R_free                        ? 
_refine.ls_wR_factor_R_free                      ? 
_refine.ls_wR_factor_R_work                      ? 
_refine.overall_FOM_free_R_set                   ? 
_refine.overall_FOM_work_R_set                   ? 
# 
_refine_hist.pdbx_refine_id                   'X-RAY DIFFRACTION' 
_refine_hist.cycle_id                         LAST 
_refine_hist.pdbx_number_atoms_protein        1192 
_refine_hist.pdbx_number_atoms_nucleic_acid   0 
_refine_hist.pdbx_number_atoms_ligand         46 
_refine_hist.number_atoms_solvent             251 
_refine_hist.number_atoms_total               1489 
_refine_hist.d_res_high                       1.45 
_refine_hist.d_res_low                        27.98 
# 
loop_
_refine_ls_restr.type 
_refine_ls_restr.dev_ideal 
_refine_ls_restr.dev_ideal_target 
_refine_ls_restr.weight 
_refine_ls_restr.number 
_refine_ls_restr.pdbx_refine_id 
_refine_ls_restr.pdbx_restraint_function 
r_bond_refined_d             0.032  0.022  ? 1270 'X-RAY DIFFRACTION' ? 
r_bond_other_d               ?      ?      ? ?    'X-RAY DIFFRACTION' ? 
r_angle_refined_deg          2.649  1.995  ? 1715 'X-RAY DIFFRACTION' ? 
r_angle_other_deg            ?      ?      ? ?    'X-RAY DIFFRACTION' ? 
r_dihedral_angle_1_deg       6.536  5.000  ? 145  'X-RAY DIFFRACTION' ? 
r_dihedral_angle_2_deg       42.021 23.793 ? 58   'X-RAY DIFFRACTION' ? 
r_dihedral_angle_3_deg       13.967 15.000 ? 224  'X-RAY DIFFRACTION' ? 
r_dihedral_angle_4_deg       16.736 15.000 ? 9    'X-RAY DIFFRACTION' ? 
r_chiral_restr               0.178  0.200  ? 182  'X-RAY DIFFRACTION' ? 
r_gen_planes_refined         0.015  0.021  ? 956  'X-RAY DIFFRACTION' ? 
r_gen_planes_other           ?      ?      ? ?    'X-RAY DIFFRACTION' ? 
r_nbd_refined                ?      ?      ? ?    'X-RAY DIFFRACTION' ? 
r_nbd_other                  ?      ?      ? ?    'X-RAY DIFFRACTION' ? 
r_nbtor_refined              ?      ?      ? ?    'X-RAY DIFFRACTION' ? 
r_nbtor_other                ?      ?      ? ?    'X-RAY DIFFRACTION' ? 
r_xyhbond_nbd_refined        ?      ?      ? ?    'X-RAY DIFFRACTION' ? 
r_xyhbond_nbd_other          ?      ?      ? ?    'X-RAY DIFFRACTION' ? 
r_metal_ion_refined          ?      ?      ? ?    'X-RAY DIFFRACTION' ? 
r_metal_ion_other            ?      ?      ? ?    'X-RAY DIFFRACTION' ? 
r_symmetry_vdw_refined       ?      ?      ? ?    'X-RAY DIFFRACTION' ? 
r_symmetry_vdw_other         ?      ?      ? ?    'X-RAY DIFFRACTION' ? 
r_symmetry_hbond_refined     ?      ?      ? ?    'X-RAY DIFFRACTION' ? 
r_symmetry_hbond_other       ?      ?      ? ?    'X-RAY DIFFRACTION' ? 
r_symmetry_metal_ion_refined ?      ?      ? ?    'X-RAY DIFFRACTION' ? 
r_symmetry_metal_ion_other   ?      ?      ? ?    'X-RAY DIFFRACTION' ? 
r_mcbond_it                  ?      ?      ? ?    'X-RAY DIFFRACTION' ? 
r_mcbond_other               ?      ?      ? ?    'X-RAY DIFFRACTION' ? 
r_mcangle_it                 ?      ?      ? ?    'X-RAY DIFFRACTION' ? 
r_scbond_it                  ?      ?      ? ?    'X-RAY DIFFRACTION' ? 
r_scangle_it                 ?      ?      ? ?    'X-RAY DIFFRACTION' ? 
r_rigid_bond_restr           ?      ?      ? ?    'X-RAY DIFFRACTION' ? 
r_sphericity_free            ?      ?      ? ?    'X-RAY DIFFRACTION' ? 
r_sphericity_bonded          ?      ?      ? ?    'X-RAY DIFFRACTION' ? 
# 
_refine_ls_shell.pdbx_refine_id                   'X-RAY DIFFRACTION' 
_refine_ls_shell.pdbx_total_number_of_bins_used   20 
_refine_ls_shell.d_res_high                       1.450 
_refine_ls_shell.d_res_low                        1.488 
_refine_ls_shell.number_reflns_R_work             2382 
_refine_ls_shell.R_factor_R_work                  0.294 
_refine_ls_shell.percent_reflns_obs               99.41 
_refine_ls_shell.R_factor_R_free                  0.306 
_refine_ls_shell.R_factor_R_free_error            ? 
_refine_ls_shell.percent_reflns_R_free            ? 
_refine_ls_shell.number_reflns_R_free             130 
_refine_ls_shell.number_reflns_all                ? 
_refine_ls_shell.R_factor_all                     ? 
_refine_ls_shell.redundancy_reflns_obs            ? 
_refine_ls_shell.number_reflns_obs                ? 
# 
_struct.entry_id                  4JV8 
_struct.title                     'The crystal structure of PDE6D in complex with rac-S1' 
_struct.pdbx_model_details        ? 
_struct.pdbx_CASP_flag            ? 
_struct.pdbx_model_type_details   ? 
# 
_struct_keywords.entry_id        4JV8 
_struct_keywords.pdbx_keywords   'Protein binding/inhibitor' 
_struct_keywords.text            
'Immunoglobulin-like beta-sandwich, GDI-like solubilizing factor, prenyl binding, Protein binding-inhibitor complex' 
# 
loop_
_struct_asym.id 
_struct_asym.pdbx_blank_PDB_chainid_flag 
_struct_asym.pdbx_modified 
_struct_asym.entity_id 
_struct_asym.details 
A N N 1 ? 
B N N 2 ? 
C N N 2 ? 
D N N 3 ? 
# 
_struct_biol.id        1 
_struct_biol.details   monomer 
# 
loop_
_struct_conf.conf_type_id 
_struct_conf.id 
_struct_conf.pdbx_PDB_helix_id 
_struct_conf.beg_label_comp_id 
_struct_conf.beg_label_asym_id 
_struct_conf.beg_label_seq_id 
_struct_conf.pdbx_beg_PDB_ins_code 
_struct_conf.end_label_comp_id 
_struct_conf.end_label_asym_id 
_struct_conf.end_label_seq_id 
_struct_conf.pdbx_end_PDB_ins_code 
_struct_conf.beg_auth_comp_id 
_struct_conf.beg_auth_asym_id 
_struct_conf.beg_auth_seq_id 
_struct_conf.end_auth_comp_id 
_struct_conf.end_auth_asym_id 
_struct_conf.end_auth_seq_id 
_struct_conf.pdbx_PDB_helix_class 
_struct_conf.details 
_struct_conf.pdbx_PDB_helix_length 
HELX_P HELX_P1 1 SER A 4   ? GLY A 16  ? SER B 2   GLY B 14  1 ? 13 
HELX_P HELX_P2 2 LYS A 54  ? CYS A 58  ? LYS B 52  CYS B 56  5 ? 5  
HELX_P HELX_P3 3 PRO A 121 ? THR A 126 ? PRO B 119 THR B 124 1 ? 6  
# 
_struct_conf_type.id          HELX_P 
_struct_conf_type.criteria    ? 
_struct_conf_type.reference   ? 
# 
loop_
_struct_sheet.id 
_struct_sheet.type 
_struct_sheet.number_strands 
_struct_sheet.details 
A ? 4 ? 
B ? 5 ? 
# 
loop_
_struct_sheet_order.sheet_id 
_struct_sheet_order.range_id_1 
_struct_sheet_order.range_id_2 
_struct_sheet_order.offset 
_struct_sheet_order.sense 
A 1 2 ? anti-parallel 
A 2 3 ? anti-parallel 
A 3 4 ? anti-parallel 
B 1 2 ? parallel      
B 2 3 ? anti-parallel 
B 3 4 ? anti-parallel 
B 4 5 ? anti-parallel 
# 
loop_
_struct_sheet_range.sheet_id 
_struct_sheet_range.id 
_struct_sheet_range.beg_label_comp_id 
_struct_sheet_range.beg_label_asym_id 
_struct_sheet_range.beg_label_seq_id 
_struct_sheet_range.pdbx_beg_PDB_ins_code 
_struct_sheet_range.end_label_comp_id 
_struct_sheet_range.end_label_asym_id 
_struct_sheet_range.end_label_seq_id 
_struct_sheet_range.pdbx_end_PDB_ins_code 
_struct_sheet_range.beg_auth_comp_id 
_struct_sheet_range.beg_auth_asym_id 
_struct_sheet_range.beg_auth_seq_id 
_struct_sheet_range.end_auth_comp_id 
_struct_sheet_range.end_auth_asym_id 
_struct_sheet_range.end_auth_seq_id 
A 1 ILE A 32  ? GLY A 36  ? ILE B 30  GLY B 34  
A 2 PHE A 17  ? ASP A 26  ? PHE B 15  ASP B 24  
A 3 ALA A 60  ? SER A 69  ? ALA B 58  SER B 67  
A 4 SER A 103 ? GLU A 112 ? SER B 101 GLU B 110 
B 1 GLU A 46  ? PRO A 52  ? GLU B 44  PRO B 50  
B 2 LEU A 140 ? VAL A 152 ? LEU B 138 VAL B 150 
B 3 VAL A 129 ? ASP A 137 ? VAL B 127 ASP B 135 
B 4 MET A 73  ? PHE A 84  ? MET B 71  PHE B 82  
B 5 GLN A 87  ? VAL A 99  ? GLN B 85  VAL B 97  
# 
loop_
_pdbx_struct_sheet_hbond.sheet_id 
_pdbx_struct_sheet_hbond.range_id_1 
_pdbx_struct_sheet_hbond.range_id_2 
_pdbx_struct_sheet_hbond.range_1_label_atom_id 
_pdbx_struct_sheet_hbond.range_1_label_comp_id 
_pdbx_struct_sheet_hbond.range_1_label_asym_id 
_pdbx_struct_sheet_hbond.range_1_label_seq_id 
_pdbx_struct_sheet_hbond.range_1_PDB_ins_code 
_pdbx_struct_sheet_hbond.range_1_auth_atom_id 
_pdbx_struct_sheet_hbond.range_1_auth_comp_id 
_pdbx_struct_sheet_hbond.range_1_auth_asym_id 
_pdbx_struct_sheet_hbond.range_1_auth_seq_id 
_pdbx_struct_sheet_hbond.range_2_label_atom_id 
_pdbx_struct_sheet_hbond.range_2_label_comp_id 
_pdbx_struct_sheet_hbond.range_2_label_asym_id 
_pdbx_struct_sheet_hbond.range_2_label_seq_id 
_pdbx_struct_sheet_hbond.range_2_PDB_ins_code 
_pdbx_struct_sheet_hbond.range_2_auth_atom_id 
_pdbx_struct_sheet_hbond.range_2_auth_comp_id 
_pdbx_struct_sheet_hbond.range_2_auth_asym_id 
_pdbx_struct_sheet_hbond.range_2_auth_seq_id 
A 1 2 O LEU A 33  ? O LEU B 31  N LEU A 24  ? N LEU B 22  
A 2 3 N TRP A 21  ? N TRP B 19  O ASN A 66  ? O ASN B 64  
A 3 4 N VAL A 61  ? N VAL B 59  O ILE A 111 ? O ILE B 109 
B 1 2 N HIS A 47  ? N HIS B 45  O ARG A 148 ? O ARG B 146 
B 2 3 O VAL A 142 ? O VAL B 140 N PHE A 135 ? N PHE B 133 
B 3 4 O ILE A 130 ? O ILE B 128 N TYR A 83  ? N TYR B 81  
B 4 5 N VAL A 82  ? N VAL B 80  O LEU A 89  ? O LEU B 87  
# 
loop_
_struct_site.id 
_struct_site.pdbx_evidence_code 
_struct_site.pdbx_auth_asym_id 
_struct_site.pdbx_auth_comp_id 
_struct_site.pdbx_auth_seq_id 
_struct_site.pdbx_auth_ins_code 
_struct_site.pdbx_num_residues 
_struct_site.details 
AC1 Software B 1M1 201 ? 11 'BINDING SITE FOR RESIDUE 1M1 B 201' 
AC2 Software B 1M1 202 ? 9  'BINDING SITE FOR RESIDUE 1M1 B 202' 
# 
loop_
_struct_site_gen.id 
_struct_site_gen.site_id 
_struct_site_gen.pdbx_num_res 
_struct_site_gen.label_comp_id 
_struct_site_gen.label_asym_id 
_struct_site_gen.label_seq_id 
_struct_site_gen.pdbx_auth_ins_code 
_struct_site_gen.auth_comp_id 
_struct_site_gen.auth_asym_id 
_struct_site_gen.auth_seq_id 
_struct_site_gen.label_atom_id 
_struct_site_gen.label_alt_id 
_struct_site_gen.symmetry 
_struct_site_gen.details 
1  AC1 11 MET A 22  ? MET B 20  . ? 1_555 ? 
2  AC1 11 TRP A 34  ? TRP B 32  . ? 1_555 ? 
3  AC1 11 LEU A 40  ? LEU B 38  . ? 1_555 ? 
4  AC1 11 ALA A 49  ? ALA B 47  . ? 1_555 ? 
5  AC1 11 ARG A 63  ? ARG B 61  . ? 1_555 ? 
6  AC1 11 GLN A 80  ? GLN B 78  . ? 1_555 ? 
7  AC1 11 TRP A 92  ? TRP B 90  . ? 1_555 ? 
8  AC1 11 VAL A 147 ? VAL B 145 . ? 1_555 ? 
9  AC1 11 LEU A 149 ? LEU B 147 . ? 1_555 ? 
10 AC1 11 1M1 C .   ? 1M1 B 202 . ? 1_555 ? 
11 AC1 11 HOH D .   ? HOH B 306 . ? 1_555 ? 
12 AC2 9  ILE A 55  ? ILE B 53  . ? 1_555 ? 
13 AC2 9  CYS A 58  ? CYS B 56  . ? 1_555 ? 
14 AC2 9  GLU A 90  ? GLU B 88  . ? 1_555 ? 
15 AC2 9  ILE A 111 ? ILE B 109 . ? 1_555 ? 
16 AC2 9  ALA A 113 ? ALA B 111 . ? 1_555 ? 
17 AC2 9  MET A 119 ? MET B 117 . ? 1_555 ? 
18 AC2 9  LEU A 149 ? LEU B 147 . ? 1_555 ? 
19 AC2 9  TYR A 151 ? TYR B 149 . ? 1_555 ? 
20 AC2 9  1M1 B .   ? 1M1 B 201 . ? 1_555 ? 
# 
_atom_sites.entry_id                    4JV8 
_atom_sites.fract_transf_matrix[1][1]   -0.00777691 
_atom_sites.fract_transf_matrix[1][2]   -0.01401111 
_atom_sites.fract_transf_matrix[1][3]   0.01299374 
_atom_sites.fract_transf_matrix[2][1]   0.00747943 
_atom_sites.fract_transf_matrix[2][2]   -0.01922710 
_atom_sites.fract_transf_matrix[2][3]   0.00012179 
_atom_sites.fract_transf_matrix[3][1]   0.00582528 
_atom_sites.fract_transf_matrix[3][2]   0.00230388 
_atom_sites.fract_transf_matrix[3][3]   0.00597076 
_atom_sites.fract_transf_vector[1]      0.408774 
_atom_sites.fract_transf_vector[2]      -0.157255 
_atom_sites.fract_transf_vector[3]      -0.090554 
# 
loop_
_atom_type.symbol 
C 
N 
O 
S 
# 
loop_
_atom_site.group_PDB 
_atom_site.id 
_atom_site.type_symbol 
_atom_site.label_atom_id 
_atom_site.label_alt_id 
_atom_site.label_comp_id 
_atom_site.label_asym_id 
_atom_site.label_entity_id 
_atom_site.label_seq_id 
_atom_site.pdbx_PDB_ins_code 
_atom_site.Cartn_x 
_atom_site.Cartn_y 
_atom_site.Cartn_z 
_atom_site.occupancy 
_atom_site.B_iso_or_equiv 
_atom_site.pdbx_formal_charge 
_atom_site.auth_seq_id 
_atom_site.auth_comp_id 
_atom_site.auth_asym_id 
_atom_site.auth_atom_id 
_atom_site.pdbx_PDB_model_num 
ATOM   1    N N   . SER A 1 4   ? -10.092 -9.117  23.112  1.00 33.55 ? 2   SER B N   1 
ATOM   2    C CA  . SER A 1 4   ? -8.873  -8.847  23.919  1.00 32.63 ? 2   SER B CA  1 
ATOM   3    C C   . SER A 1 4   ? -8.452  -7.381  23.921  1.00 28.93 ? 2   SER B C   1 
ATOM   4    O O   . SER A 1 4   ? -9.046  -6.579  23.103  1.00 27.06 ? 2   SER B O   1 
ATOM   5    C CB  . SER A 1 4   ? -7.705  -9.705  23.447  1.00 36.54 ? 2   SER B CB  1 
ATOM   6    O OG  . SER A 1 4   ? -7.234  -9.265  22.161  1.00 42.11 ? 2   SER B OG  1 
ATOM   7    N N   . ALA A 1 5   ? -7.476  -7.050  24.767  1.00 28.42 ? 3   ALA B N   1 
ATOM   8    C CA  . ALA A 1 5   ? -6.989  -5.691  24.938  1.00 25.44 ? 3   ALA B CA  1 
ATOM   9    C C   . ALA A 1 5   ? -6.350  -5.373  23.542  1.00 31.57 ? 3   ALA B C   1 
ATOM   10   O O   . ALA A 1 5   ? -6.446  -4.240  23.087  1.00 23.28 ? 3   ALA B O   1 
ATOM   11   C CB  . ALA A 1 5   ? -5.983  -5.595  26.047  1.00 26.63 ? 3   ALA B CB  1 
ATOM   12   N N   . LYS A 1 6   ? -5.730  -6.374  22.902  1.00 29.90 ? 4   LYS B N   1 
ATOM   13   C CA  . LYS A 1 6   ? -5.052  -6.121  21.601  1.00 29.22 ? 4   LYS B CA  1 
ATOM   14   C C   . LYS A 1 6   ? -6.086  -5.840  20.502  1.00 26.96 ? 4   LYS B C   1 
ATOM   15   O O   . LYS A 1 6   ? -5.833  -4.954  19.682  1.00 22.85 ? 4   LYS B O   1 
ATOM   16   C CB  . LYS A 1 6   ? -4.161  -7.338  21.211  1.00 33.51 ? 4   LYS B CB  1 
ATOM   17   C CG  . LYS A 1 6   ? -4.880  -8.365  20.264  1.00 40.66 ? 4   LYS B CG  1 
ATOM   18   C CD  . LYS A 1 6   ? -3.986  -9.020  19.186  1.00 53.86 ? 4   LYS B CD  1 
ATOM   19   C CE  . LYS A 1 6   ? -3.097  -10.146 19.753  1.00 56.26 ? 4   LYS B CE  1 
ATOM   20   N NZ  . LYS A 1 6   ? -3.566  -11.518 19.410  1.00 63.45 ? 4   LYS B NZ  1 
ATOM   21   N N   . ASP A 1 7   ? -7.181  -6.580  20.398  1.00 26.88 ? 5   ASP B N   1 
ATOM   22   C CA  . ASP A 1 7   ? -8.250  -6.378  19.455  1.00 23.95 ? 5   ASP B CA  1 
ATOM   23   C C   . ASP A 1 7   ? -8.810  -4.889  19.623  1.00 21.43 ? 5   ASP B C   1 
ATOM   24   O O   . ASP A 1 7   ? -9.139  -4.104  18.693  1.00 19.26 ? 5   ASP B O   1 
ATOM   25   C CB  . ASP A 1 7   ? -9.359  -7.392  19.668  1.00 37.85 ? 5   ASP B CB  1 
ATOM   26   C CG  . ASP A 1 7   ? -8.862  -8.829  19.527  1.00 56.74 ? 5   ASP B CG  1 
ATOM   27   O OD1 . ASP A 1 7   ? -8.079  -9.063  18.583  1.00 45.70 ? 5   ASP B OD1 1 
ATOM   28   O OD2 . ASP A 1 7   ? -9.199  -9.706  20.371  1.00 53.35 ? 5   ASP B OD2 1 
ATOM   29   N N   . GLU A 1 8   ? -8.973  -4.507  20.872  1.00 20.95 ? 6   GLU B N   1 
ATOM   30   C CA  . GLU A 1 8   ? -9.441  -3.220  21.159  1.00 17.72 ? 6   GLU B CA  1 
ATOM   31   C C   . GLU A 1 8   ? -8.410  -2.135  20.762  1.00 15.02 ? 6   GLU B C   1 
ATOM   32   O O   . GLU A 1 8   ? -8.796  -1.134  20.168  1.00 13.76 ? 6   GLU B O   1 
ATOM   33   C CB  . GLU A 1 8   ? -9.783  -3.161  22.671  1.00 19.07 ? 6   GLU B CB  1 
ATOM   34   C CG  . GLU A 1 8   ? -9.985  -1.876  23.193  1.00 20.73 ? 6   GLU B CG  1 
ATOM   35   C CD  . GLU A 1 8   ? -11.115 -1.144  22.658  1.00 36.64 ? 6   GLU B CD  1 
ATOM   36   O OE1 . GLU A 1 8   ? -12.164 -1.781  22.324  1.00 30.97 ? 6   GLU B OE1 1 
ATOM   37   O OE2 . GLU A 1 8   ? -10.920 0.105   22.690  1.00 30.98 ? 6   GLU B OE2 1 
ATOM   38   N N   . ARG A 1 9   ? -7.109  -2.285  21.010  1.00 15.33 ? 7   ARG B N   1 
ATOM   39   C CA  . ARG A 1 9   ? -6.120  -1.336  20.639  1.00 12.94 ? 7   ARG B CA  1 
ATOM   40   C C   . ARG A 1 9   ? -6.094  -1.315  19.083  1.00 12.95 ? 7   ARG B C   1 
ATOM   41   O O   . ARG A 1 9   ? -5.932  -0.209  18.577  1.00 13.03 ? 7   ARG B O   1 
ATOM   42   C CB  . ARG A 1 9   ? -4.721  -1.819  21.203  1.00 15.95 ? 7   ARG B CB  1 
ATOM   43   C CG  . ARG A 1 9   ? -3.677  -0.899  20.831  1.00 17.24 ? 7   ARG B CG  1 
ATOM   44   C CD  . ARG A 1 9   ? -3.972  0.473   21.241  1.00 22.54 ? 7   ARG B CD  1 
ATOM   45   N NE  . ARG A 1 9   ? -2.898  1.390   20.978  1.00 27.49 ? 7   ARG B NE  1 
ATOM   46   C CZ  . ARG A 1 9   ? -3.052  2.711   20.929  1.00 23.42 ? 7   ARG B CZ  1 
ATOM   47   N NH1 . ARG A 1 9   ? -4.260  3.213   21.109  1.00 19.16 ? 7   ARG B NH1 1 
ATOM   48   N NH2 . ARG A 1 9   ? -1.958  3.457   20.681  1.00 27.49 ? 7   ARG B NH2 1 
ATOM   49   N N   . ALA A 1 10  ? -6.133  -2.456  18.412  1.00 15.10 ? 8   ALA B N   1 
ATOM   50   C CA  . ALA A 1 10  ? -6.099  -2.395  16.914  1.00 14.21 ? 8   ALA B CA  1 
ATOM   51   C C   . ALA A 1 10  ? -7.263  -1.566  16.422  1.00 12.22 ? 8   ALA B C   1 
ATOM   52   O O   . ALA A 1 10  ? -7.077  -0.781  15.468  1.00 12.44 ? 8   ALA B O   1 
ATOM   53   C CB  . ALA A 1 10  ? -6.206  -3.810  16.337  1.00 16.67 ? 8   ALA B CB  1 
ATOM   54   N N   . ARG A 1 11  ? -8.461  -1.755  16.970  1.00 12.47 ? 9   ARG B N   1 
ATOM   55   C CA  . ARG A 1 11  ? -9.594  -0.963  16.519  1.00 13.53 ? 9   ARG B CA  1 
ATOM   56   C C   . ARG A 1 11  ? -9.408  0.504   16.825  1.00 11.67 ? 9   ARG B C   1 
ATOM   57   O O   . ARG A 1 11  ? -9.866  1.381   16.071  1.00 11.30 ? 9   ARG B O   1 
ATOM   58   C CB  . ARG A 1 11  ? -10.893 -1.433  17.126  1.00 14.55 ? 9   ARG B CB  1 
ATOM   59   C CG  . ARG A 1 11  ? -11.295 -2.859  16.540  1.00 17.17 ? 9   ARG B CG  1 
ATOM   60   C CD  . ARG A 1 11  ? -12.624 -3.265  17.133  1.00 23.26 ? 9   ARG B CD  1 
ATOM   61   N NE  . ARG A 1 11  ? -12.804 -4.662  16.784  1.00 30.36 ? 9   ARG B NE  1 
ATOM   62   C CZ  . ARG A 1 11  ? -13.913 -5.356  17.083  1.00 31.21 ? 9   ARG B CZ  1 
ATOM   63   N NH1 . ARG A 1 11  ? -14.906 -4.772  17.742  1.00 33.71 ? 9   ARG B NH1 1 
ATOM   64   N NH2 . ARG A 1 11  ? -14.031 -6.603  16.670  1.00 39.61 ? 9   ARG B NH2 1 
ATOM   65   N N   . GLU A 1 12  ? -8.781  0.875   18.001  1.00 12.04 ? 10  GLU B N   1 
ATOM   66   C CA  . GLU A 1 12  ? -8.560  2.283   18.261  1.00 11.62 ? 10  GLU B CA  1 
ATOM   67   C C   . GLU A 1 12  ? -7.602  2.899   17.254  1.00 10.70 ? 10  GLU B C   1 
ATOM   68   O O   . GLU A 1 12  ? -7.784  3.994   16.805  1.00 10.77 ? 10  GLU B O   1 
ATOM   69   C CB  . GLU A 1 12  ? -8.013  2.395   19.691  1.00 13.17 ? 10  GLU B CB  1 
ATOM   70   C CG  . GLU A 1 12  ? -8.113  3.862   20.130  1.00 20.73 ? 10  GLU B CG  1 
ATOM   71   C CD  . GLU A 1 12  ? -9.532  4.539   20.413  1.00 26.43 ? 10  GLU B CD  1 
ATOM   72   O OE1 . GLU A 1 12  ? -10.713 4.240   20.092  1.00 21.08 ? 10  GLU B OE1 1 
ATOM   73   O OE2 . GLU A 1 12  ? -9.490  5.577   21.072  0.50 17.59 ? 10  GLU B OE2 1 
ATOM   74   N N   . ILE A 1 13  ? -6.534  2.161   16.920  1.00 11.05 ? 11  ILE B N   1 
ATOM   75   C CA  . ILE A 1 13  ? -5.578  2.674   15.921  1.00 10.49 ? 11  ILE B CA  1 
ATOM   76   C C   . ILE A 1 13  ? -6.283  2.875   14.515  1.00 10.56 ? 11  ILE B C   1 
ATOM   77   O O   . ILE A 1 13  ? -6.125  3.932   13.935  1.00 10.75 ? 11  ILE B O   1 
ATOM   78   C CB  . ILE A 1 13  ? -4.310  1.781   15.785  1.00 11.33 ? 11  ILE B CB  1 
ATOM   79   C CG1 . ILE A 1 13  ? -3.566  1.725   17.147  1.00 13.61 ? 11  ILE B CG1 1 
ATOM   80   C CG2 . ILE A 1 13  ? -3.471  2.263   14.645  1.00 13.21 ? 11  ILE B CG2 1 
ATOM   81   C CD1 . ILE A 1 13  ? -2.514  0.590   17.176  1.00 12.82 ? 11  ILE B CD1 1 
ATOM   82   N N   . LEU A 1 14  ? -7.047  1.846   14.156  1.00 10.21 ? 12  LEU B N   1 
ATOM   83   C CA  . LEU A 1 14  ? -7.731  2.030   12.850  1.00 11.16 ? 12  LEU B CA  1 
ATOM   84   C C   . LEU A 1 14  ? -8.714  3.193   12.883  1.00 9.86  ? 12  LEU B C   1 
ATOM   85   O O   . LEU A 1 14  ? -8.702  4.006   11.937  1.00 11.62 ? 12  LEU B O   1 
ATOM   86   C CB  . LEU A 1 14  ? -8.499  0.744   12.512  1.00 11.52 ? 12  LEU B CB  1 
ATOM   87   C CG  . LEU A 1 14  ? -9.344  0.804   11.216  1.00 10.66 ? 12  LEU B CG  1 
ATOM   88   C CD1 . LEU A 1 14  ? -8.446  1.102   10.044  1.00 13.60 ? 12  LEU B CD1 1 
ATOM   89   C CD2 . LEU A 1 14  ? -10.029 -0.519  11.031  1.00 12.85 ? 12  LEU B CD2 1 
ATOM   90   N N   . ARG A 1 15  ? -9.459  3.370   13.954  1.00 10.22 ? 13  ARG B N   1 
ATOM   91   C CA  . ARG A 1 15  ? -10.357 4.475   14.043  1.00 9.73  ? 13  ARG B CA  1 
ATOM   92   C C   . ARG A 1 15  ? -9.662  5.804   13.910  1.00 10.96 ? 13  ARG B C   1 
ATOM   93   O O   . ARG A 1 15  ? -10.215 6.778   13.313  1.00 11.69 ? 13  ARG B O   1 
ATOM   94   C CB  . ARG A 1 15  ? -11.066 4.411   15.428  1.00 10.37 ? 13  ARG B CB  1 
ATOM   95   C CG  . ARG A 1 15  ? -11.938 5.678   15.641  1.00 11.52 ? 13  ARG B CG  1 
ATOM   96   C CD  . ARG A 1 15  ? -12.702 5.557   17.007  1.00 11.21 ? 13  ARG B CD  1 
ATOM   97   N NE  . ARG A 1 15  ? -13.414 6.798   17.255  1.00 12.27 ? 13  ARG B NE  1 
ATOM   98   C CZ  . ARG A 1 15  ? -14.547 7.134   16.633  1.00 11.67 ? 13  ARG B CZ  1 
ATOM   99   N NH1 . ARG A 1 15  ? -15.146 6.281   15.836  1.00 11.09 ? 13  ARG B NH1 1 
ATOM   100  N NH2 . ARG A 1 15  ? -15.007 8.369   16.738  1.00 12.40 ? 13  ARG B NH2 1 
ATOM   101  N N   . GLY A 1 16  ? -8.423  5.934   14.411  1.00 10.98 ? 14  GLY B N   1 
ATOM   102  C CA  . GLY A 1 16  ? -7.703  7.193   14.304  1.00 10.49 ? 14  GLY B CA  1 
ATOM   103  C C   . GLY A 1 16  ? -6.861  7.401   13.099  1.00 11.58 ? 14  GLY B C   1 
ATOM   104  O O   . GLY A 1 16  ? -6.136  8.391   13.006  1.00 12.38 ? 14  GLY B O   1 
ATOM   105  N N   . PHE A 1 17  ? -6.879  6.447   12.152  1.00 11.83 ? 15  PHE B N   1 
ATOM   106  C CA  . PHE A 1 17  ? -5.930  6.466   10.995  1.00 11.22 ? 15  PHE B CA  1 
ATOM   107  C C   . PHE A 1 17  ? -6.616  6.964   9.713   1.00 10.66 ? 15  PHE B C   1 
ATOM   108  O O   . PHE A 1 17  ? -7.780  6.601   9.494   1.00 14.12 ? 15  PHE B O   1 
ATOM   109  C CB  . PHE A 1 17  ? -5.466  5.015   10.758  1.00 12.53 ? 15  PHE B CB  1 
ATOM   110  C CG  . PHE A 1 17  ? -4.451  4.887   9.660   1.00 13.11 ? 15  PHE B CG  1 
ATOM   111  C CD1 . PHE A 1 17  ? -3.155  5.174   9.885   1.00 13.81 ? 15  PHE B CD1 1 
ATOM   112  C CD2 . PHE A 1 17  ? -4.901  4.438   8.381   1.00 16.98 ? 15  PHE B CD2 1 
ATOM   113  C CE1 . PHE A 1 17  ? -2.185  5.038   8.805   1.00 15.27 ? 15  PHE B CE1 1 
ATOM   114  C CE2 . PHE A 1 17  ? -3.943  4.320   7.318   1.00 19.45 ? 15  PHE B CE2 1 
ATOM   115  C CZ  . PHE A 1 17  ? -2.615  4.577   7.576   1.00 17.81 ? 15  PHE B CZ  1 
ATOM   116  N N   . LYS A 1 18  ? -5.894  7.675   8.889   1.00 12.24 ? 16  LYS B N   1 
ATOM   117  C CA  . LYS A 1 18  ? -6.404  8.007   7.517   1.00 12.50 ? 16  LYS B CA  1 
ATOM   118  C C   . LYS A 1 18  ? -5.198  8.076   6.634   1.00 14.57 ? 16  LYS B C   1 
ATOM   119  O O   . LYS A 1 18  ? -4.163  8.690   6.947   1.00 14.03 ? 16  LYS B O   1 
ATOM   120  C CB  . LYS A 1 18  ? -7.080  9.359   7.585   1.00 15.06 ? 16  LYS B CB  1 
ATOM   121  C CG  . LYS A 1 18  ? -7.781  9.687   6.218   1.00 21.55 ? 16  LYS B CG  1 
ATOM   122  C CD  . LYS A 1 18  ? -8.843  10.817  6.294   1.00 26.23 ? 16  LYS B CD  1 
ATOM   123  C CE  . LYS A 1 18  ? -9.853  10.643  5.065   1.00 24.20 ? 16  LYS B CE  1 
ATOM   124  N NZ  . LYS A 1 18  ? -10.377 12.041  4.840   1.00 35.01 ? 16  LYS B NZ  1 
ATOM   125  N N   . LEU A 1 19  ? -5.307  7.445   5.436   1.00 12.76 ? 17  LEU B N   1 
ATOM   126  C CA  . LEU A 1 19  ? -4.368  7.654   4.359   1.00 12.97 ? 17  LEU B CA  1 
ATOM   127  C C   . LEU A 1 19  ? -4.921  8.844   3.549   1.00 14.15 ? 17  LEU B C   1 
ATOM   128  O O   . LEU A 1 19  ? -6.002  8.731   2.927   1.00 16.65 ? 17  LEU B O   1 
ATOM   129  C CB  . LEU A 1 19  ? -4.236  6.341   3.552   1.00 15.95 ? 17  LEU B CB  1 
ATOM   130  C CG  . LEU A 1 19  ? -3.129  6.275   2.547   1.00 19.25 ? 17  LEU B CG  1 
ATOM   131  C CD1 . LEU A 1 19  ? -3.023  4.758   2.028   1.00 21.53 ? 17  LEU B CD1 1 
ATOM   132  C CD2 . LEU A 1 19  ? -3.402  7.105   1.377   1.00 26.24 ? 17  LEU B CD2 1 
ATOM   133  N N   . ASN A 1 20  ? -4.190  9.977   3.572   1.00 13.92 ? 18  ASN B N   1 
ATOM   134  C CA  . ASN A 1 20  ? -4.651  11.183  2.943   1.00 13.84 ? 18  ASN B CA  1 
ATOM   135  C C   . ASN A 1 20  ? -4.366  11.230  1.438   1.00 14.34 ? 18  ASN B C   1 
ATOM   136  O O   . ASN A 1 20  ? -5.308  11.680  0.702   1.00 17.00 ? 18  ASN B O   1 
ATOM   137  C CB  . ASN A 1 20  ? -3.961  12.420  3.554   1.00 17.20 ? 18  ASN B CB  1 
ATOM   138  C CG  . ASN A 1 20  ? -4.187  12.491  5.077   1.00 14.77 ? 18  ASN B CG  1 
ATOM   139  O OD1 . ASN A 1 20  ? -3.174  12.489  5.825   1.00 18.87 ? 18  ASN B OD1 1 
ATOM   140  N ND2 . ASN A 1 20  ? -5.390  12.493  5.493   1.00 14.69 ? 18  ASN B ND2 1 
ATOM   141  N N   . TRP A 1 21  ? -3.215  10.821  1.044   1.00 13.78 ? 19  TRP B N   1 
ATOM   142  C CA  . TRP A 1 21  ? -2.885  10.840  -0.428  1.00 14.94 ? 19  TRP B CA  1 
ATOM   143  C C   . TRP A 1 21  ? -1.714  9.980   -0.634  1.00 15.41 ? 19  TRP B C   1 
ATOM   144  O O   . TRP A 1 21  ? -0.960  9.559   0.286   1.00 14.82 ? 19  TRP B O   1 
ATOM   145  C CB  . TRP A 1 21  ? -2.639  12.281  -0.918  1.00 17.45 ? 19  TRP B CB  1 
ATOM   146  C CG  . TRP A 1 21  ? -1.532  13.102  -0.266  1.00 16.74 ? 19  TRP B CG  1 
ATOM   147  C CD1 . TRP A 1 21  ? -1.741  14.056  0.696   1.00 19.86 ? 19  TRP B CD1 1 
ATOM   148  C CD2 . TRP A 1 21  ? -0.131  13.018  -0.472  1.00 18.23 ? 19  TRP B CD2 1 
ATOM   149  N NE1 . TRP A 1 21  ? -0.502  14.572  1.080   1.00 18.82 ? 19  TRP B NE1 1 
ATOM   150  C CE2 . TRP A 1 21  ? 0.498   13.960  0.372   1.00 19.65 ? 19  TRP B CE2 1 
ATOM   151  C CE3 . TRP A 1 21  ? 0.678   12.227  -1.299  1.00 19.32 ? 19  TRP B CE3 1 
ATOM   152  C CZ2 . TRP A 1 21  ? 1.905   14.124  0.391   1.00 18.92 ? 19  TRP B CZ2 1 
ATOM   153  C CZ3 . TRP A 1 21  ? 2.103   12.391  -1.282  1.00 19.58 ? 19  TRP B CZ3 1 
ATOM   154  C CH2 . TRP A 1 21  ? 2.691   13.360  -0.393  1.00 20.46 ? 19  TRP B CH2 1 
ATOM   155  N N   . MET A 1 22  ? -1.494  9.581   -1.931  1.00 14.98 ? 20  MET B N   1 
ATOM   156  C CA  . MET A 1 22  ? -0.422  8.674   -2.260  1.00 15.24 ? 20  MET B CA  1 
ATOM   157  C C   . MET A 1 22  ? -0.027  8.979   -3.729  1.00 14.61 ? 20  MET B C   1 
ATOM   158  O O   . MET A 1 22  ? -0.933  9.303   -4.493  1.00 17.24 ? 20  MET B O   1 
ATOM   159  C CB  . MET A 1 22  ? -0.871  7.195   -2.054  1.00 17.91 ? 20  MET B CB  1 
ATOM   160  C CG  . MET A 1 22  ? 0.260   6.226   -2.381  1.00 19.34 ? 20  MET B CG  1 
ATOM   161  S SD  . MET A 1 22  ? -0.218  4.639   -1.725  1.00 28.64 ? 20  MET B SD  1 
ATOM   162  C CE  . MET A 1 22  ? -1.893  4.546   -2.364  1.00 23.25 ? 20  MET B CE  1 
ATOM   163  N N   . ASN A 1 23  ? 1.201   8.733   -4.023  1.00 14.23 ? 21  ASN B N   1 
ATOM   164  C CA  . ASN A 1 23  ? 1.611   8.693   -5.435  1.00 15.32 ? 21  ASN B CA  1 
ATOM   165  C C   . ASN A 1 23  ? 2.630   7.652   -5.659  1.00 16.93 ? 21  ASN B C   1 
ATOM   166  O O   . ASN A 1 23  ? 3.375   7.139   -4.748  1.00 16.61 ? 21  ASN B O   1 
ATOM   167  C CB  . ASN A 1 23  ? 2.016   10.097  -5.944  1.00 19.16 ? 21  ASN B CB  1 
ATOM   168  C CG  . ASN A 1 23  ? 3.146   10.675  -5.205  1.00 20.64 ? 21  ASN B CG  1 
ATOM   169  O OD1 . ASN A 1 23  ? 4.217   10.072  -5.027  1.00 22.60 ? 21  ASN B OD1 1 
ATOM   170  N ND2 . ASN A 1 23  ? 2.910   11.926  -4.793  1.00 25.91 ? 21  ASN B ND2 1 
ATOM   171  N N   . LEU A 1 24  ? 2.740   7.262   -6.976  1.00 14.65 ? 22  LEU B N   1 
ATOM   172  C CA  . LEU A 1 24  ? 3.741   6.351   -7.425  1.00 16.31 ? 22  LEU B CA  1 
ATOM   173  C C   . LEU A 1 24  ? 4.546   6.956   -8.618  1.00 14.07 ? 22  LEU B C   1 
ATOM   174  O O   . LEU A 1 24  ? 3.879   7.583   -9.447  1.00 16.98 ? 22  LEU B O   1 
ATOM   175  C CB  . LEU A 1 24  ? 3.109   5.021   -7.957  1.00 16.38 ? 22  LEU B CB  1 
ATOM   176  C CG  . LEU A 1 24  ? 2.253   4.276   -6.904  1.00 14.82 ? 22  LEU B CG  1 
ATOM   177  C CD1 . LEU A 1 24  ? 1.544   3.125   -7.721  1.00 18.90 ? 22  LEU B CD1 1 
ATOM   178  C CD2 . LEU A 1 24  ? 3.093   3.651   -5.816  1.00 18.72 ? 22  LEU B CD2 1 
ATOM   179  N N   . ARG A 1 25  ? 5.862   6.826   -8.522  1.00 16.46 ? 23  ARG B N   1 
ATOM   180  C CA  . ARG A 1 25  ? 6.765   7.423   -9.551  1.00 18.97 ? 23  ARG B CA  1 
ATOM   181  C C   . ARG A 1 25  ? 7.639   6.379   -10.059 1.00 19.14 ? 23  ARG B C   1 
ATOM   182  O O   . ARG A 1 25  ? 8.103   5.432   -9.439  1.00 18.66 ? 23  ARG B O   1 
ATOM   183  C CB  . ARG A 1 25  ? 7.644   8.511   -8.887  1.00 21.68 ? 23  ARG B CB  1 
ATOM   184  C CG  . ARG A 1 25  ? 6.973   9.706   -8.406  1.00 27.61 ? 23  ARG B CG  1 
ATOM   185  C CD  . ARG A 1 25  ? 8.028   10.461  -7.464  1.00 29.14 ? 23  ARG B CD  1 
ATOM   186  N NE  . ARG A 1 25  ? 7.288   11.333  -6.589  1.00 42.92 ? 23  ARG B NE  1 
ATOM   187  C CZ  . ARG A 1 25  ? 6.916   12.555  -6.932  1.00 50.01 ? 23  ARG B CZ  1 
ATOM   188  N NH1 . ARG A 1 25  ? 7.238   13.013  -8.129  1.00 61.00 ? 23  ARG B NH1 1 
ATOM   189  N NH2 . ARG A 1 25  ? 6.222   13.315  -6.097  1.00 56.10 ? 23  ARG B NH2 1 
ATOM   190  N N   . ASP A 1 26  ? 8.036   6.588   -11.341 1.00 19.16 ? 24  ASP B N   1 
ATOM   191  C CA  . ASP A 1 26  ? 9.128   5.853   -11.874 1.00 22.73 ? 24  ASP B CA  1 
ATOM   192  C C   . ASP A 1 26  ? 10.407  6.273   -11.132 1.00 24.48 ? 24  ASP B C   1 
ATOM   193  O O   . ASP A 1 26  ? 10.692  7.497   -11.075 1.00 23.87 ? 24  ASP B O   1 
ATOM   194  C CB  . ASP A 1 26  ? 9.207   6.240   -13.392 1.00 22.14 ? 24  ASP B CB  1 
ATOM   195  C CG  . ASP A 1 26  ? 10.331  5.503   -14.122 1.00 27.89 ? 24  ASP B CG  1 
ATOM   196  O OD1 . ASP A 1 26  ? 11.356  5.137   -13.566 1.00 25.99 ? 24  ASP B OD1 1 
ATOM   197  O OD2 . ASP A 1 26  ? 10.179  5.378   -15.341 1.00 31.05 ? 24  ASP B OD2 1 
ATOM   198  N N   . ALA A 1 27  ? 11.070  5.346   -10.459 1.00 20.74 ? 25  ALA B N   1 
ATOM   199  C CA  . ALA A 1 27  ? 12.174  5.724   -9.557  1.00 24.29 ? 25  ALA B CA  1 
ATOM   200  C C   . ALA A 1 27  ? 13.368  6.240   -10.376 1.00 30.84 ? 25  ALA B C   1 
ATOM   201  O O   . ALA A 1 27  ? 14.185  7.015   -9.826  1.00 33.90 ? 25  ALA B O   1 
ATOM   202  C CB  . ALA A 1 27  ? 12.592  4.620   -8.652  1.00 24.51 ? 25  ALA B CB  1 
ATOM   203  N N   . GLU A 1 28  ? 13.425  5.852   -11.668 1.00 30.63 ? 26  GLU B N   1 
ATOM   204  C CA  . GLU A 1 28  ? 14.621  6.189   -12.492 1.00 35.86 ? 26  GLU B CA  1 
ATOM   205  C C   . GLU A 1 28  ? 14.459  7.606   -12.943 1.00 33.60 ? 26  GLU B C   1 
ATOM   206  O O   . GLU A 1 28  ? 15.393  8.454   -12.795 1.00 35.17 ? 26  GLU B O   1 
ATOM   207  C CB  . GLU A 1 28  ? 14.782  5.212   -13.682 1.00 31.02 ? 26  GLU B CB  1 
ATOM   208  N N   . THR A 1 29  ? 13.296  7.924   -13.469 1.00 29.32 ? 27  THR B N   1 
ATOM   209  C CA  . THR A 1 29  ? 13.069  9.243   -14.002 1.00 31.49 ? 27  THR B CA  1 
ATOM   210  C C   . THR A 1 29  ? 12.505  10.212  -13.019 1.00 31.24 ? 27  THR B C   1 
ATOM   211  O O   . THR A 1 29  ? 12.516  11.412  -13.297 1.00 29.18 ? 27  THR B O   1 
ATOM   212  C CB  . THR A 1 29  ? 12.131  9.261   -15.211 1.00 32.21 ? 27  THR B CB  1 
ATOM   213  O OG1 . THR A 1 29  ? 10.826  8.735   -14.853 1.00 28.20 ? 27  THR B OG1 1 
ATOM   214  C CG2 . THR A 1 29  ? 12.718  8.435   -16.352 1.00 34.04 ? 27  THR B CG2 1 
ATOM   215  N N   . GLY A 1 30  ? 11.935  9.733   -11.903 1.00 24.07 ? 28  GLY B N   1 
ATOM   216  C CA  . GLY A 1 30  ? 11.169  10.607  -11.073 1.00 24.78 ? 28  GLY B CA  1 
ATOM   217  C C   . GLY A 1 30  ? 9.751   10.981  -11.476 1.00 22.10 ? 28  GLY B C   1 
ATOM   218  O O   . GLY A 1 30  ? 9.096   11.709  -10.768 1.00 23.92 ? 28  GLY B O   1 
ATOM   219  N N   . LYS A 1 31  ? 9.271   10.576  -12.687 1.00 23.30 ? 29  LYS B N   1 
ATOM   220  C CA  . LYS A 1 31  ? 8.012   11.111  -13.130 1.00 23.82 ? 29  LYS B CA  1 
ATOM   221  C C   . LYS A 1 31  ? 6.799   10.382  -12.387 1.00 18.85 ? 29  LYS B C   1 
ATOM   222  O O   . LYS A 1 31  ? 6.892   9.158   -12.190 1.00 22.37 ? 29  LYS B O   1 
ATOM   223  C CB  . LYS A 1 31  ? 7.876   10.953  -14.601 1.00 28.58 ? 29  LYS B CB  1 
ATOM   224  C CG  . LYS A 1 31  ? 8.578   12.115  -15.317 1.00 35.45 ? 29  LYS B CG  1 
ATOM   225  C CD  . LYS A 1 31  ? 8.371   11.926  -16.804 1.00 35.79 ? 29  LYS B CD  1 
ATOM   226  C CE  . LYS A 1 31  ? 9.360   12.848  -17.556 1.00 37.29 ? 29  LYS B CE  1 
ATOM   227  N NZ  . LYS A 1 31  ? 8.882   12.932  -19.010 1.00 39.87 ? 29  LYS B NZ  1 
ATOM   228  N N   . ILE A 1 32  ? 5.835   11.150  -12.041 1.00 22.05 ? 30  ILE B N   1 
ATOM   229  C CA  . ILE A 1 32  ? 4.623   10.631  -11.371 1.00 22.73 ? 30  ILE B CA  1 
ATOM   230  C C   . ILE A 1 32  ? 3.832   9.815   -12.380 1.00 22.27 ? 30  ILE B C   1 
ATOM   231  O O   . ILE A 1 32  ? 3.497   10.319  -13.463 1.00 23.30 ? 30  ILE B O   1 
ATOM   232  C CB  . ILE A 1 32  ? 3.809   11.759  -10.773 1.00 25.54 ? 30  ILE B CB  1 
ATOM   233  C CG1 . ILE A 1 32  ? 4.679   12.402  -9.638  1.00 35.95 ? 30  ILE B CG1 1 
ATOM   234  C CG2 . ILE A 1 32  ? 2.525   11.182  -10.184 1.00 25.90 ? 30  ILE B CG2 1 
ATOM   235  C CD1 . ILE A 1 32  ? 4.067   13.570  -8.896  1.00 41.15 ? 30  ILE B CD1 1 
ATOM   236  N N   . LEU A 1 33  ? 3.535   8.550   -12.031 1.00 18.16 ? 31  LEU B N   1 
ATOM   237  C CA  . LEU A 1 33  ? 2.762   7.654   -12.839 1.00 16.54 ? 31  LEU B CA  1 
ATOM   238  C C   . LEU A 1 33  ? 1.344   7.496   -12.327 1.00 20.19 ? 31  LEU B C   1 
ATOM   239  O O   . LEU A 1 33  ? 0.444   7.197   -13.087 1.00 20.97 ? 31  LEU B O   1 
ATOM   240  C CB  . LEU A 1 33  ? 3.454   6.292   -12.929 1.00 18.80 ? 31  LEU B CB  1 
ATOM   241  C CG  . LEU A 1 33  ? 4.823   6.331   -13.658 1.00 21.10 ? 31  LEU B CG  1 
ATOM   242  C CD1 . LEU A 1 33  ? 5.450   4.944   -13.637 1.00 25.36 ? 31  LEU B CD1 1 
ATOM   243  C CD2 . LEU A 1 33  ? 4.631   6.760   -15.062 1.00 25.17 ? 31  LEU B CD2 1 
ATOM   244  N N   . TRP A 1 34  ? 1.065   7.741   -11.044 1.00 18.47 ? 32  TRP B N   1 
ATOM   245  C CA  . TRP A 1 34  ? -0.240  7.590   -10.499 1.00 17.15 ? 32  TRP B CA  1 
ATOM   246  C C   . TRP A 1 34  ? -0.311  8.478   -9.242  1.00 13.55 ? 32  TRP B C   1 
ATOM   247  O O   . TRP A 1 34  ? 0.689   8.485   -8.499  1.00 15.98 ? 32  TRP B O   1 
ATOM   248  C CB  . TRP A 1 34  ? -0.508  6.096   -10.096 1.00 18.38 ? 32  TRP B CB  1 
ATOM   249  C CG  . TRP A 1 34  ? -1.892  5.871   -9.565  1.00 16.60 ? 32  TRP B CG  1 
ATOM   250  C CD1 . TRP A 1 34  ? -3.003  5.583   -10.298 1.00 17.16 ? 32  TRP B CD1 1 
ATOM   251  C CD2 . TRP A 1 34  ? -2.349  6.037   -8.223  1.00 16.68 ? 32  TRP B CD2 1 
ATOM   252  N NE1 . TRP A 1 34  ? -4.123  5.522   -9.503  1.00 17.68 ? 32  TRP B NE1 1 
ATOM   253  C CE2 . TRP A 1 34  ? -3.751  5.797   -8.203  1.00 17.24 ? 32  TRP B CE2 1 
ATOM   254  C CE3 . TRP A 1 34  ? -1.694  6.332   -7.009  1.00 18.19 ? 32  TRP B CE3 1 
ATOM   255  C CZ2 . TRP A 1 34  ? -4.518  5.882   -6.970  1.00 21.34 ? 32  TRP B CZ2 1 
ATOM   256  C CZ3 . TRP A 1 34  ? -2.490  6.433   -5.803  1.00 19.74 ? 32  TRP B CZ3 1 
ATOM   257  C CH2 . TRP A 1 34  ? -3.850  6.235   -5.813  1.00 21.85 ? 32  TRP B CH2 1 
ATOM   258  N N   . GLN A 1 35  ? -1.451  9.053   -9.061  1.00 15.16 ? 33  GLN B N   1 
ATOM   259  C CA  . GLN A 1 35  ? -1.703  9.781   -7.777  1.00 17.04 ? 33  GLN B CA  1 
ATOM   260  C C   . GLN A 1 35  ? -3.113  9.745   -7.438  1.00 19.56 ? 33  GLN B C   1 
ATOM   261  O O   . GLN A 1 35  ? -4.029  9.648   -8.257  1.00 19.90 ? 33  GLN B O   1 
ATOM   262  C CB  . GLN A 1 35  ? -1.109  11.203  -7.903  1.00 21.20 ? 33  GLN B CB  1 
ATOM   263  C CG  . GLN A 1 35  ? -1.769  12.088  -8.916  1.00 27.31 ? 33  GLN B CG  1 
ATOM   264  C CD  . GLN A 1 35  ? -0.902  13.372  -9.108  1.00 36.42 ? 33  GLN B CD  1 
ATOM   265  O OE1 . GLN A 1 35  ? -0.248  13.888  -8.160  1.00 41.49 ? 33  GLN B OE1 1 
ATOM   266  N NE2 . GLN A 1 35  ? -0.856  13.838  -10.327 1.00 36.41 ? 33  GLN B NE2 1 
ATOM   267  N N   . GLY A 1 36  ? -3.399  9.780   -6.124  1.00 17.48 ? 34  GLY B N   1 
ATOM   268  C CA  . GLY A 1 36  ? -4.751  9.837   -5.680  1.00 18.95 ? 34  GLY B CA  1 
ATOM   269  C C   . GLY A 1 36  ? -4.892  10.408  -4.276  1.00 16.31 ? 34  GLY B C   1 
ATOM   270  O O   . GLY A 1 36  ? -3.920  10.437  -3.522  1.00 16.97 ? 34  GLY B O   1 
ATOM   271  N N   . THR A 1 37  ? -6.093  10.783  -3.918  1.00 17.44 ? 35  THR B N   1 
ATOM   272  C CA  . THR A 1 37  ? -6.385  11.376  -2.576  1.00 19.37 ? 35  THR B CA  1 
ATOM   273  C C   . THR A 1 37  ? -7.477  10.625  -1.840  1.00 24.06 ? 35  THR B C   1 
ATOM   274  O O   . THR A 1 37  ? -8.088  11.192  -0.882  1.00 24.23 ? 35  THR B O   1 
ATOM   275  C CB  . THR A 1 37  ? -6.764  12.872  -2.706  1.00 20.86 ? 35  THR B CB  1 
ATOM   276  O OG1 . THR A 1 37  ? -7.986  12.964  -3.432  1.00 25.32 ? 35  THR B OG1 1 
ATOM   277  C CG2 . THR A 1 37  ? -5.699  13.612  -3.399  1.00 24.09 ? 35  THR B CG2 1 
ATOM   278  N N   . GLU A 1 38  ? -7.778  9.426   -2.294  1.00 19.42 ? 36  GLU B N   1 
ATOM   279  C CA  . GLU A 1 38  ? -8.767  8.591   -1.596  1.00 22.35 ? 36  GLU B CA  1 
ATOM   280  C C   . GLU A 1 38  ? -8.071  7.487   -0.805  1.00 19.09 ? 36  GLU B C   1 
ATOM   281  O O   . GLU A 1 38  ? -6.952  7.035   -1.128  1.00 20.04 ? 36  GLU B O   1 
ATOM   282  C CB  . GLU A 1 38  ? -9.693  7.962   -2.641  1.00 25.47 ? 36  GLU B CB  1 
ATOM   283  C CG  . GLU A 1 38  ? -10.840 6.978   -2.148  1.00 38.80 ? 36  GLU B CG  1 
ATOM   284  C CD  . GLU A 1 38  ? -12.209 7.080   -2.947  1.00 52.43 ? 36  GLU B CD  1 
ATOM   285  O OE1 . GLU A 1 38  ? -12.715 8.218   -3.136  1.00 55.10 ? 36  GLU B OE1 1 
ATOM   286  O OE2 . GLU A 1 38  ? -12.827 6.023   -3.320  1.00 39.01 ? 36  GLU B OE2 1 
ATOM   287  N N   . ASP A 1 39  ? -8.684  7.150   0.328   1.00 16.30 ? 37  ASP B N   1 
ATOM   288  C CA  . ASP A 1 39  ? -7.953  6.261   1.237   1.00 14.08 ? 37  ASP B CA  1 
ATOM   289  C C   . ASP A 1 39  ? -8.256  4.865   0.765   1.00 14.34 ? 37  ASP B C   1 
ATOM   290  O O   . ASP A 1 39  ? -9.267  4.214   1.075   1.00 13.85 ? 37  ASP B O   1 
ATOM   291  C CB  . ASP A 1 39  ? -8.442  6.508   2.665   1.00 13.79 ? 37  ASP B CB  1 
ATOM   292  C CG  . ASP A 1 39  ? -7.639  5.627   3.653   1.00 14.25 ? 37  ASP B CG  1 
ATOM   293  O OD1 . ASP A 1 39  ? -7.042  4.652   3.209   1.00 16.25 ? 37  ASP B OD1 1 
ATOM   294  O OD2 . ASP A 1 39  ? -7.768  5.857   4.909   1.00 18.43 ? 37  ASP B OD2 1 
ATOM   295  N N   . LEU A 1 40  ? -7.258  4.330   -0.016  1.00 15.66 ? 38  LEU B N   1 
ATOM   296  C CA  . LEU A 1 40  ? -7.355  2.978   -0.547  1.00 16.06 ? 38  LEU B CA  1 
ATOM   297  C C   . LEU A 1 40  ? -7.073  1.946   0.440   1.00 14.39 ? 38  LEU B C   1 
ATOM   298  O O   . LEU A 1 40  ? -7.246  0.752   0.045   1.00 18.17 ? 38  LEU B O   1 
ATOM   299  C CB  . LEU A 1 40  ? -6.269  2.817   -1.679  1.00 20.50 ? 38  LEU B CB  1 
ATOM   300  C CG  . LEU A 1 40  ? -6.505  3.808   -2.761  1.00 22.74 ? 38  LEU B CG  1 
ATOM   301  C CD1 . LEU A 1 40  ? -5.485  3.518   -3.885  1.00 25.25 ? 38  LEU B CD1 1 
ATOM   302  C CD2 . LEU A 1 40  ? -7.778  3.724   -3.317  1.00 24.09 ? 38  LEU B CD2 1 
ATOM   303  N N   . SER A 1 41  ? -6.768  2.307   1.688   1.00 14.53 ? 39  SER B N   1 
ATOM   304  C CA  . SER A 1 41  ? -6.600  1.260   2.699   1.00 16.83 ? 39  SER B CA  1 
ATOM   305  C C   . SER A 1 41  ? -7.813  1.047   3.592   1.00 16.18 ? 39  SER B C   1 
ATOM   306  O O   . SER A 1 41  ? -7.737  0.248   4.534   1.00 15.25 ? 39  SER B O   1 
ATOM   307  C CB  . SER A 1 41  ? -5.478  1.617   3.594   1.00 17.77 ? 39  SER B CB  1 
ATOM   308  O OG  . SER A 1 41  ? -5.731  2.602   4.496   1.00 18.68 ? 39  SER B OG  1 
ATOM   309  N N   . VAL A 1 42  ? -8.936  1.729   3.294   1.00 14.23 ? 40  VAL B N   1 
ATOM   310  C CA  . VAL A 1 42  ? -10.166 1.423   4.099   1.00 12.76 ? 40  VAL B CA  1 
ATOM   311  C C   . VAL A 1 42  ? -10.558 -0.060  3.965   1.00 13.67 ? 40  VAL B C   1 
ATOM   312  O O   . VAL A 1 42  ? -10.704 -0.540  2.819   1.00 13.79 ? 40  VAL B O   1 
ATOM   313  C CB  . VAL A 1 42  ? -11.265 2.320   3.643   1.00 13.07 ? 40  VAL B CB  1 
ATOM   314  C CG1 . VAL A 1 42  ? -12.573 1.898   4.302   1.00 14.10 ? 40  VAL B CG1 1 
ATOM   315  C CG2 . VAL A 1 42  ? -10.952 3.781   4.047   1.00 14.32 ? 40  VAL B CG2 1 
ATOM   316  N N   . PRO A 1 43  ? -10.701 -0.836  5.006   1.00 12.08 ? 41  PRO B N   1 
ATOM   317  C CA  . PRO A 1 43  ? -11.027 -2.231  4.889   1.00 13.88 ? 41  PRO B CA  1 
ATOM   318  C C   . PRO A 1 43  ? -12.476 -2.446  4.472   1.00 15.09 ? 41  PRO B C   1 
ATOM   319  O O   . PRO A 1 43  ? -13.362 -1.602  4.642   1.00 17.36 ? 41  PRO B O   1 
ATOM   320  C CB  . PRO A 1 43  ? -10.865 -2.794  6.323   1.00 15.41 ? 41  PRO B CB  1 
ATOM   321  C CG  . PRO A 1 43  ? -10.182 -1.757  7.020   1.00 19.26 ? 41  PRO B CG  1 
ATOM   322  C CD  . PRO A 1 43  ? -10.349 -0.406  6.392   1.00 11.94 ? 41  PRO B CD  1 
ATOM   323  N N   . GLY A 1 44  ? -12.687 -3.663  3.932   1.00 16.15 ? 42  GLY B N   1 
ATOM   324  C CA  . GLY A 1 44  ? -14.010 -4.281  3.756   1.00 19.33 ? 42  GLY B CA  1 
ATOM   325  C C   . GLY A 1 44  ? -14.667 -3.975  2.449   1.00 23.12 ? 42  GLY B C   1 
ATOM   326  O O   . GLY A 1 44  ? -15.835 -4.426  2.246   1.00 30.14 ? 42  GLY B O   1 
ATOM   327  N N   . VAL A 1 45  ? -14.098 -3.118  1.632   1.00 18.03 ? 43  VAL B N   1 
ATOM   328  C CA  . VAL A 1 45  ? -14.620 -2.926  0.257   1.00 19.49 ? 43  VAL B CA  1 
ATOM   329  C C   . VAL A 1 45  ? -13.472 -3.119  -0.686  1.00 18.35 ? 43  VAL B C   1 
ATOM   330  O O   . VAL A 1 45  ? -12.355 -2.822  -0.388  1.00 21.62 ? 43  VAL B O   1 
ATOM   331  C CB  . VAL A 1 45  ? -15.226 -1.571  0.066   1.00 26.40 ? 43  VAL B CB  1 
ATOM   332  C CG1 . VAL A 1 45  ? -15.871 -1.453  -1.340  1.00 39.60 ? 43  VAL B CG1 1 
ATOM   333  C CG2 . VAL A 1 45  ? -16.372 -1.428  1.069   1.00 29.10 ? 43  VAL B CG2 1 
ATOM   334  N N   . GLU A 1 46  ? -13.734 -3.670  -1.879  1.00 18.35 ? 44  GLU B N   1 
ATOM   335  C CA  . GLU A 1 46  ? -12.651 -3.791  -2.872  1.00 18.02 ? 44  GLU B CA  1 
ATOM   336  C C   . GLU A 1 46  ? -12.453 -2.478  -3.593  1.00 18.89 ? 44  GLU B C   1 
ATOM   337  O O   . GLU A 1 46  ? -13.342 -2.016  -4.330  1.00 24.19 ? 44  GLU B O   1 
ATOM   338  C CB  . GLU A 1 46  ? -12.947 -4.880  -3.874  1.00 18.62 ? 44  GLU B CB  1 
ATOM   339  C CG  . GLU A 1 46  ? -11.751 -5.128  -4.874  1.00 20.36 ? 44  GLU B CG  1 
ATOM   340  C CD  . GLU A 1 46  ? -12.193 -6.159  -5.914  1.00 27.83 ? 44  GLU B CD  1 
ATOM   341  O OE1 . GLU A 1 46  ? -12.113 -7.350  -5.554  1.00 27.38 ? 44  GLU B OE1 1 
ATOM   342  O OE2 . GLU A 1 46  ? -12.686 -5.734  -7.005  1.00 27.45 ? 44  GLU B OE2 1 
ATOM   343  N N   . HIS A 1 47  ? -11.347 -1.837  -3.415  1.00 14.35 ? 45  HIS B N   1 
ATOM   344  C CA  . HIS A 1 47  ? -11.023 -0.681  -4.126  1.00 12.35 ? 45  HIS B CA  1 
ATOM   345  C C   . HIS A 1 47  ? -10.511 -1.007  -5.535  1.00 11.82 ? 45  HIS B C   1 
ATOM   346  O O   . HIS A 1 47  ? -10.106 -2.166  -5.778  1.00 12.90 ? 45  HIS B O   1 
ATOM   347  C CB  . HIS A 1 47  ? -9.892  0.064   -3.380  1.00 13.03 ? 45  HIS B CB  1 
ATOM   348  C CG  . HIS A 1 47  ? -10.292 0.460   -1.968  1.00 12.72 ? 45  HIS B CG  1 
ATOM   349  N ND1 . HIS A 1 47  ? -10.020 -0.226  -0.793  1.00 15.38 ? 45  HIS B ND1 1 
ATOM   350  C CD2 . HIS A 1 47  ? -10.988 1.589   -1.609  1.00 12.62 ? 45  HIS B CD2 1 
ATOM   351  C CE1 . HIS A 1 47  ? -10.537 0.488   0.246   1.00 10.88 ? 45  HIS B CE1 1 
ATOM   352  N NE2 . HIS A 1 47  ? -11.124 1.574   -0.247  1.00 19.26 ? 45  HIS B NE2 1 
ATOM   353  N N   . GLU A 1 48  ? -10.463 0.016   -6.383  1.00 13.19 ? 46  GLU B N   1 
ATOM   354  C CA  . GLU A 1 48  ? -9.939  -0.184  -7.758  1.00 14.57 ? 46  GLU B CA  1 
ATOM   355  C C   . GLU A 1 48  ? -8.987  0.917   -8.118  1.00 14.89 ? 46  GLU B C   1 
ATOM   356  O O   . GLU A 1 48  ? -9.149  2.069   -7.615  1.00 17.71 ? 46  GLU B O   1 
ATOM   357  C CB  . GLU A 1 48  ? -11.082 -0.044  -8.779  1.00 17.92 ? 46  GLU B CB  1 
ATOM   358  C CG  . GLU A 1 48  ? -12.152 -1.065  -8.631  1.00 23.97 ? 46  GLU B CG  1 
ATOM   359  C CD  . GLU A 1 48  ? -13.256 -0.921  -9.725  1.00 26.84 ? 46  GLU B CD  1 
ATOM   360  O OE1 . GLU A 1 48  ? -13.494 0.232   -10.196 1.00 43.99 ? 46  GLU B OE1 1 
ATOM   361  O OE2 . GLU A 1 48  ? -13.820 -1.992  -10.061 1.00 45.39 ? 46  GLU B OE2 1 
ATOM   362  N N   . ALA A 1 49  ? -7.950  0.663   -8.899  1.00 13.14 ? 47  ALA B N   1 
ATOM   363  C CA  . ALA A 1 49  ? -7.106  1.712   -9.392  1.00 13.55 ? 47  ALA B CA  1 
ATOM   364  C C   . ALA A 1 49  ? -6.670  1.429   -10.798 1.00 13.46 ? 47  ALA B C   1 
ATOM   365  O O   . ALA A 1 49  ? -6.510  0.200   -11.105 1.00 13.38 ? 47  ALA B O   1 
ATOM   366  C CB  . ALA A 1 49  ? -5.867  1.905   -8.499  1.00 16.47 ? 47  ALA B CB  1 
ATOM   367  N N   . ARG A 1 50  ? -6.529  2.445   -11.621 1.00 14.25 ? 48  ARG B N   1 
ATOM   368  C CA  . ARG A 1 50  ? -6.047  2.318   -12.996 1.00 13.58 ? 48  ARG B CA  1 
ATOM   369  C C   . ARG A 1 50  ? -4.693  2.893   -13.068 1.00 13.59 ? 48  ARG B C   1 
ATOM   370  O O   . ARG A 1 50  ? -4.518  4.092   -12.627 1.00 18.80 ? 48  ARG B O   1 
ATOM   371  C CB  . ARG A 1 50  ? -6.987  3.164   -13.936 1.00 18.73 ? 48  ARG B CB  1 
ATOM   372  C CG  . ARG A 1 50  ? -8.403  2.695   -13.942 1.00 23.95 ? 48  ARG B CG  1 
ATOM   373  C CD  . ARG A 1 50  ? -9.471  3.844   -14.526 1.00 28.81 ? 48  ARG B CD  1 
ATOM   374  N NE  . ARG A 1 50  ? -9.051  4.871   -15.496 1.00 58.01 ? 48  ARG B NE  1 
ATOM   375  C CZ  . ARG A 1 50  ? -8.598  4.635   -16.732 1.00 70.08 ? 48  ARG B CZ  1 
ATOM   376  N NH1 . ARG A 1 50  ? -8.431  3.385   -17.129 1.00 89.09 ? 48  ARG B NH1 1 
ATOM   377  N NH2 . ARG A 1 50  ? -8.276  5.634   -17.570 1.00 46.71 ? 48  ARG B NH2 1 
ATOM   378  N N   . VAL A 1 51  ? -3.708  2.181   -13.463 1.00 14.02 ? 49  VAL B N   1 
ATOM   379  C CA  . VAL A 1 51  ? -2.329  2.628   -13.517 1.00 15.46 ? 49  VAL B CA  1 
ATOM   380  C C   . VAL A 1 51  ? -1.828  2.546   -14.954 1.00 17.45 ? 49  VAL B C   1 
ATOM   381  O O   . VAL A 1 51  ? -2.278  1.671   -15.724 1.00 16.17 ? 49  VAL B O   1 
ATOM   382  C CB  . VAL A 1 51  ? -1.334  1.882   -12.604 1.00 16.23 ? 49  VAL B CB  1 
ATOM   383  C CG1 . VAL A 1 51  ? -1.686  2.138   -11.171 1.00 18.35 ? 49  VAL B CG1 1 
ATOM   384  C CG2 . VAL A 1 51  ? -1.265  0.423   -12.935 1.00 17.65 ? 49  VAL B CG2 1 
ATOM   385  N N   . PRO A 1 52  ? -0.926  3.395   -15.395 1.00 15.73 ? 50  PRO B N   1 
ATOM   386  C CA  . PRO A 1 52  ? -0.405  3.244   -16.734 1.00 16.79 ? 50  PRO B CA  1 
ATOM   387  C C   . PRO A 1 52  ? 0.350   1.981   -16.885 1.00 16.35 ? 50  PRO B C   1 
ATOM   388  O O   . PRO A 1 52  ? 1.180   1.558   -16.064 1.00 16.87 ? 50  PRO B O   1 
ATOM   389  C CB  . PRO A 1 52  ? 0.603   4.430   -16.903 1.00 18.92 ? 50  PRO B CB  1 
ATOM   390  C CG  . PRO A 1 52  ? 0.467   5.274   -15.740 1.00 24.53 ? 50  PRO B CG  1 
ATOM   391  C CD  . PRO A 1 52  ? -0.333  4.507   -14.611 1.00 18.57 ? 50  PRO B CD  1 
ATOM   392  N N   . LYS A 1 53  ? 0.069   1.294   -18.021 1.00 16.01 ? 51  LYS B N   1 
ATOM   393  C CA  . LYS A 1 53  ? 0.715   0.011   -18.211 1.00 17.85 ? 51  LYS B CA  1 
ATOM   394  C C   . LYS A 1 53  ? 2.244   -0.027  -18.183 1.00 16.45 ? 51  LYS B C   1 
ATOM   395  O O   . LYS A 1 53  ? 2.927   -0.978  -17.848 1.00 18.63 ? 51  LYS B O   1 
ATOM   396  C CB  . LYS A 1 53  ? 0.138   -0.745  -19.409 1.00 21.40 ? 51  LYS B CB  1 
ATOM   397  C CG  . LYS A 1 53  ? 0.552   -0.075  -20.744 1.00 22.12 ? 51  LYS B CG  1 
ATOM   398  C CD  . LYS A 1 53  ? 0.004   -0.961  -21.847 1.00 26.05 ? 51  LYS B CD  1 
ATOM   399  C CE  . LYS A 1 53  ? -1.445  -0.754  -21.897 1.00 33.31 ? 51  LYS B CE  1 
ATOM   400  N NZ  . LYS A 1 53  ? -1.931  -1.117  -23.300 1.00 55.71 ? 51  LYS B NZ  1 
ATOM   401  N N   . LYS A 1 54  ? 2.814   1.099   -18.629 1.00 16.51 ? 52  LYS B N   1 
ATOM   402  C CA  . LYS A 1 54  ? 4.245   1.228   -18.608 1.00 19.55 ? 52  LYS B CA  1 
ATOM   403  C C   . LYS A 1 54  ? 4.938   1.112   -17.233 1.00 17.21 ? 52  LYS B C   1 
ATOM   404  O O   . LYS A 1 54  ? 6.126   0.825   -17.056 1.00 19.86 ? 52  LYS B O   1 
ATOM   405  C CB  . LYS A 1 54  ? 4.713   2.527   -19.308 1.00 25.02 ? 52  LYS B CB  1 
ATOM   406  C CG  . LYS A 1 54  ? 4.365   3.753   -18.508 1.00 30.44 ? 52  LYS B CG  1 
ATOM   407  C CD  . LYS A 1 54  ? 4.918   5.021   -19.188 1.00 40.36 ? 52  LYS B CD  1 
ATOM   408  C CE  . LYS A 1 54  ? 4.028   6.215   -18.903 1.00 55.93 ? 52  LYS B CE  1 
ATOM   409  N NZ  . LYS A 1 54  ? 2.741   6.108   -19.669 1.00 45.09 ? 52  LYS B NZ  1 
ATOM   410  N N   . ILE A 1 55  ? 4.081   1.166   -16.192 1.00 17.17 ? 53  ILE B N   1 
ATOM   411  C CA  . ILE A 1 55  ? 4.665   1.039   -14.829 1.00 18.88 ? 53  ILE B CA  1 
ATOM   412  C C   . ILE A 1 55  ? 5.279   -0.325  -14.624 1.00 17.66 ? 53  ILE B C   1 
ATOM   413  O O   . ILE A 1 55  ? 6.212   -0.527  -13.896 1.00 16.48 ? 53  ILE B O   1 
ATOM   414  C CB  . ILE A 1 55  ? 3.567   1.365   -13.745 1.00 17.17 ? 53  ILE B CB  1 
ATOM   415  C CG1 . ILE A 1 55  ? 4.301   1.602   -12.425 1.00 19.28 ? 53  ILE B CG1 1 
ATOM   416  C CG2 . ILE A 1 55  ? 2.643   0.160   -13.527 1.00 18.14 ? 53  ILE B CG2 1 
ATOM   417  C CD1 . ILE A 1 55  ? 3.442   2.501   -11.507 1.00 20.89 ? 53  ILE B CD1 1 
ATOM   418  N N   . LEU A 1 56  ? 4.762   -1.333  -15.381 1.00 17.39 ? 54  LEU B N   1 
ATOM   419  C CA  . LEU A 1 56  ? 5.279   -2.716  -15.296 1.00 16.73 ? 54  LEU B CA  1 
ATOM   420  C C   . LEU A 1 56  ? 6.675   -2.891  -15.865 1.00 19.56 ? 54  LEU B C   1 
ATOM   421  O O   . LEU A 1 56  ? 7.358   -3.907  -15.545 1.00 20.43 ? 54  LEU B O   1 
ATOM   422  C CB  . LEU A 1 56  ? 4.313   -3.682  -16.036 1.00 17.11 ? 54  LEU B CB  1 
ATOM   423  C CG  . LEU A 1 56  ? 2.945   -3.773  -15.388 1.00 15.41 ? 54  LEU B CG  1 
ATOM   424  C CD1 . LEU A 1 56  ? 1.952   -4.505  -16.338 1.00 19.25 ? 54  LEU B CD1 1 
ATOM   425  C CD2 . LEU A 1 56  ? 2.901   -4.605  -14.092 1.00 17.46 ? 54  LEU B CD2 1 
ATOM   426  N N   . LYS A 1 57  ? 7.098   -1.901  -16.656 1.00 19.97 ? 55  LYS B N   1 
ATOM   427  C CA  . LYS A 1 57  ? 8.477   -1.933  -17.261 1.00 20.47 ? 55  LYS B CA  1 
ATOM   428  C C   . LYS A 1 57  ? 9.494   -1.249  -16.381 1.00 25.32 ? 55  LYS B C   1 
ATOM   429  O O   . LYS A 1 57  ? 10.692  -1.326  -16.706 1.00 24.78 ? 55  LYS B O   1 
ATOM   430  C CB  . LYS A 1 57  ? 8.476   -1.222  -18.611 1.00 24.54 ? 55  LYS B CB  1 
ATOM   431  C CG  . LYS A 1 57  ? 7.481   -1.714  -19.583 1.00 29.99 ? 55  LYS B CG  1 
ATOM   432  C CD  . LYS A 1 57  ? 7.753   -3.086  -19.925 1.00 36.98 ? 55  LYS B CD  1 
ATOM   433  C CE  . LYS A 1 57  ? 7.332   -3.213  -21.401 1.00 43.18 ? 55  LYS B CE  1 
ATOM   434  N NZ  . LYS A 1 57  ? 7.376   -4.617  -21.920 1.00 57.46 ? 55  LYS B NZ  1 
ATOM   435  N N   . CYS A 1 58  ? 9.057   -0.542  -15.340 1.00 19.63 ? 56  CYS B N   1 
ATOM   436  C CA  . CYS A 1 58  ? 10.016  0.166   -14.451 1.00 21.07 ? 56  CYS B CA  1 
ATOM   437  C C   . CYS A 1 58  ? 10.887  -0.833  -13.647 1.00 19.80 ? 56  CYS B C   1 
ATOM   438  O O   . CYS A 1 58  ? 10.358  -1.792  -13.068 1.00 23.56 ? 56  CYS B O   1 
ATOM   439  C CB  . CYS A 1 58  ? 9.200   1.089   -13.459 1.00 20.04 ? 56  CYS B CB  1 
ATOM   440  S SG  . CYS A 1 58  ? 8.307   2.335   -14.114 1.00 23.22 ? 56  CYS B SG  1 
ATOM   441  N N   . LYS A 1 59  ? 12.228  -0.565  -13.514 1.00 20.67 ? 57  LYS B N   1 
ATOM   442  C CA  . LYS A 1 59  ? 13.095  -1.309  -12.679 1.00 24.28 ? 57  LYS B CA  1 
ATOM   443  C C   . LYS A 1 59  ? 12.699  -1.128  -11.202 1.00 24.87 ? 57  LYS B C   1 
ATOM   444  O O   . LYS A 1 59  ? 12.827  -2.062  -10.411 1.00 28.17 ? 57  LYS B O   1 
ATOM   445  C CB  . LYS A 1 59  ? 14.584  -0.842  -12.793 1.00 24.87 ? 57  LYS B CB  1 
ATOM   446  C CG  . LYS A 1 59  ? 15.338  -1.410  -13.987 1.00 50.37 ? 57  LYS B CG  1 
ATOM   447  C CD  . LYS A 1 59  ? 16.732  -1.856  -13.513 1.00 52.91 ? 57  LYS B CD  1 
ATOM   448  C CE  . LYS A 1 59  ? 17.147  -3.205  -14.106 1.00 64.56 ? 57  LYS B CE  1 
ATOM   449  N NZ  . LYS A 1 59  ? 18.186  -3.037  -15.156 1.00 73.45 ? 57  LYS B NZ  1 
ATOM   450  N N   . ALA A 1 60  ? 12.185  0.059   -10.899 1.00 22.65 ? 58  ALA B N   1 
ATOM   451  C CA  . ALA A 1 60  ? 11.720  0.320   -9.502  1.00 23.45 ? 58  ALA B CA  1 
ATOM   452  C C   . ALA A 1 60  ? 10.774  1.434   -9.519  1.00 18.31 ? 58  ALA B C   1 
ATOM   453  O O   . ALA A 1 60  ? 10.785  2.299   -10.388 1.00 20.46 ? 58  ALA B O   1 
ATOM   454  C CB  . ALA A 1 60  ? 12.935  0.692   -8.592  1.00 25.39 ? 58  ALA B CB  1 
ATOM   455  N N   . VAL A 1 61  ? 9.822   1.429   -8.526  1.00 17.94 ? 59  VAL B N   1 
ATOM   456  C CA  . VAL A 1 61  ? 8.837   2.453   -8.391  1.00 16.67 ? 59  VAL B CA  1 
ATOM   457  C C   . VAL A 1 61  ? 9.011   3.086   -6.991  1.00 17.75 ? 59  VAL B C   1 
ATOM   458  O O   . VAL A 1 61  ? 9.268   2.357   -6.033  1.00 19.57 ? 59  VAL B O   1 
ATOM   459  C CB  . VAL A 1 61  ? 7.369   1.839   -8.463  1.00 19.37 ? 59  VAL B CB  1 
ATOM   460  C CG1 . VAL A 1 61  ? 6.281   2.838   -7.996  1.00 23.53 ? 59  VAL B CG1 1 
ATOM   461  C CG2 . VAL A 1 61  ? 7.088   1.359   -9.919  1.00 19.55 ? 59  VAL B CG2 1 
ATOM   462  N N   . SER A 1 62  ? 8.971   4.393   -6.951  1.00 15.60 ? 60  SER B N   1 
ATOM   463  C CA  . SER A 1 62  ? 9.010   5.063   -5.597  1.00 16.67 ? 60  SER B CA  1 
ATOM   464  C C   . SER A 1 62  ? 7.620   5.454   -5.235  1.00 16.98 ? 60  SER B C   1 
ATOM   465  O O   . SER A 1 62  ? 6.876   6.058   -6.018  1.00 18.94 ? 60  SER B O   1 
ATOM   466  C CB  . SER A 1 62  ? 9.900   6.286   -5.720  1.00 18.76 ? 60  SER B CB  1 
ATOM   467  O OG  . SER A 1 62  ? 10.020  6.839   -4.400  1.00 26.77 ? 60  SER B OG  1 
ATOM   468  N N   . ARG A 1 63  ? 7.265   5.182   -3.969  1.00 16.11 ? 61  ARG B N   1 
ATOM   469  C CA  . ARG A 1 63  ? 5.932   5.571   -3.420  1.00 16.28 ? 61  ARG B CA  1 
ATOM   470  C C   . ARG A 1 63  ? 6.006   6.680   -2.350  1.00 14.04 ? 61  ARG B C   1 
ATOM   471  O O   . ARG A 1 63  ? 6.995   6.540   -1.537  1.00 17.06 ? 61  ARG B O   1 
ATOM   472  C CB  . ARG A 1 63  ? 5.362   4.311   -2.821  1.00 16.13 ? 61  ARG B CB  1 
ATOM   473  C CG  . ARG A 1 63  ? 3.979   4.578   -2.145  1.00 15.91 ? 61  ARG B CG  1 
ATOM   474  C CD  . ARG A 1 63  ? 3.372   3.263   -1.551  1.00 16.00 ? 61  ARG B CD  1 
ATOM   475  N NE  . ARG A 1 63  ? 4.268   2.757   -0.481  1.00 14.29 ? 61  ARG B NE  1 
ATOM   476  C CZ  . ARG A 1 63  ? 4.384   1.457   -0.155  1.00 14.63 ? 61  ARG B CZ  1 
ATOM   477  N NH1 . ARG A 1 63  ? 3.647   0.506   -0.784  1.00 15.32 ? 61  ARG B NH1 1 
ATOM   478  N NH2 . ARG A 1 63  ? 5.263   1.063   0.830   1.00 16.09 ? 61  ARG B NH2 1 
ATOM   479  N N   . GLU A 1 64  ? 5.109   7.623   -2.428  1.00 15.01 ? 62  GLU B N   1 
ATOM   480  C CA  . GLU A 1 64  ? 4.969   8.553   -1.248  1.00 16.83 ? 62  GLU B CA  1 
ATOM   481  C C   . GLU A 1 64  ? 3.559   8.304   -0.731  1.00 18.11 ? 62  GLU B C   1 
ATOM   482  O O   . GLU A 1 64  ? 2.605   8.337   -1.489  1.00 18.27 ? 62  GLU B O   1 
ATOM   483  C CB  . GLU A 1 64  ? 5.000   9.996   -1.670  1.00 21.70 ? 62  GLU B CB  1 
ATOM   484  C CG  . GLU A 1 64  ? 6.258   10.524  -2.245  1.00 32.33 ? 62  GLU B CG  1 
ATOM   485  C CD  . GLU A 1 64  ? 6.172   12.075  -2.178  1.00 50.32 ? 62  GLU B CD  1 
ATOM   486  O OE1 . GLU A 1 64  ? 5.423   12.703  -2.973  1.00 47.17 ? 62  GLU B OE1 1 
ATOM   487  O OE2 . GLU A 1 64  ? 6.803   12.667  -1.259  1.00 56.70 ? 62  GLU B OE2 1 
ATOM   488  N N   . LEU A 1 65  ? 3.423   8.142   0.581   1.00 16.11 ? 63  LEU B N   1 
ATOM   489  C CA  . LEU A 1 65  ? 2.159   7.720   1.236   1.00 15.70 ? 63  LEU B CA  1 
ATOM   490  C C   . LEU A 1 65  ? 2.024   8.746   2.378   1.00 17.14 ? 63  LEU B C   1 
ATOM   491  O O   . LEU A 1 65  ? 2.877   8.667   3.305   1.00 19.19 ? 63  LEU B O   1 
ATOM   492  C CB  . LEU A 1 65  ? 2.304   6.269   1.756   1.00 19.81 ? 63  LEU B CB  1 
ATOM   493  C CG  . LEU A 1 65  ? 1.133   5.440   2.219   1.00 21.07 ? 63  LEU B CG  1 
ATOM   494  C CD1 . LEU A 1 65  ? 1.611   3.959   2.279   1.00 22.64 ? 63  LEU B CD1 1 
ATOM   495  C CD2 . LEU A 1 65  ? 0.723   6.022   3.588   1.00 23.78 ? 63  LEU B CD2 1 
ATOM   496  N N   . ASN A 1 66  ? 1.003   9.540   2.378   1.00 13.74 ? 64  ASN B N   1 
ATOM   497  C CA  . ASN A 1 66  ? 0.851   10.535  3.438   1.00 14.32 ? 64  ASN B CA  1 
ATOM   498  C C   . ASN A 1 66  ? -0.340  10.076  4.286   1.00 14.75 ? 64  ASN B C   1 
ATOM   499  O O   . ASN A 1 66  ? -1.437  9.834   3.780   1.00 14.73 ? 64  ASN B O   1 
ATOM   500  C CB  . ASN A 1 66  ? 0.546   11.916  2.831   1.00 15.24 ? 64  ASN B CB  1 
ATOM   501  C CG  . ASN A 1 66  ? 0.344   12.998  3.878   1.00 16.17 ? 64  ASN B CG  1 
ATOM   502  O OD1 . ASN A 1 66  ? -0.746  13.164  4.358   1.00 17.55 ? 64  ASN B OD1 1 
ATOM   503  N ND2 . ASN A 1 66  ? 1.424   13.716  4.222   1.00 18.64 ? 64  ASN B ND2 1 
ATOM   504  N N   . PHE A 1 67  ? -0.121  9.984   5.623   1.00 12.76 ? 65  PHE B N   1 
ATOM   505  C CA  . PHE A 1 67  ? -1.127  9.426   6.534   1.00 14.15 ? 65  PHE B CA  1 
ATOM   506  C C   . PHE A 1 67  ? -1.178  10.247  7.798   1.00 14.31 ? 65  PHE B C   1 
ATOM   507  O O   . PHE A 1 67  ? -0.174  10.874  8.190   1.00 14.55 ? 65  PHE B O   1 
ATOM   508  C CB  . PHE A 1 67  ? -0.842  7.967   6.818   1.00 12.84 ? 65  PHE B CB  1 
ATOM   509  C CG  . PHE A 1 67  ? 0.399   7.771   7.602   1.00 13.56 ? 65  PHE B CG  1 
ATOM   510  C CD1 . PHE A 1 67  ? 0.296   7.666   9.009   1.00 15.57 ? 65  PHE B CD1 1 
ATOM   511  C CD2 . PHE A 1 67  ? 1.618   7.610   6.956   1.00 15.52 ? 65  PHE B CD2 1 
ATOM   512  C CE1 . PHE A 1 67  ? 1.497   7.409   9.765   1.00 17.11 ? 65  PHE B CE1 1 
ATOM   513  C CE2 . PHE A 1 67  ? 2.821   7.413   7.745   1.00 16.40 ? 65  PHE B CE2 1 
ATOM   514  C CZ  . PHE A 1 67  ? 2.687   7.341   9.152   1.00 15.86 ? 65  PHE B CZ  1 
ATOM   515  N N   . SER A 1 68  ? -2.332  10.224  8.447   1.00 13.49 ? 66  SER B N   1 
ATOM   516  C CA  . SER A 1 68  ? -2.504  10.830  9.769   1.00 14.29 ? 66  SER B CA  1 
ATOM   517  C C   . SER A 1 68  ? -2.890  9.716   10.717  1.00 13.12 ? 66  SER B C   1 
ATOM   518  O O   . SER A 1 68  ? -3.549  8.680   10.386  1.00 12.13 ? 66  SER B O   1 
ATOM   519  C CB  . SER A 1 68  ? -3.631  11.857  9.744   1.00 14.45 ? 66  SER B CB  1 
ATOM   520  O OG  . SER A 1 68  ? -3.297  12.911  8.776   1.00 16.27 ? 66  SER B OG  1 
ATOM   521  N N   . SER A 1 69  ? -2.487  9.894   12.008  1.00 12.67 ? 67  SER B N   1 
ATOM   522  C CA  . SER A 1 69  ? -2.826  8.942   13.058  1.00 11.58 ? 67  SER B CA  1 
ATOM   523  C C   . SER A 1 69  ? -3.106  9.613   14.392  1.00 11.79 ? 67  SER B C   1 
ATOM   524  O O   . SER A 1 69  ? -2.141  10.201  14.900  1.00 13.96 ? 67  SER B O   1 
ATOM   525  C CB  . SER A 1 69  ? -1.640  7.933   13.233  1.00 12.35 ? 67  SER B CB  1 
ATOM   526  O OG  . SER A 1 69  ? -1.934  6.901   14.174  1.00 12.97 ? 67  SER B OG  1 
ATOM   527  N N   . THR A 1 70  ? -4.283  9.464   14.919  1.00 12.43 ? 68  THR B N   1 
ATOM   528  C CA  . THR A 1 70  ? -4.475  9.998   16.268  1.00 13.01 ? 68  THR B CA  1 
ATOM   529  C C   . THR A 1 70  ? -3.688  9.177   17.234  1.00 13.96 ? 68  THR B C   1 
ATOM   530  O O   . THR A 1 70  ? -3.188  9.752   18.274  1.00 13.98 ? 68  THR B O   1 
ATOM   531  C CB  . THR A 1 70  ? -5.935  9.993   16.702  1.00 14.50 ? 68  THR B CB  1 
ATOM   532  O OG1 . THR A 1 70  ? -6.431  8.681   16.903  1.00 14.85 ? 68  THR B OG1 1 
ATOM   533  C CG2 . THR A 1 70  ? -6.787  10.829  15.780  1.00 14.65 ? 68  THR B CG2 1 
ATOM   534  N N   . GLU A 1 71  ? -3.498  7.882   17.035  1.00 11.35 ? 69  GLU B N   1 
ATOM   535  C CA  . GLU A 1 71  ? -2.826  7.039   18.020  1.00 11.62 ? 69  GLU B CA  1 
ATOM   536  C C   . GLU A 1 71  ? -1.345  6.977   17.827  1.00 14.06 ? 69  GLU B C   1 
ATOM   537  O O   . GLU A 1 71  ? -0.791  6.993   16.685  1.00 13.63 ? 69  GLU B O   1 
ATOM   538  C CB  . GLU A 1 71  ? -3.374  5.567   17.924  1.00 12.47 ? 69  GLU B CB  1 
ATOM   539  C CG  . GLU A 1 71  ? -4.903  5.480   18.254  1.00 13.20 ? 69  GLU B CG  1 
ATOM   540  C CD  . GLU A 1 71  ? -5.293  6.352   19.461  1.00 12.14 ? 69  GLU B CD  1 
ATOM   541  O OE1 . GLU A 1 71  ? -4.886  5.838   20.568  1.00 15.93 ? 69  GLU B OE1 1 
ATOM   542  O OE2 . GLU A 1 71  ? -5.863  7.404   19.290  1.00 15.04 ? 69  GLU B OE2 1 
ATOM   543  N N   . GLN A 1 72  ? -0.577  6.914   18.922  1.00 12.49 ? 70  GLN B N   1 
ATOM   544  C CA  . GLN A 1 72  ? 0.802   6.573   18.857  1.00 11.73 ? 70  GLN B CA  1 
ATOM   545  C C   . GLN A 1 72  ? 0.989   5.153   18.389  1.00 11.68 ? 70  GLN B C   1 
ATOM   546  O O   . GLN A 1 72  ? 0.235   4.274   18.770  1.00 13.76 ? 70  GLN B O   1 
ATOM   547  C CB  . GLN A 1 72  ? 1.384   6.759   20.281  1.00 12.19 ? 70  GLN B CB  1 
ATOM   548  C CG  . GLN A 1 72  ? 2.898   6.499   20.370  1.00 13.32 ? 70  GLN B CG  1 
ATOM   549  C CD  . GLN A 1 72  ? 3.499   6.929   21.722  1.00 12.26 ? 70  GLN B CD  1 
ATOM   550  O OE1 . GLN A 1 72  ? 3.415   8.108   21.992  1.00 14.71 ? 70  GLN B OE1 1 
ATOM   551  N NE2 . GLN A 1 72  ? 3.970   5.951   22.473  1.00 14.72 ? 70  GLN B NE2 1 
ATOM   552  N N   . MET A 1 73  ? 2.048   4.961   17.579  1.00 12.52 ? 71  MET B N   1 
ATOM   553  C CA  . MET A 1 73  ? 2.448   3.568   17.213  1.00 13.92 ? 71  MET B CA  1 
ATOM   554  C C   . MET A 1 73  ? 3.959   3.460   17.434  1.00 14.08 ? 71  MET B C   1 
ATOM   555  O O   . MET A 1 73  ? 4.695   4.385   17.098  1.00 16.17 ? 71  MET B O   1 
ATOM   556  C CB  . MET A 1 73  ? 2.097   3.242   15.736  1.00 16.40 ? 71  MET B CB  1 
ATOM   557  C CG  . MET A 1 73  ? 0.612   3.191   15.512  1.00 13.34 ? 71  MET B CG  1 
ATOM   558  S SD  . MET A 1 73  ? 0.216   2.559   13.871  1.00 16.01 ? 71  MET B SD  1 
ATOM   559  C CE  . MET A 1 73  ? -0.011  3.945   13.060  1.00 16.59 ? 71  MET B CE  1 
ATOM   560  N N   . GLU A 1 74  ? 4.353   2.322   17.949  1.00 16.64 ? 72  GLU B N   1 
ATOM   561  C CA  . GLU A 1 74  ? 5.744   2.111   18.178  1.00 18.72 ? 72  GLU B CA  1 
ATOM   562  C C   . GLU A 1 74  ? 6.552   1.676   16.920  1.00 16.55 ? 72  GLU B C   1 
ATOM   563  O O   . GLU A 1 74  ? 7.692   2.073   16.643  1.00 19.60 ? 72  GLU B O   1 
ATOM   564  C CB  . GLU A 1 74  ? 5.899   1.052   19.281  1.00 24.19 ? 72  GLU B CB  1 
ATOM   565  C CG  . GLU A 1 74  ? 4.946   1.206   20.496  1.00 43.89 ? 72  GLU B CG  1 
ATOM   566  C CD  . GLU A 1 74  ? 5.165   2.481   21.288  1.00 52.21 ? 72  GLU B CD  1 
ATOM   567  O OE1 . GLU A 1 74  ? 6.338   2.675   21.698  1.00 70.93 ? 72  GLU B OE1 1 
ATOM   568  O OE2 . GLU A 1 74  ? 4.161   3.263   21.506  1.00 33.61 ? 72  GLU B OE2 1 
ATOM   569  N N   . LYS A 1 75  ? 5.888   0.843   16.112  1.00 15.67 ? 73  LYS B N   1 
ATOM   570  C CA  . LYS A 1 75  ? 6.580   0.197   14.943  1.00 17.65 ? 73  LYS B CA  1 
ATOM   571  C C   . LYS A 1 75  ? 5.501   -0.007  13.807  1.00 15.41 ? 73  LYS B C   1 
ATOM   572  O O   . LYS A 1 75  ? 5.082   -1.147  13.494  1.00 16.64 ? 73  LYS B O   1 
ATOM   573  C CB  . LYS A 1 75  ? 7.128   -1.156  15.316  1.00 19.46 ? 73  LYS B CB  1 
ATOM   574  C CG  . LYS A 1 75  ? 8.052   -1.647  14.222  1.00 31.83 ? 73  LYS B CG  1 
ATOM   575  C CD  . LYS A 1 75  ? 8.827   -2.832  14.683  1.00 38.27 ? 73  LYS B CD  1 
ATOM   576  C CE  . LYS A 1 75  ? 9.454   -3.521  13.456  1.00 49.68 ? 73  LYS B CE  1 
ATOM   577  N NZ  . LYS A 1 75  ? 10.815  -4.086  13.763  1.00 60.10 ? 73  LYS B NZ  1 
ATOM   578  N N   . PHE A 1 76  ? 5.153   1.128   13.252  1.00 14.22 ? 74  PHE B N   1 
ATOM   579  C CA  . PHE A 1 76  ? 4.148   1.077   12.137  1.00 13.01 ? 74  PHE B CA  1 
ATOM   580  C C   . PHE A 1 76  ? 4.872   0.436   10.940  1.00 13.45 ? 74  PHE B C   1 
ATOM   581  O O   . PHE A 1 76  ? 5.971   0.876   10.583  1.00 14.52 ? 74  PHE B O   1 
ATOM   582  C CB  . PHE A 1 76  ? 3.656   2.485   11.839  1.00 14.29 ? 74  PHE B CB  1 
ATOM   583  C CG  . PHE A 1 76  ? 2.668   2.613   10.732  1.00 14.36 ? 74  PHE B CG  1 
ATOM   584  C CD1 . PHE A 1 76  ? 1.636   1.710   10.675  1.00 16.45 ? 74  PHE B CD1 1 
ATOM   585  C CD2 . PHE A 1 76  ? 2.756   3.717   9.874   1.00 15.16 ? 74  PHE B CD2 1 
ATOM   586  C CE1 . PHE A 1 76  ? 0.632   1.942   9.723   1.00 20.49 ? 74  PHE B CE1 1 
ATOM   587  C CE2 . PHE A 1 76  ? 1.823   3.907   8.853   1.00 16.99 ? 74  PHE B CE2 1 
ATOM   588  C CZ  . PHE A 1 76  ? 0.735   2.994   8.797   1.00 20.91 ? 74  PHE B CZ  1 
ATOM   589  N N   . ARG A 1 77  ? 4.194   -0.507  10.302  1.00 12.02 ? 75  ARG B N   1 
ATOM   590  C CA  . ARG A 1 77  ? 4.793   -1.219  9.172   1.00 12.44 ? 75  ARG B CA  1 
ATOM   591  C C   . ARG A 1 77  ? 3.681   -1.749  8.290   1.00 13.64 ? 75  ARG B C   1 
ATOM   592  O O   . ARG A 1 77  ? 2.536   -1.810  8.652   1.00 11.87 ? 75  ARG B O   1 
ATOM   593  C CB  . ARG A 1 77  ? 5.745   -2.325  9.702   1.00 14.08 ? 75  ARG B CB  1 
ATOM   594  C CG  . ARG A 1 77  ? 5.079   -3.445  10.308  1.00 13.30 ? 75  ARG B CG  1 
ATOM   595  C CD  . ARG A 1 77  ? 6.078   -4.553  10.889  1.00 15.21 ? 75  ARG B CD  1 
ATOM   596  N NE  . ARG A 1 77  ? 5.292   -5.626  11.409  1.00 18.61 ? 75  ARG B NE  1 
ATOM   597  C CZ  . ARG A 1 77  ? 4.885   -6.691  10.734  1.00 17.84 ? 75  ARG B CZ  1 
ATOM   598  N NH1 . ARG A 1 77  ? 5.188   -6.779  9.408   1.00 18.33 ? 75  ARG B NH1 1 
ATOM   599  N NH2 . ARG A 1 77  ? 4.182   -7.606  11.342  1.00 21.11 ? 75  ARG B NH2 1 
ATOM   600  N N   . LEU A 1 78  ? 4.125   -2.188  7.107   1.00 14.05 ? 76  LEU B N   1 
ATOM   601  C CA  . LEU A 1 78  ? 3.202   -2.737  6.069   1.00 12.96 ? 76  LEU B CA  1 
ATOM   602  C C   . LEU A 1 78  ? 3.675   -4.065  5.519   1.00 13.36 ? 76  LEU B C   1 
ATOM   603  O O   . LEU A 1 78  ? 4.947   -4.239  5.314   1.00 14.88 ? 76  LEU B O   1 
ATOM   604  C CB  . LEU A 1 78  ? 3.207   -1.774  4.892   1.00 20.16 ? 76  LEU B CB  1 
ATOM   605  C CG  . LEU A 1 78  ? 2.573   -0.462  4.941   1.00 21.77 ? 76  LEU B CG  1 
ATOM   606  C CD1 . LEU A 1 78  ? 2.666   0.235   3.479   1.00 27.63 ? 76  LEU B CD1 1 
ATOM   607  C CD2 . LEU A 1 78  ? 1.248   -0.443  5.586   1.00 28.84 ? 76  LEU B CD2 1 
ATOM   608  N N   . GLU A 1 79  ? 2.782   -4.958  5.240   1.00 12.98 ? 77  GLU B N   1 
ATOM   609  C CA  . GLU A 1 79  ? 3.084   -6.198  4.468   1.00 14.50 ? 77  GLU B CA  1 
ATOM   610  C C   . GLU A 1 79  ? 2.153   -6.089  3.288   1.00 15.44 ? 77  GLU B C   1 
ATOM   611  O O   . GLU A 1 79  ? 0.947   -5.862  3.457   1.00 16.10 ? 77  GLU B O   1 
ATOM   612  C CB  . GLU A 1 79  ? 2.794   -7.455  5.234   1.00 15.10 ? 77  GLU B CB  1 
ATOM   613  C CG  . GLU A 1 79  ? 3.707   -7.641  6.433   1.00 17.21 ? 77  GLU B CG  1 
ATOM   614  C CD  . GLU A 1 79  ? 3.474   -8.970  7.200   1.00 23.22 ? 77  GLU B CD  1 
ATOM   615  O OE1 . GLU A 1 79  ? 2.575   -9.758  6.867   1.00 23.62 ? 77  GLU B OE1 1 
ATOM   616  O OE2 . GLU A 1 79  ? 4.118   -9.156  8.278   1.00 21.60 ? 77  GLU B OE2 1 
ATOM   617  N N   . GLN A 1 80  ? 2.653   -6.318  2.095   1.00 12.95 ? 78  GLN B N   1 
ATOM   618  C CA  . GLN A 1 80  ? 1.807   -6.265  0.880   1.00 12.95 ? 78  GLN B CA  1 
ATOM   619  C C   . GLN A 1 80  ? 2.046   -7.472  0.028   1.00 15.25 ? 78  GLN B C   1 
ATOM   620  O O   . GLN A 1 80  ? 3.190   -7.982  -0.069  1.00 17.54 ? 78  GLN B O   1 
ATOM   621  C CB  . GLN A 1 80  ? 2.113   -5.045  0.084   1.00 14.28 ? 78  GLN B CB  1 
ATOM   622  C CG  . GLN A 1 80  ? 1.647   -3.777  0.819   1.00 17.67 ? 78  GLN B CG  1 
ATOM   623  C CD  . GLN A 1 80  ? 1.938   -2.503  0.024   1.00 18.03 ? 78  GLN B CD  1 
ATOM   624  O OE1 . GLN A 1 80  ? 3.120   -2.221  -0.279  1.00 20.68 ? 78  GLN B OE1 1 
ATOM   625  N NE2 . GLN A 1 80  ? 0.936   -1.757  -0.372  1.00 17.56 ? 78  GLN B NE2 1 
ATOM   626  N N   . LYS A 1 81  ? 0.980   -8.010  -0.530  1.00 13.19 ? 79  LYS B N   1 
ATOM   627  C CA  . LYS A 1 81  ? 1.058   -9.247  -1.396  1.00 13.38 ? 79  LYS B CA  1 
ATOM   628  C C   . LYS A 1 81  ? 0.425   -8.877  -2.714  1.00 14.32 ? 79  LYS B C   1 
ATOM   629  O O   . LYS A 1 81  ? -0.634  -8.214  -2.785  1.00 14.00 ? 79  LYS B O   1 
ATOM   630  C CB  . LYS A 1 81  ? 0.347   -10.394 -0.779  1.00 15.17 ? 79  LYS B CB  1 
ATOM   631  C CG  . LYS A 1 81  ? 1.187   -11.042 0.337   1.00 17.57 ? 79  LYS B CG  1 
ATOM   632  C CD  . LYS A 1 81  ? 0.440   -12.160 0.917   1.00 20.44 ? 79  LYS B CD  1 
ATOM   633  C CE  . LYS A 1 81  ? 1.305   -12.925 1.985   1.00 24.78 ? 79  LYS B CE  1 
ATOM   634  N NZ  . LYS A 1 81  ? 0.346   -13.985 2.508   1.00 28.66 ? 79  LYS B NZ  1 
ATOM   635  N N   . VAL A 1 82  ? 1.108   -9.237  -3.799  1.00 12.97 ? 80  VAL B N   1 
ATOM   636  C CA  . VAL A 1 82  ? 0.596   -9.138  -5.202  1.00 12.43 ? 80  VAL B CA  1 
ATOM   637  C C   . VAL A 1 82  ? -0.021  -10.445 -5.546  1.00 13.04 ? 80  VAL B C   1 
ATOM   638  O O   . VAL A 1 82  ? 0.714   -11.481 -5.610  1.00 13.82 ? 80  VAL B O   1 
ATOM   639  C CB  . VAL A 1 82  ? 1.731   -8.801  -6.146  1.00 13.55 ? 80  VAL B CB  1 
ATOM   640  C CG1 . VAL A 1 82  ? 1.118   -8.705  -7.548  1.00 17.52 ? 80  VAL B CG1 1 
ATOM   641  C CG2 . VAL A 1 82  ? 2.513   -7.463  -5.754  1.00 17.81 ? 80  VAL B CG2 1 
ATOM   642  N N   . TYR A 1 83  ? -1.358  -10.489 -5.731  1.00 10.97 ? 81  TYR B N   1 
ATOM   643  C CA  . TYR A 1 83  ? -2.099  -11.710 -6.053  1.00 11.30 ? 81  TYR B CA  1 
ATOM   644  C C   . TYR A 1 83  ? -2.560  -11.612 -7.520  1.00 14.21 ? 81  TYR B C   1 
ATOM   645  O O   . TYR A 1 83  ? -3.099  -10.586 -7.973  1.00 13.85 ? 81  TYR B O   1 
ATOM   646  C CB  . TYR A 1 83  ? -3.322  -11.853 -5.227  1.00 12.53 ? 81  TYR B CB  1 
ATOM   647  C CG  . TYR A 1 83  ? -3.046  -12.312 -3.808  1.00 14.09 ? 81  TYR B CG  1 
ATOM   648  C CD1 . TYR A 1 83  ? -2.921  -11.398 -2.720  1.00 14.63 ? 81  TYR B CD1 1 
ATOM   649  C CD2 . TYR A 1 83  ? -2.977  -13.668 -3.554  1.00 13.77 ? 81  TYR B CD2 1 
ATOM   650  C CE1 . TYR A 1 83  ? -2.711  -11.886 -1.413  1.00 17.33 ? 81  TYR B CE1 1 
ATOM   651  C CE2 . TYR A 1 83  ? -2.717  -14.146 -2.174  1.00 14.49 ? 81  TYR B CE2 1 
ATOM   652  C CZ  . TYR A 1 83  ? -2.705  -13.225 -1.231  1.00 17.17 ? 81  TYR B CZ  1 
ATOM   653  O OH  . TYR A 1 83  ? -2.512  -13.778 0.064   1.00 23.52 ? 81  TYR B OH  1 
ATOM   654  N N   . PHE A 1 84  ? -2.291  -12.669 -8.280  1.00 12.91 ? 82  PHE B N   1 
ATOM   655  C CA  . PHE A 1 84  ? -2.747  -12.821 -9.679  1.00 11.67 ? 82  PHE B CA  1 
ATOM   656  C C   . PHE A 1 84  ? -3.685  -13.981 -9.711  1.00 11.45 ? 82  PHE B C   1 
ATOM   657  O O   . PHE A 1 84  ? -3.315  -15.186 -9.402  1.00 11.22 ? 82  PHE B O   1 
ATOM   658  C CB  . PHE A 1 84  ? -1.561  -13.106 -10.583 1.00 12.55 ? 82  PHE B CB  1 
ATOM   659  C CG  . PHE A 1 84  ? -2.028  -13.440 -12.001 1.00 10.99 ? 82  PHE B CG  1 
ATOM   660  C CD1 . PHE A 1 84  ? -2.524  -12.435 -12.863 1.00 12.13 ? 82  PHE B CD1 1 
ATOM   661  C CD2 . PHE A 1 84  ? -1.976  -14.742 -12.467 1.00 11.22 ? 82  PHE B CD2 1 
ATOM   662  C CE1 . PHE A 1 84  ? -2.934  -12.764 -14.154 1.00 12.06 ? 82  PHE B CE1 1 
ATOM   663  C CE2 . PHE A 1 84  ? -2.418  -15.090 -13.759 1.00 11.71 ? 82  PHE B CE2 1 
ATOM   664  C CZ  . PHE A 1 84  ? -2.871  -14.058 -14.610 1.00 12.73 ? 82  PHE B CZ  1 
ATOM   665  N N   . LYS A 1 85  ? -4.985  -13.779 -10.025 1.00 12.25 ? 83  LYS B N   1 
ATOM   666  C CA  . LYS A 1 85  ? -5.944  -14.821 -9.980  1.00 12.93 ? 83  LYS B CA  1 
ATOM   667  C C   . LYS A 1 85  ? -5.919  -15.661 -8.723  1.00 13.63 ? 83  LYS B C   1 
ATOM   668  O O   . LYS A 1 85  ? -6.023  -16.888 -8.729  1.00 14.09 ? 83  LYS B O   1 
ATOM   669  C CB  . LYS A 1 85  ? -5.915  -15.710 -11.239 1.00 12.62 ? 83  LYS B CB  1 
ATOM   670  C CG  . LYS A 1 85  ? -6.147  -14.921 -12.564 1.00 11.55 ? 83  LYS B CG  1 
ATOM   671  C CD  . LYS A 1 85  ? -6.257  -15.921 -13.729 1.00 12.90 ? 83  LYS B CD  1 
ATOM   672  C CE  . LYS A 1 85  ? -6.511  -15.116 -14.970 1.00 12.65 ? 83  LYS B CE  1 
ATOM   673  N NZ  . LYS A 1 85  ? -6.650  -16.163 -16.125 1.00 16.33 ? 83  LYS B NZ  1 
ATOM   674  N N   . GLY A 1 86  ? -5.717  -14.936 -7.602  1.00 13.39 ? 84  GLY B N   1 
ATOM   675  C CA  . GLY A 1 86  ? -5.769  -15.650 -6.297  1.00 14.07 ? 84  GLY B CA  1 
ATOM   676  C C   . GLY A 1 86  ? -4.422  -16.182 -5.828  1.00 15.43 ? 84  GLY B C   1 
ATOM   677  O O   . GLY A 1 86  ? -4.375  -16.758 -4.686  1.00 16.21 ? 84  GLY B O   1 
ATOM   678  N N   . GLN A 1 87  ? -3.390  -16.126 -6.633  1.00 12.62 ? 85  GLN B N   1 
ATOM   679  C CA  . GLN A 1 87  ? -2.097  -16.673 -6.247  1.00 12.94 ? 85  GLN B CA  1 
ATOM   680  C C   . GLN A 1 87  ? -1.130  -15.581 -5.953  1.00 12.08 ? 85  GLN B C   1 
ATOM   681  O O   . GLN A 1 87  ? -0.887  -14.673 -6.733  1.00 13.32 ? 85  GLN B O   1 
ATOM   682  C CB  . GLN A 1 87  ? -1.546  -17.422 -7.503  1.00 15.47 ? 85  GLN B CB  1 
ATOM   683  C CG  . GLN A 1 87  ? -0.166  -18.088 -7.235  1.00 15.37 ? 85  GLN B CG  1 
ATOM   684  C CD  . GLN A 1 87  ? 0.285   -18.934 -8.377  1.00 19.48 ? 85  GLN B CD  1 
ATOM   685  O OE1 . GLN A 1 87  ? -0.471  -19.296 -9.307  1.00 22.51 ? 85  GLN B OE1 1 
ATOM   686  N NE2 . GLN A 1 87  ? 1.508   -19.224 -8.377  1.00 20.07 ? 85  GLN B NE2 1 
ATOM   687  N N   . CYS A 1 88  ? -0.425  -15.690 -4.769  1.00 13.71 ? 86  CYS B N   1 
ATOM   688  C CA  . CYS A 1 88  ? 0.539   -14.722 -4.473  1.00 14.53 ? 86  CYS B CA  1 
ATOM   689  C C   . CYS A 1 88  ? 1.785   -14.814 -5.314  1.00 15.00 ? 86  CYS B C   1 
ATOM   690  O O   . CYS A 1 88  ? 2.459   -15.878 -5.194  1.00 17.34 ? 86  CYS B O   1 
ATOM   691  C CB  . CYS A 1 88  ? 0.890   -14.825 -2.949  1.00 15.98 ? 86  CYS B CB  1 
ATOM   692  S SG  . CYS A 1 88  ? 2.073   -13.546 -2.443  1.00 18.45 ? 86  CYS B SG  1 
ATOM   693  N N   . LEU A 1 89  ? 2.155   -13.797 -6.054  1.00 13.93 ? 87  LEU B N   1 
ATOM   694  C CA  . LEU A 1 89  ? 3.366   -13.770 -6.904  1.00 16.21 ? 87  LEU B CA  1 
ATOM   695  C C   . LEU A 1 89  ? 4.530   -13.103 -6.159  1.00 19.63 ? 87  LEU B C   1 
ATOM   696  O O   . LEU A 1 89  ? 5.697   -13.494 -6.453  1.00 20.83 ? 87  LEU B O   1 
ATOM   697  C CB  . LEU A 1 89  ? 3.176   -12.975 -8.208  1.00 16.87 ? 87  LEU B CB  1 
ATOM   698  C CG  . LEU A 1 89  ? 2.018   -13.560 -9.062  1.00 19.80 ? 87  LEU B CG  1 
ATOM   699  C CD1 . LEU A 1 89  ? 1.941   -12.732 -10.308 1.00 20.70 ? 87  LEU B CD1 1 
ATOM   700  C CD2 . LEU A 1 89  ? 2.192   -15.029 -9.373  1.00 21.42 ? 87  LEU B CD2 1 
ATOM   701  N N   . GLU A 1 90  ? 4.278   -12.086 -5.289  1.00 16.97 ? 88  GLU B N   1 
ATOM   702  C CA  . GLU A 1 90  ? 5.352   -11.338 -4.651  1.00 18.19 ? 88  GLU B CA  1 
ATOM   703  C C   . GLU A 1 90  ? 4.838   -10.860 -3.334  1.00 17.05 ? 88  GLU B C   1 
ATOM   704  O O   . GLU A 1 90  ? 3.650   -10.612 -3.169  1.00 16.53 ? 88  GLU B O   1 
ATOM   705  C CB  . GLU A 1 90  ? 5.625   -10.029 -5.342  1.00 21.55 ? 88  GLU B CB  1 
ATOM   706  C CG  . GLU A 1 90  ? 5.966   -10.013 -6.793  1.00 34.10 ? 88  GLU B CG  1 
ATOM   707  C CD  . GLU A 1 90  ? 6.660   -8.678  -7.083  1.00 50.81 ? 88  GLU B CD  1 
ATOM   708  O OE1 . GLU A 1 90  ? 7.857   -8.528  -6.731  1.00 76.78 ? 88  GLU B OE1 1 
ATOM   709  O OE2 . GLU A 1 90  ? 6.003   -7.761  -7.614  1.00 68.80 ? 88  GLU B OE2 1 
ATOM   710  N N   . GLU A 1 91  ? 5.749   -10.722 -2.365  1.00 16.40 ? 89  GLU B N   1 
ATOM   711  C CA  . GLU A 1 91  ? 5.434   -10.119 -1.030  1.00 16.70 ? 89  GLU B CA  1 
ATOM   712  C C   . GLU A 1 91  ? 6.447   -9.060  -0.743  1.00 18.30 ? 89  GLU B C   1 
ATOM   713  O O   . GLU A 1 91  ? 7.690   -9.319  -0.925  1.00 20.06 ? 89  GLU B O   1 
ATOM   714  C CB  . GLU A 1 91  ? 5.423   -11.150 0.058   1.00 19.15 ? 89  GLU B CB  1 
ATOM   715  C CG  . GLU A 1 91  ? 5.009   -10.496 1.389   1.00 22.81 ? 89  GLU B CG  1 
ATOM   716  C CD  . GLU A 1 91  ? 4.566   -11.497 2.456   1.00 29.37 ? 89  GLU B CD  1 
ATOM   717  O OE1 . GLU A 1 91  ? 4.986   -12.642 2.403   1.00 31.89 ? 89  GLU B OE1 1 
ATOM   718  O OE2 . GLU A 1 91  ? 3.847   -11.062 3.425   1.00 32.09 ? 89  GLU B OE2 1 
ATOM   719  N N   . TRP A 1 92  ? 6.014   -7.909  -0.245  1.00 16.37 ? 90  TRP B N   1 
ATOM   720  C CA  . TRP A 1 92  ? 6.870   -6.819  0.094   1.00 14.97 ? 90  TRP B CA  1 
ATOM   721  C C   . TRP A 1 92  ? 6.627   -6.440  1.571   1.00 16.29 ? 90  TRP B C   1 
ATOM   722  O O   . TRP A 1 92  ? 5.548   -6.607  2.143   1.00 14.94 ? 90  TRP B O   1 
ATOM   723  C CB  . TRP A 1 92  ? 6.458   -5.617  -0.669  1.00 17.35 ? 90  TRP B CB  1 
ATOM   724  C CG  . TRP A 1 92  ? 6.520   -5.820  -2.226  1.00 19.92 ? 90  TRP B CG  1 
ATOM   725  C CD1 . TRP A 1 92  ? 7.437   -6.592  -2.936  1.00 23.03 ? 90  TRP B CD1 1 
ATOM   726  C CD2 . TRP A 1 92  ? 5.659   -5.230  -3.165  1.00 20.55 ? 90  TRP B CD2 1 
ATOM   727  N NE1 . TRP A 1 92  ? 7.158   -6.486  -4.256  1.00 21.36 ? 90  TRP B NE1 1 
ATOM   728  C CE2 . TRP A 1 92  ? 6.090   -5.674  -4.452  1.00 20.95 ? 90  TRP B CE2 1 
ATOM   729  C CE3 . TRP A 1 92  ? 4.579   -4.361  -3.075  1.00 19.77 ? 90  TRP B CE3 1 
ATOM   730  C CZ2 . TRP A 1 92  ? 5.448   -5.308  -5.647  1.00 21.39 ? 90  TRP B CZ2 1 
ATOM   731  C CZ3 . TRP A 1 92  ? 3.886   -3.961  -4.304  1.00 21.45 ? 90  TRP B CZ3 1 
ATOM   732  C CH2 . TRP A 1 92  ? 4.360   -4.444  -5.557  1.00 19.66 ? 90  TRP B CH2 1 
ATOM   733  N N   . PHE A 1 93  ? 7.722   -5.999  2.186   1.00 15.36 ? 91  PHE B N   1 
ATOM   734  C CA  . PHE A 1 93  ? 7.664   -5.523  3.627   1.00 14.85 ? 91  PHE B CA  1 
ATOM   735  C C   . PHE A 1 93  ? 8.284   -4.193  3.671   1.00 15.27 ? 91  PHE B C   1 
ATOM   736  O O   . PHE A 1 93  ? 9.327   -3.919  3.110   1.00 16.84 ? 91  PHE B O   1 
ATOM   737  C CB  . PHE A 1 93  ? 8.525   -6.452  4.447   1.00 14.47 ? 91  PHE B CB  1 
ATOM   738  C CG  . PHE A 1 93  ? 8.070   -7.856  4.420   1.00 16.28 ? 91  PHE B CG  1 
ATOM   739  C CD1 . PHE A 1 93  ? 7.183   -8.370  5.359   1.00 18.59 ? 91  PHE B CD1 1 
ATOM   740  C CD2 . PHE A 1 93  ? 8.474   -8.716  3.378   1.00 18.82 ? 91  PHE B CD2 1 
ATOM   741  C CE1 . PHE A 1 93  ? 6.728   -9.621  5.377   1.00 20.70 ? 91  PHE B CE1 1 
ATOM   742  C CE2 . PHE A 1 93  ? 8.015   -9.997  3.363   1.00 20.28 ? 91  PHE B CE2 1 
ATOM   743  C CZ  . PHE A 1 93  ? 7.150   -10.493 4.321   1.00 22.43 ? 91  PHE B CZ  1 
ATOM   744  N N   . PHE A 1 94  ? 7.658   -3.260  4.393   1.00 14.95 ? 92  PHE B N   1 
ATOM   745  C CA  . PHE A 1 94  ? 8.134   -1.914  4.589   1.00 13.26 ? 92  PHE B CA  1 
ATOM   746  C C   . PHE A 1 94  ? 7.868   -1.438  6.043   1.00 14.08 ? 92  PHE B C   1 
ATOM   747  O O   . PHE A 1 94  ? 6.854   -1.782  6.642   1.00 16.95 ? 92  PHE B O   1 
ATOM   748  C CB  . PHE A 1 94  ? 7.421   -0.899  3.701   1.00 15.12 ? 92  PHE B CB  1 
ATOM   749  C CG  . PHE A 1 94  ? 7.372   -1.285  2.217   1.00 16.97 ? 92  PHE B CG  1 
ATOM   750  C CD1 . PHE A 1 94  ? 8.467   -0.929  1.384   1.00 17.85 ? 92  PHE B CD1 1 
ATOM   751  C CD2 . PHE A 1 94  ? 6.254   -1.991  1.718   1.00 16.92 ? 92  PHE B CD2 1 
ATOM   752  C CE1 . PHE A 1 94  ? 8.469   -1.312  0.009   1.00 18.35 ? 92  PHE B CE1 1 
ATOM   753  C CE2 . PHE A 1 94  ? 6.244   -2.333  0.362   1.00 21.71 ? 92  PHE B CE2 1 
ATOM   754  C CZ  . PHE A 1 94  ? 7.320   -2.014  -0.417  1.00 20.56 ? 92  PHE B CZ  1 
ATOM   755  N N   . GLU A 1 95  ? 8.855   -0.738  6.617   1.00 14.77 ? 93  GLU B N   1 
ATOM   756  C CA  . GLU A 1 95  ? 8.736   -0.277  8.037   1.00 16.44 ? 93  GLU B CA  1 
ATOM   757  C C   . GLU A 1 95  ? 8.831   1.203   8.045   1.00 15.33 ? 93  GLU B C   1 
ATOM   758  O O   . GLU A 1 95  ? 9.735   1.857   7.422   1.00 18.20 ? 93  GLU B O   1 
ATOM   759  C CB  . GLU A 1 95  ? 9.874   -0.917  8.797   1.00 17.95 ? 93  GLU B CB  1 
ATOM   760  C CG  . GLU A 1 95  ? 9.663   -2.350  8.956   1.00 33.85 ? 93  GLU B CG  1 
ATOM   761  C CD  . GLU A 1 95  ? 10.091  -2.946  10.300  1.00 62.69 ? 93  GLU B CD  1 
ATOM   762  O OE1 . GLU A 1 95  ? 10.796  -2.220  11.084  1.00 71.33 ? 93  GLU B OE1 1 
ATOM   763  O OE2 . GLU A 1 95  ? 9.703   -4.155  10.526  1.00 44.81 ? 93  GLU B OE2 1 
ATOM   764  N N   . PHE A 1 96  ? 7.897   1.853   8.809   1.00 15.12 ? 94  PHE B N   1 
ATOM   765  C CA  . PHE A 1 96  ? 7.970   3.271   8.982   1.00 15.66 ? 94  PHE B CA  1 
ATOM   766  C C   . PHE A 1 96  ? 8.546   3.539   10.388  1.00 17.61 ? 94  PHE B C   1 
ATOM   767  O O   . PHE A 1 96  ? 9.408   4.473   10.502  1.00 19.02 ? 94  PHE B O   1 
ATOM   768  C CB  . PHE A 1 96  ? 6.524   3.907   8.911   1.00 15.09 ? 94  PHE B CB  1 
ATOM   769  C CG  . PHE A 1 96  ? 6.512   5.374   9.168   1.00 13.14 ? 94  PHE B CG  1 
ATOM   770  C CD1 . PHE A 1 96  ? 6.766   6.248   8.129   1.00 14.75 ? 94  PHE B CD1 1 
ATOM   771  C CD2 . PHE A 1 96  ? 6.338   5.930   10.486  1.00 15.94 ? 94  PHE B CD2 1 
ATOM   772  C CE1 . PHE A 1 96  ? 6.778   7.633   8.294   1.00 16.73 ? 94  PHE B CE1 1 
ATOM   773  C CE2 . PHE A 1 96  ? 6.375   7.302   10.688  1.00 16.35 ? 94  PHE B CE2 1 
ATOM   774  C CZ  . PHE A 1 96  ? 6.609   8.181   9.658   1.00 15.00 ? 94  PHE B CZ  1 
ATOM   775  N N   . GLY A 1 97  ? 8.109   2.838   11.394  1.00 14.71 ? 95  GLY B N   1 
ATOM   776  C CA  . GLY A 1 97  ? 8.627   3.035   12.814  1.00 15.95 ? 95  GLY B CA  1 
ATOM   777  C C   . GLY A 1 97  ? 7.692   3.817   13.639  1.00 17.39 ? 95  GLY B C   1 
ATOM   778  O O   . GLY A 1 97  ? 6.475   3.666   13.592  1.00 15.45 ? 95  GLY B O   1 
ATOM   779  N N   . PHE A 1 98  ? 8.243   4.673   14.493  1.00 14.74 ? 96  PHE B N   1 
ATOM   780  C CA  . PHE A 1 98  ? 7.481   5.345   15.476  1.00 15.09 ? 96  PHE B CA  1 
ATOM   781  C C   . PHE A 1 98  ? 6.655   6.427   14.856  1.00 13.22 ? 96  PHE B C   1 
ATOM   782  O O   . PHE A 1 98  ? 7.044   7.157   13.988  1.00 15.24 ? 96  PHE B O   1 
ATOM   783  C CB  . PHE A 1 98  ? 8.515   6.000   16.507  1.00 14.49 ? 96  PHE B CB  1 
ATOM   784  C CG  . PHE A 1 98  ? 7.792   6.773   17.629  1.00 14.55 ? 96  PHE B CG  1 
ATOM   785  C CD1 . PHE A 1 98  ? 7.219   6.024   18.614  1.00 18.83 ? 96  PHE B CD1 1 
ATOM   786  C CD2 . PHE A 1 98  ? 7.681   8.079   17.614  1.00 18.77 ? 96  PHE B CD2 1 
ATOM   787  C CE1 . PHE A 1 98  ? 6.553   6.639   19.673  1.00 20.94 ? 96  PHE B CE1 1 
ATOM   788  C CE2 . PHE A 1 98  ? 7.030   8.742   18.798  1.00 21.88 ? 96  PHE B CE2 1 
ATOM   789  C CZ  . PHE A 1 98  ? 6.420   7.950   19.629  1.00 18.03 ? 96  PHE B CZ  1 
ATOM   790  N N   . VAL A 1 99  ? 5.387   6.523   15.344  1.00 12.55 ? 97  VAL B N   1 
ATOM   791  C CA  . VAL A 1 99  ? 4.440   7.515   14.878  1.00 13.19 ? 97  VAL B CA  1 
ATOM   792  C C   . VAL A 1 99  ? 3.963   8.338   16.116  1.00 13.25 ? 97  VAL B C   1 
ATOM   793  O O   . VAL A 1 99  ? 3.382   7.750   17.075  1.00 13.24 ? 97  VAL B O   1 
ATOM   794  C CB  . VAL A 1 99  ? 3.207   6.842   14.224  1.00 12.76 ? 97  VAL B CB  1 
ATOM   795  C CG1 . VAL A 1 99  ? 2.146   7.860   13.840  1.00 13.79 ? 97  VAL B CG1 1 
ATOM   796  C CG2 . VAL A 1 99  ? 3.664   6.064   12.904  1.00 13.89 ? 97  VAL B CG2 1 
ATOM   797  N N   . ILE A 1 100 ? 4.125   9.626   15.995  1.00 13.45 ? 98  ILE B N   1 
ATOM   798  C CA  . ILE A 1 100 ? 3.739   10.554  17.106  1.00 14.06 ? 98  ILE B CA  1 
ATOM   799  C C   . ILE A 1 100 ? 2.205   10.615  17.113  1.00 14.12 ? 98  ILE B C   1 
ATOM   800  O O   . ILE A 1 100 ? 1.523   10.727  16.028  1.00 13.75 ? 98  ILE B O   1 
ATOM   801  C CB  . ILE A 1 100 ? 4.342   11.945  16.846  1.00 15.63 ? 98  ILE B CB  1 
ATOM   802  C CG1 . ILE A 1 100 ? 5.788   11.828  17.273  1.00 19.61 ? 98  ILE B CG1 1 
ATOM   803  C CG2 . ILE A 1 100 ? 3.618   13.116  17.549  1.00 15.00 ? 98  ILE B CG2 1 
ATOM   804  C CD1 . ILE A 1 100 ? 6.557   13.087  16.842  1.00 23.43 ? 98  ILE B CD1 1 
ATOM   805  N N   . PRO A 1 101 ? 1.532   10.594  18.259  1.00 12.55 ? 99  PRO B N   1 
ATOM   806  C CA  . PRO A 1 101 ? 0.082   10.745  18.258  1.00 12.70 ? 99  PRO B CA  1 
ATOM   807  C C   . PRO A 1 101 ? -0.360  12.076  17.741  1.00 13.36 ? 99  PRO B C   1 
ATOM   808  O O   . PRO A 1 101 ? 0.248   13.103  18.004  1.00 15.15 ? 99  PRO B O   1 
ATOM   809  C CB  . PRO A 1 101 ? -0.308  10.564  19.793  1.00 13.21 ? 99  PRO B CB  1 
ATOM   810  C CG  . PRO A 1 101 ? 0.997   11.021  20.539  1.00 15.11 ? 99  PRO B CG  1 
ATOM   811  C CD  . PRO A 1 101 ? 2.122   10.469  19.631  1.00 13.34 ? 99  PRO B CD  1 
ATOM   812  N N   . ASN A 1 102 ? -1.405  12.085  16.925  1.00 13.04 ? 100 ASN B N   1 
ATOM   813  C CA  . ASN A 1 102 ? -1.966  13.189  16.254  1.00 13.46 ? 100 ASN B CA  1 
ATOM   814  C C   . ASN A 1 102 ? -1.007  13.833  15.291  1.00 14.88 ? 100 ASN B C   1 
ATOM   815  O O   . ASN A 1 102 ? -1.006  15.063  15.065  1.00 22.58 ? 100 ASN B O   1 
ATOM   816  C CB  . ASN A 1 102 ? -2.502  14.274  17.233  1.00 15.04 ? 100 ASN B CB  1 
ATOM   817  C CG  . ASN A 1 102 ? -3.564  13.718  18.139  1.00 16.75 ? 100 ASN B CG  1 
ATOM   818  O OD1 . ASN A 1 102 ? -3.294  13.478  19.368  1.00 20.31 ? 100 ASN B OD1 1 
ATOM   819  N ND2 . ASN A 1 102 ? -4.723  13.320  17.591  1.00 17.52 ? 100 ASN B ND2 1 
ATOM   820  N N   . SER A 1 103 ? -0.228  13.040  14.620  1.00 14.35 ? 101 SER B N   1 
ATOM   821  C CA  . SER A 1 103 ? 0.659   13.527  13.560  1.00 14.02 ? 101 SER B CA  1 
ATOM   822  C C   . SER A 1 103 ? 0.144   13.185  12.140  1.00 15.22 ? 101 SER B C   1 
ATOM   823  O O   . SER A 1 103 ? -0.633  12.257  11.917  1.00 16.17 ? 101 SER B O   1 
ATOM   824  C CB  . SER A 1 103 ? 2.040   12.913  13.731  1.00 14.96 ? 101 SER B CB  1 
ATOM   825  O OG  . SER A 1 103 ? 2.107   11.502  13.615  1.00 15.71 ? 101 SER B OG  1 
ATOM   826  N N   . THR A 1 104 ? 0.713   13.930  11.191  1.00 15.24 ? 102 THR B N   1 
ATOM   827  C CA  . THR A 1 104 ? 0.571   13.662  9.771   1.00 14.51 ? 102 THR B CA  1 
ATOM   828  C C   . THR A 1 104 ? 1.972   13.483  9.266   1.00 15.03 ? 102 THR B C   1 
ATOM   829  O O   . THR A 1 104 ? 2.939   14.215  9.640   1.00 17.13 ? 102 THR B O   1 
ATOM   830  C CB  . THR A 1 104 ? -0.188  14.779  9.086   1.00 15.20 ? 102 THR B CB  1 
ATOM   831  O OG1 . THR A 1 104 ? -1.503  14.836  9.605   1.00 18.22 ? 102 THR B OG1 1 
ATOM   832  C CG2 . THR A 1 104 ? -0.245  14.499  7.554   1.00 17.11 ? 102 THR B CG2 1 
ATOM   833  N N   . ASN A 1 105 ? 2.202   12.488  8.374   1.00 14.44 ? 103 ASN B N   1 
ATOM   834  C CA  . ASN A 1 105 ? 3.499   11.987  8.008   1.00 13.70 ? 103 ASN B CA  1 
ATOM   835  C C   . ASN A 1 105 ? 3.525   11.590  6.551   1.00 16.85 ? 103 ASN B C   1 
ATOM   836  O O   . ASN A 1 105 ? 2.542   11.038  6.095   1.00 15.88 ? 103 ASN B O   1 
ATOM   837  C CB  . ASN A 1 105 ? 3.871   10.741  8.838   1.00 16.84 ? 103 ASN B CB  1 
ATOM   838  C CG  . ASN A 1 105 ? 3.688   10.937  10.361  1.00 20.49 ? 103 ASN B CG  1 
ATOM   839  O OD1 . ASN A 1 105 ? 4.612   11.336  10.994  1.00 26.93 ? 103 ASN B OD1 1 
ATOM   840  N ND2 . ASN A 1 105 ? 2.512   10.675  10.871  1.00 22.53 ? 103 ASN B ND2 1 
ATOM   841  N N   . THR A 1 106 ? 4.638   11.842  5.853   1.00 16.83 ? 104 THR B N   1 
ATOM   842  C CA  . THR A 1 106 ? 4.850   11.292  4.486   1.00 18.11 ? 104 THR B CA  1 
ATOM   843  C C   . THR A 1 106 ? 5.890   10.244  4.588   1.00 18.48 ? 104 THR B C   1 
ATOM   844  O O   . THR A 1 106 ? 6.998   10.391  5.158   1.00 21.04 ? 104 THR B O   1 
ATOM   845  C CB  . THR A 1 106 ? 5.297   12.429  3.582   1.00 16.60 ? 104 THR B CB  1 
ATOM   846  O OG1 . THR A 1 106 ? 4.270   13.355  3.475   1.00 18.97 ? 104 THR B OG1 1 
ATOM   847  C CG2 . THR A 1 106 ? 5.469   11.862  2.143   1.00 25.20 ? 104 THR B CG2 1 
ATOM   848  N N   . TRP A 1 107 ? 5.586   9.054   4.067   1.00 17.84 ? 105 TRP B N   1 
ATOM   849  C CA  . TRP A 1 107 ? 6.413   7.890   4.059   1.00 16.45 ? 105 TRP B CA  1 
ATOM   850  C C   . TRP A 1 107 ? 6.857   7.537   2.656   1.00 21.10 ? 105 TRP B C   1 
ATOM   851  O O   . TRP A 1 107 ? 5.957   7.367   1.788   1.00 17.80 ? 105 TRP B O   1 
ATOM   852  C CB  . TRP A 1 107 ? 5.609   6.705   4.632   1.00 19.11 ? 105 TRP B CB  1 
ATOM   853  C CG  . TRP A 1 107 ? 6.260   5.278   4.820   1.00 16.46 ? 105 TRP B CG  1 
ATOM   854  C CD1 . TRP A 1 107 ? 7.537   4.872   4.508   1.00 20.08 ? 105 TRP B CD1 1 
ATOM   855  C CD2 . TRP A 1 107 ? 5.599   4.128   5.319   1.00 18.16 ? 105 TRP B CD2 1 
ATOM   856  N NE1 . TRP A 1 107 ? 7.700   3.568   4.847   1.00 22.55 ? 105 TRP B NE1 1 
ATOM   857  C CE2 . TRP A 1 107 ? 6.546   3.037   5.303   1.00 19.24 ? 105 TRP B CE2 1 
ATOM   858  C CE3 . TRP A 1 107 ? 4.325   3.906   5.829   1.00 18.95 ? 105 TRP B CE3 1 
ATOM   859  C CZ2 . TRP A 1 107 ? 6.241   1.784   5.790   1.00 17.45 ? 105 TRP B CZ2 1 
ATOM   860  C CZ3 . TRP A 1 107 ? 4.015   2.623   6.331   1.00 20.46 ? 105 TRP B CZ3 1 
ATOM   861  C CH2 . TRP A 1 107 ? 5.030   1.575   6.264   1.00 18.51 ? 105 TRP B CH2 1 
ATOM   862  N N   . GLN A 1 108 ? 8.159   7.504   2.415   1.00 18.61 ? 106 GLN B N   1 
ATOM   863  C CA  . GLN A 1 108 ? 8.652   7.235   1.039   1.00 16.64 ? 106 GLN B CA  1 
ATOM   864  C C   . GLN A 1 108 ? 9.187   5.806   1.090   1.00 19.17 ? 106 GLN B C   1 
ATOM   865  O O   . GLN A 1 108 ? 9.906   5.327   2.069   1.00 18.91 ? 106 GLN B O   1 
ATOM   866  C CB  . GLN A 1 108 ? 9.787   8.197   0.640   1.00 20.43 ? 106 GLN B CB  1 
ATOM   867  C CG  . GLN A 1 108 ? 10.309  7.867   -0.775  1.00 26.73 ? 106 GLN B CG  1 
ATOM   868  C CD  . GLN A 1 108 ? 11.301  8.965   -1.264  1.00 40.64 ? 106 GLN B CD  1 
ATOM   869  O OE1 . GLN A 1 108 ? 11.028  10.183  -1.150  1.00 49.23 ? 106 GLN B OE1 1 
ATOM   870  N NE2 . GLN A 1 108 ? 12.446  8.536   -1.808  1.00 47.61 ? 106 GLN B NE2 1 
ATOM   871  N N   . SER A 1 109 ? 8.871   5.010   0.025   1.00 16.33 ? 107 SER B N   1 
ATOM   872  C CA  . SER A 1 109 ? 9.336   3.627   -0.088  1.00 17.24 ? 107 SER B CA  1 
ATOM   873  C C   . SER A 1 109 ? 9.779   3.345   -1.534  1.00 17.45 ? 107 SER B C   1 
ATOM   874  O O   . SER A 1 109 ? 9.261   3.949   -2.440  1.00 20.03 ? 107 SER B O   1 
ATOM   875  C CB  . SER A 1 109 ? 8.206   2.593   0.205   1.00 17.22 ? 107 SER B CB  1 
ATOM   876  O OG  . SER A 1 109 ? 7.710   2.784   1.558   1.00 16.56 ? 107 SER B OG  1 
ATOM   877  N N   . LEU A 1 110 ? 10.744  2.475   -1.649  1.00 17.15 ? 108 LEU B N   1 
ATOM   878  C CA  . LEU A 1 110 ? 11.199  1.988   -3.001  1.00 20.30 ? 108 LEU B CA  1 
ATOM   879  C C   . LEU A 1 110 ? 10.760  0.545   -3.156  1.00 17.55 ? 108 LEU B C   1 
ATOM   880  O O   . LEU A 1 110 ? 11.052  -0.319  -2.359  1.00 21.44 ? 108 LEU B O   1 
ATOM   881  C CB  . LEU A 1 110 ? 12.726  2.155   -3.047  1.00 24.27 ? 108 LEU B CB  1 
ATOM   882  C CG  . LEU A 1 110 ? 13.314  1.766   -4.448  1.00 24.76 ? 108 LEU B CG  1 
ATOM   883  C CD1 . LEU A 1 110 ? 12.918  2.816   -5.390  1.00 21.72 ? 108 LEU B CD1 1 
ATOM   884  C CD2 . LEU A 1 110 ? 14.843  1.681   -4.229  1.00 31.25 ? 108 LEU B CD2 1 
ATOM   885  N N   . ILE A 1 111 ? 10.054  0.287   -4.273  1.00 20.47 ? 109 ILE B N   1 
ATOM   886  C CA  . ILE A 1 111 ? 9.594   -1.031  -4.619  1.00 20.63 ? 109 ILE B CA  1 
ATOM   887  C C   . ILE A 1 111 ? 10.354  -1.514  -5.877  1.00 19.55 ? 109 ILE B C   1 
ATOM   888  O O   . ILE A 1 111 ? 10.164  -0.958  -6.960  1.00 19.57 ? 109 ILE B O   1 
ATOM   889  C CB  . ILE A 1 111 ? 8.117   -1.019  -4.890  1.00 19.24 ? 109 ILE B CB  1 
ATOM   890  C CG1 . ILE A 1 111 ? 7.326   -0.472  -3.680  1.00 22.73 ? 109 ILE B CG1 1 
ATOM   891  C CG2 . ILE A 1 111 ? 7.621   -2.502  -5.178  1.00 23.95 ? 109 ILE B CG2 1 
ATOM   892  C CD1 . ILE A 1 111 ? 6.855   0.900   -3.824  1.00 21.64 ? 109 ILE B CD1 1 
ATOM   893  N N   . GLU A 1 112 ? 11.242  -2.496  -5.709  1.00 24.10 ? 110 GLU B N   1 
ATOM   894  C CA  . GLU A 1 112 ? 12.064  -2.942  -6.874  1.00 25.43 ? 110 GLU B CA  1 
ATOM   895  C C   . GLU A 1 112 ? 11.356  -4.119  -7.530  1.00 25.82 ? 110 GLU B C   1 
ATOM   896  O O   . GLU A 1 112 ? 10.816  -5.002  -6.848  1.00 27.81 ? 110 GLU B O   1 
ATOM   897  C CB  . GLU A 1 112 ? 13.447  -3.396  -6.428  1.00 35.85 ? 110 GLU B CB  1 
ATOM   898  C CG  . GLU A 1 112 ? 14.019  -2.562  -5.317  1.00 46.98 ? 110 GLU B CG  1 
ATOM   899  C CD  . GLU A 1 112 ? 15.457  -2.240  -5.540  1.00 62.02 ? 110 GLU B CD  1 
ATOM   900  O OE1 . GLU A 1 112 ? 15.725  -1.373  -6.409  1.00 65.34 ? 110 GLU B OE1 1 
ATOM   901  O OE2 . GLU A 1 112 ? 16.303  -2.849  -4.845  1.00 67.30 ? 110 GLU B OE2 1 
ATOM   902  N N   . ALA A 1 113 ? 11.368  -4.148  -8.868  1.00 25.53 ? 111 ALA B N   1 
ATOM   903  C CA  . ALA A 1 113 ? 10.867  -5.343  -9.589  1.00 31.32 ? 111 ALA B CA  1 
ATOM   904  C C   . ALA A 1 113 ? 11.719  -6.578  -9.255  1.00 30.77 ? 111 ALA B C   1 
ATOM   905  O O   . ALA A 1 113 ? 12.919  -6.413  -9.075  1.00 31.00 ? 111 ALA B O   1 
ATOM   906  C CB  . ALA A 1 113 ? 10.942  -5.082  -11.064 1.00 30.04 ? 111 ALA B CB  1 
ATOM   907  N N   . ALA A 1 114 ? 11.152  -7.797  -9.220  1.00 31.36 ? 112 ALA B N   1 
ATOM   908  C CA  . ALA A 1 114 ? 11.939  -9.003  -8.880  1.00 33.55 ? 112 ALA B CA  1 
ATOM   909  C C   . ALA A 1 114 ? 12.709  -9.509  -10.095 1.00 37.93 ? 112 ALA B C   1 
ATOM   910  O O   . ALA A 1 114 ? 12.326  -9.250  -11.251 1.00 35.74 ? 112 ALA B O   1 
ATOM   911  C CB  . ALA A 1 114 ? 11.027  -10.113 -8.336  1.00 44.35 ? 112 ALA B CB  1 
ATOM   912  N N   . SER A 1 117 ? 10.190  -13.556 -11.881 1.00 51.81 ? 115 SER B N   1 
ATOM   913  C CA  . SER A 1 117 ? 10.983  -12.490 -12.453 1.00 34.50 ? 115 SER B CA  1 
ATOM   914  C C   . SER A 1 117 ? 10.820  -12.065 -13.917 1.00 39.12 ? 115 SER B C   1 
ATOM   915  O O   . SER A 1 117 ? 11.548  -11.188 -14.354 1.00 40.24 ? 115 SER B O   1 
ATOM   916  C CB  . SER A 1 117 ? 12.534  -12.667 -12.090 1.00 32.72 ? 115 SER B CB  1 
ATOM   917  N N   . GLN A 1 118 ? 9.869   -12.603 -14.702 1.00 33.88 ? 116 GLN B N   1 
ATOM   918  C CA  . GLN A 1 118 ? 9.597   -11.929 -16.000 1.00 29.54 ? 116 GLN B CA  1 
ATOM   919  C C   . GLN A 1 118 ? 8.100   -11.519 -15.953 1.00 23.87 ? 116 GLN B C   1 
ATOM   920  O O   . GLN A 1 118 ? 7.230   -12.340 -15.689 1.00 29.19 ? 116 GLN B O   1 
ATOM   921  C CB  . GLN A 1 118 ? 9.899   -12.796 -17.167 1.00 32.28 ? 116 GLN B CB  1 
ATOM   922  N N   . MET A 1 119 ? 7.793   -10.273 -16.168 1.00 26.61 ? 117 MET B N   1 
ATOM   923  C CA  . MET A 1 119 ? 6.427   -9.776  -15.974 1.00 19.90 ? 117 MET B CA  1 
ATOM   924  C C   . MET A 1 119 ? 5.506   -10.348 -17.105 1.00 22.06 ? 117 MET B C   1 
ATOM   925  O O   . MET A 1 119 ? 5.883   -10.398 -18.291 1.00 22.69 ? 117 MET B O   1 
ATOM   926  C CB  . MET A 1 119 ? 6.488   -8.249  -16.074 1.00 28.04 ? 117 MET B CB  1 
ATOM   927  C CG  . MET A 1 119 ? 5.272   -7.434  -15.644 1.00 26.72 ? 117 MET B CG  1 
ATOM   928  S SD  . MET A 1 119 ? 5.036   -7.644  -13.870 1.00 28.80 ? 117 MET B SD  1 
ATOM   929  C CE  . MET A 1 119 ? 6.268   -6.431  -13.261 1.00 25.97 ? 117 MET B CE  1 
ATOM   930  N N   . MET A 1 120 ? 4.318   -10.830 -16.738 1.00 18.07 ? 118 MET B N   1 
ATOM   931  C CA  . MET A 1 120 ? 3.294   -11.191 -17.824 1.00 16.80 ? 118 MET B CA  1 
ATOM   932  C C   . MET A 1 120 ? 2.885   -9.857  -18.453 1.00 14.61 ? 118 MET B C   1 
ATOM   933  O O   . MET A 1 120 ? 3.069   -8.728  -17.909 1.00 15.88 ? 118 MET B O   1 
ATOM   934  C CB  . MET A 1 120 ? 2.002   -11.796 -17.133 1.00 16.33 ? 118 MET B CB  1 
ATOM   935  C CG  . MET A 1 120 ? 2.213   -13.304 -16.871 1.00 17.93 ? 118 MET B CG  1 
ATOM   936  S SD  . MET A 1 120 ? 0.774   -13.973 -16.019 1.00 16.39 ? 118 MET B SD  1 
ATOM   937  C CE  . MET A 1 120 ? 1.251   -13.582 -14.307 1.00 15.11 ? 118 MET B CE  1 
ATOM   938  N N   . PRO A 1 121 ? 2.317   -9.907  -19.683 1.00 15.28 ? 119 PRO B N   1 
ATOM   939  C CA  . PRO A 1 121 ? 1.835   -8.665  -20.290 1.00 13.50 ? 119 PRO B CA  1 
ATOM   940  C C   . PRO A 1 121 ? 0.735   -7.986  -19.521 1.00 11.26 ? 119 PRO B C   1 
ATOM   941  O O   . PRO A 1 121 ? -0.137  -8.670  -18.899 1.00 11.77 ? 119 PRO B O   1 
ATOM   942  C CB  . PRO A 1 121 ? 1.282   -9.112  -21.676 1.00 15.69 ? 119 PRO B CB  1 
ATOM   943  C CG  . PRO A 1 121 ? 1.723   -10.514 -21.909 1.00 20.06 ? 119 PRO B CG  1 
ATOM   944  C CD  . PRO A 1 121 ? 2.033   -11.115 -20.484 1.00 17.10 ? 119 PRO B CD  1 
ATOM   945  N N   . ALA A 1 122 ? 0.702   -6.677  -19.637 1.00 11.60 ? 120 ALA B N   1 
ATOM   946  C CA  . ALA A 1 122 ? -0.364  -5.859  -19.041 1.00 12.45 ? 120 ALA B CA  1 
ATOM   947  C C   . ALA A 1 122 ? -1.746  -6.382  -19.410 1.00 13.02 ? 120 ALA B C   1 
ATOM   948  O O   . ALA A 1 122 ? -2.656  -6.371  -18.560 1.00 12.51 ? 120 ALA B O   1 
ATOM   949  C CB  . ALA A 1 122 ? -0.233  -4.399  -19.459 1.00 12.37 ? 120 ALA B CB  1 
ATOM   950  N N   . SER A 1 123 ? -1.906  -6.840  -20.656 1.00 11.10 ? 121 SER B N   1 
ATOM   951  C CA  . SER A 1 123 ? -3.268  -7.262  -21.041 1.00 10.89 ? 121 SER B CA  1 
ATOM   952  C C   . SER A 1 123 ? -3.747  -8.489  -20.326 1.00 10.43 ? 121 SER B C   1 
ATOM   953  O O   . SER A 1 123 ? -4.966  -8.687  -20.157 1.00 11.60 ? 121 SER B O   1 
ATOM   954  C CB  . SER A 1 123 ? -3.294  -7.508  -22.569 1.00 11.86 ? 121 SER B CB  1 
ATOM   955  O OG  . SER A 1 123 ? -2.411  -8.601  -22.946 1.00 13.65 ? 121 SER B OG  1 
ATOM   956  N N   . VAL A 1 124 ? -2.791  -9.364  -19.916 1.00 11.12 ? 122 VAL B N   1 
ATOM   957  C CA  . VAL A 1 124 ? -3.139  -10.558 -19.152 1.00 11.30 ? 122 VAL B CA  1 
ATOM   958  C C   . VAL A 1 124 ? -3.393  -10.172 -17.644 1.00 10.60 ? 122 VAL B C   1 
ATOM   959  O O   . VAL A 1 124 ? -4.283  -10.703 -17.011 1.00 10.95 ? 122 VAL B O   1 
ATOM   960  C CB  . VAL A 1 124 ? -1.945  -11.568 -19.242 1.00 9.99  ? 122 VAL B CB  1 
ATOM   961  C CG1 . VAL A 1 124 ? -2.139  -12.700 -18.290 1.00 11.26 ? 122 VAL B CG1 1 
ATOM   962  C CG2 . VAL A 1 124 ? -1.894  -12.107 -20.698 1.00 12.98 ? 122 VAL B CG2 1 
ATOM   963  N N   . LEU A 1 125 ? -2.576  -9.249  -17.132 1.00 10.29 ? 123 LEU B N   1 
ATOM   964  C CA  . LEU A 1 125 ? -2.673  -8.871  -15.717 1.00 10.58 ? 123 LEU B CA  1 
ATOM   965  C C   . LEU A 1 125 ? -3.899  -8.049  -15.416 1.00 11.05 ? 123 LEU B C   1 
ATOM   966  O O   . LEU A 1 125 ? -4.408  -8.142  -14.296 1.00 10.49 ? 123 LEU B O   1 
ATOM   967  C CB  . LEU A 1 125 ? -1.388  -8.073  -15.338 1.00 10.81 ? 123 LEU B CB  1 
ATOM   968  C CG  . LEU A 1 125 ? -0.099  -8.855  -15.333 1.00 9.70  ? 123 LEU B CG  1 
ATOM   969  C CD1 . LEU A 1 125 ? 1.037   -7.870  -15.002 1.00 13.52 ? 123 LEU B CD1 1 
ATOM   970  C CD2 . LEU A 1 125 ? -0.141  -9.945  -14.359 1.00 11.61 ? 123 LEU B CD2 1 
ATOM   971  N N   . THR A 1 126 ? -4.332  -7.223  -16.402 1.00 10.56 ? 124 THR B N   1 
ATOM   972  C CA  . THR A 1 126 ? -5.305  -6.204  -16.015 1.00 10.19 ? 124 THR B CA  1 
ATOM   973  C C   . THR A 1 126 ? -6.625  -6.754  -15.483 1.00 10.41 ? 124 THR B C   1 
ATOM   974  O O   . THR A 1 126 ? -7.204  -7.697  -16.095 1.00 10.86 ? 124 THR B O   1 
ATOM   975  C CB  . THR A 1 126 ? -5.516  -5.236  -17.218 1.00 10.32 ? 124 THR B CB  1 
ATOM   976  O OG1 . THR A 1 126 ? -6.192  -4.112  -16.734 1.00 10.14 ? 124 THR B OG1 1 
ATOM   977  C CG2 . THR A 1 126 ? -6.325  -5.861  -18.401 1.00 10.90 ? 124 THR B CG2 1 
ATOM   978  N N   . GLY A 1 127 ? -7.096  -6.250  -14.338 1.00 10.23 ? 125 GLY B N   1 
ATOM   979  C CA  . GLY A 1 127 ? -8.272  -6.773  -13.714 1.00 10.21 ? 125 GLY B CA  1 
ATOM   980  C C   . GLY A 1 127 ? -8.057  -8.053  -12.927 1.00 10.39 ? 125 GLY B C   1 
ATOM   981  O O   . GLY A 1 127 ? -8.997  -8.476  -12.238 1.00 12.33 ? 125 GLY B O   1 
ATOM   982  N N   . ASN A 1 128 ? -6.886  -8.654  -13.052 1.00 10.23 ? 126 ASN B N   1 
ATOM   983  C CA  . ASN A 1 128 ? -6.598  -9.971  -12.410 1.00 10.67 ? 126 ASN B CA  1 
ATOM   984  C C   . ASN A 1 128 ? -5.569  -9.832  -11.299 1.00 10.99 ? 126 ASN B C   1 
ATOM   985  O O   . ASN A 1 128 ? -5.236  -10.864 -10.719 1.00 12.30 ? 126 ASN B O   1 
ATOM   986  C CB  . ASN A 1 128 ? -6.067  -10.953 -13.474 1.00 10.85 ? 126 ASN B CB  1 
ATOM   987  C CG  . ASN A 1 128 ? -7.141  -11.373 -14.453 1.00 11.53 ? 126 ASN B CG  1 
ATOM   988  O OD1 . ASN A 1 128 ? -6.834  -11.418 -15.728 1.00 13.65 ? 126 ASN B OD1 1 
ATOM   989  N ND2 . ASN A 1 128 ? -8.282  -11.646 -14.031 1.00 10.05 ? 126 ASN B ND2 1 
ATOM   990  N N   . VAL A 1 129 ? -5.114  -8.630  -11.019 1.00 10.90 ? 127 VAL B N   1 
ATOM   991  C CA  . VAL A 1 129 ? -4.152  -8.372  -9.909  1.00 11.12 ? 127 VAL B CA  1 
ATOM   992  C C   . VAL A 1 129 ? -4.925  -7.730  -8.780  1.00 12.12 ? 127 VAL B C   1 
ATOM   993  O O   . VAL A 1 129 ? -5.639  -6.714  -8.972  1.00 12.28 ? 127 VAL B O   1 
ATOM   994  C CB  . VAL A 1 129 ? -3.028  -7.520  -10.435 1.00 11.11 ? 127 VAL B CB  1 
ATOM   995  C CG1 . VAL A 1 129 ? -2.093  -7.100  -9.236  1.00 13.09 ? 127 VAL B CG1 1 
ATOM   996  C CG2 . VAL A 1 129 ? -2.195  -8.289  -11.423 1.00 12.46 ? 127 VAL B CG2 1 
ATOM   997  N N   . ILE A 1 130 ? -4.719  -8.291  -7.606  1.00 12.04 ? 128 ILE B N   1 
ATOM   998  C CA  . ILE A 1 130 ? -5.161  -7.658  -6.290  1.00 11.32 ? 128 ILE B CA  1 
ATOM   999  C C   . ILE A 1 130 ? -3.940  -7.392  -5.470  1.00 10.93 ? 128 ILE B C   1 
ATOM   1000 O O   . ILE A 1 130 ? -3.101  -8.330  -5.322  1.00 12.85 ? 128 ILE B O   1 
ATOM   1001 C CB  . ILE A 1 130 ? -6.061  -8.631  -5.584  1.00 12.66 ? 128 ILE B CB  1 
ATOM   1002 C CG1 . ILE A 1 130 ? -7.428  -8.723  -6.307  1.00 16.34 ? 128 ILE B CG1 1 
ATOM   1003 C CG2 . ILE A 1 130 ? -6.287  -8.091  -4.094  1.00 17.21 ? 128 ILE B CG2 1 
ATOM   1004 C CD1 . ILE A 1 130 ? -8.542  -9.684  -5.960  1.00 25.38 ? 128 ILE B CD1 1 
ATOM   1005 N N   . ILE A 1 131 ? -3.751  -6.167  -5.030  1.00 11.94 ? 129 ILE B N   1 
ATOM   1006 C CA  . ILE A 1 131 ? -2.705  -5.835  -4.012  1.00 11.46 ? 129 ILE B CA  1 
ATOM   1007 C C   . ILE A 1 131 ? -3.407  -5.883  -2.642  1.00 10.57 ? 129 ILE B C   1 
ATOM   1008 O O   . ILE A 1 131 ? -4.386  -5.126  -2.422  1.00 11.70 ? 129 ILE B O   1 
ATOM   1009 C CB  . ILE A 1 131 ? -2.152  -4.488  -4.258  1.00 12.38 ? 129 ILE B CB  1 
ATOM   1010 C CG1 . ILE A 1 131 ? -1.658  -4.252  -5.695  1.00 14.01 ? 129 ILE B CG1 1 
ATOM   1011 C CG2 . ILE A 1 131 ? -1.021  -4.257  -3.184  1.00 13.39 ? 129 ILE B CG2 1 
ATOM   1012 C CD1 . ILE A 1 131 ? -0.550  -5.187  -6.137  1.00 16.19 ? 129 ILE B CD1 1 
ATOM   1013 N N   . GLU A 1 132 ? -2.950  -6.800  -1.812  1.00 11.47 ? 130 GLU B N   1 
ATOM   1014 C CA  . GLU A 1 132 ? -3.463  -6.902  -0.441  1.00 11.67 ? 130 GLU B CA  1 
ATOM   1015 C C   . GLU A 1 132 ? -2.509  -6.179  0.456   1.00 12.40 ? 130 GLU B C   1 
ATOM   1016 O O   . GLU A 1 132 ? -1.313  -6.548  0.487   1.00 14.21 ? 130 GLU B O   1 
ATOM   1017 C CB  . GLU A 1 132 ? -3.578  -8.377  -0.055  1.00 13.92 ? 130 GLU B CB  1 
ATOM   1018 C CG  . GLU A 1 132 ? -4.157  -8.534  1.407   1.00 16.72 ? 130 GLU B CG  1 
ATOM   1019 C CD  . GLU A 1 132 ? -3.860  -9.943  1.881   1.00 23.52 ? 130 GLU B CD  1 
ATOM   1020 O OE1 . GLU A 1 132 ? -2.697  -10.265 2.206   1.00 25.43 ? 130 GLU B OE1 1 
ATOM   1021 O OE2 . GLU A 1 132 ? -4.797  -10.729 1.785   1.00 29.47 ? 130 GLU B OE2 1 
ATOM   1022 N N   . THR A 1 133 ? -2.980  -5.204  1.217   1.00 11.87 ? 131 THR B N   1 
ATOM   1023 C CA  . THR A 1 133 ? -2.121  -4.398  2.131   1.00 13.37 ? 131 THR B CA  1 
ATOM   1024 C C   . THR A 1 133 ? -2.593  -4.646  3.551   1.00 13.87 ? 131 THR B C   1 
ATOM   1025 O O   . THR A 1 133 ? -3.774  -4.485  3.908   1.00 13.37 ? 131 THR B O   1 
ATOM   1026 C CB  . THR A 1 133 ? -2.412  -2.987  1.702   1.00 15.85 ? 131 THR B CB  1 
ATOM   1027 O OG1 . THR A 1 133 ? -1.718  -2.736  0.436   1.00 13.74 ? 131 THR B OG1 1 
ATOM   1028 C CG2 . THR A 1 133 ? -1.833  -2.005  2.704   1.00 22.14 ? 131 THR B CG2 1 
ATOM   1029 N N   . LYS A 1 134 ? -1.586  -5.043  4.335   1.00 13.05 ? 132 LYS B N   1 
ATOM   1030 C CA  . LYS A 1 134 ? -1.802  -5.187  5.790   1.00 12.60 ? 132 LYS B CA  1 
ATOM   1031 C C   . LYS A 1 134 ? -0.984  -4.160  6.524   1.00 12.11 ? 132 LYS B C   1 
ATOM   1032 O O   . LYS A 1 134 ? 0.255   -4.137  6.380   1.00 12.72 ? 132 LYS B O   1 
ATOM   1033 C CB  . LYS A 1 134 ? -1.530  -6.552  6.268   1.00 13.50 ? 132 LYS B CB  1 
ATOM   1034 C CG  . LYS A 1 134 ? -2.557  -7.584  5.821   1.00 17.61 ? 132 LYS B CG  1 
ATOM   1035 C CD  . LYS A 1 134 ? -2.102  -8.963  6.361   1.00 20.17 ? 132 LYS B CD  1 
ATOM   1036 C CE  . LYS A 1 134 ? -2.882  -10.068 5.761   1.00 29.59 ? 132 LYS B CE  1 
ATOM   1037 N NZ  . LYS A 1 134 ? -4.171  -9.952  6.387   1.00 34.73 ? 132 LYS B NZ  1 
ATOM   1038 N N   . PHE A 1 135 ? -1.651  -3.309  7.348   1.00 12.43 ? 133 PHE B N   1 
ATOM   1039 C CA  . PHE A 1 135 ? -0.916  -2.363  8.194   1.00 12.12 ? 133 PHE B CA  1 
ATOM   1040 C C   . PHE A 1 135 ? -0.910  -2.956  9.589   1.00 11.85 ? 133 PHE B C   1 
ATOM   1041 O O   . PHE A 1 135 ? -1.844  -3.459  10.144  1.00 12.73 ? 133 PHE B O   1 
ATOM   1042 C CB  . PHE A 1 135 ? -1.700  -1.027  8.270   1.00 16.35 ? 133 PHE B CB  1 
ATOM   1043 C CG  . PHE A 1 135 ? -1.399  -0.088  7.074   1.00 18.19 ? 133 PHE B CG  1 
ATOM   1044 C CD1 . PHE A 1 135 ? -0.131  0.487   6.852   1.00 18.49 ? 133 PHE B CD1 1 
ATOM   1045 C CD2 . PHE A 1 135 ? -2.391  0.116   6.142   1.00 22.78 ? 133 PHE B CD2 1 
ATOM   1046 C CE1 . PHE A 1 135 ? 0.065   1.360   5.773   1.00 21.19 ? 133 PHE B CE1 1 
ATOM   1047 C CE2 . PHE A 1 135 ? -2.183  1.011   5.024   1.00 21.77 ? 133 PHE B CE2 1 
ATOM   1048 C CZ  . PHE A 1 135 ? -0.981  1.623   4.867   1.00 24.67 ? 133 PHE B CZ  1 
ATOM   1049 N N   . PHE A 1 136 ? 0.300   -2.881  10.183  1.00 13.43 ? 134 PHE B N   1 
ATOM   1050 C CA  . PHE A 1 136 ? 0.583   -3.355  11.545  1.00 12.44 ? 134 PHE B CA  1 
ATOM   1051 C C   . PHE A 1 136 ? 1.200   -2.275  12.373  1.00 12.08 ? 134 PHE B C   1 
ATOM   1052 O O   . PHE A 1 136 ? 1.909   -1.409  11.912  1.00 11.91 ? 134 PHE B O   1 
ATOM   1053 C CB  . PHE A 1 136 ? 1.652   -4.468  11.458  1.00 13.09 ? 134 PHE B CB  1 
ATOM   1054 C CG  . PHE A 1 136 ? 1.197   -5.757  10.869  1.00 13.45 ? 134 PHE B CG  1 
ATOM   1055 C CD1 . PHE A 1 136 ? 0.662   -6.789  11.612  1.00 16.02 ? 134 PHE B CD1 1 
ATOM   1056 C CD2 . PHE A 1 136 ? 1.309   -5.975  9.463   1.00 15.74 ? 134 PHE B CD2 1 
ATOM   1057 C CE1 . PHE A 1 136 ? 0.285   -8.038  11.052  1.00 17.42 ? 134 PHE B CE1 1 
ATOM   1058 C CE2 . PHE A 1 136 ? 0.971   -7.250  8.947   1.00 16.62 ? 134 PHE B CE2 1 
ATOM   1059 C CZ  . PHE A 1 136 ? 0.411   -8.224  9.697   1.00 16.27 ? 134 PHE B CZ  1 
ATOM   1060 N N   . ASP A 1 137 ? 0.958   -2.408  13.722  1.00 13.88 ? 135 ASP B N   1 
ATOM   1061 C CA  . ASP A 1 137 ? 1.905   -1.756  14.725  1.00 14.43 ? 135 ASP B CA  1 
ATOM   1062 C C   . ASP A 1 137 ? 2.594   -2.927  15.395  1.00 14.88 ? 135 ASP B C   1 
ATOM   1063 O O   . ASP A 1 137 ? 2.000   -3.653  16.149  1.00 15.83 ? 135 ASP B O   1 
ATOM   1064 C CB  . ASP A 1 137 ? 1.124   -0.930  15.722  1.00 16.08 ? 135 ASP B CB  1 
ATOM   1065 C CG  . ASP A 1 137 ? 2.071   -0.267  16.668  1.00 19.13 ? 135 ASP B CG  1 
ATOM   1066 O OD1 . ASP A 1 137 ? 3.272   -0.355  16.501  1.00 18.91 ? 135 ASP B OD1 1 
ATOM   1067 O OD2 . ASP A 1 137 ? 1.572   0.370   17.648  1.00 23.91 ? 135 ASP B OD2 1 
ATOM   1068 N N   . ASP A 1 138 ? 3.858   -3.145  14.965  1.00 16.02 ? 136 ASP B N   1 
ATOM   1069 C CA  . ASP A 1 138 ? 4.615   -4.343  15.437  1.00 19.08 ? 136 ASP B CA  1 
ATOM   1070 C C   . ASP A 1 138 ? 3.920   -5.619  15.077  1.00 17.76 ? 136 ASP B C   1 
ATOM   1071 O O   . ASP A 1 138 ? 3.790   -5.816  13.827  1.00 18.99 ? 136 ASP B O   1 
ATOM   1072 C CB  . ASP A 1 138 ? 4.920   -4.209  16.970  1.00 20.59 ? 136 ASP B CB  1 
ATOM   1073 C CG  . ASP A 1 138 ? 5.963   -5.175  17.420  1.00 29.61 ? 136 ASP B CG  1 
ATOM   1074 O OD1 . ASP A 1 138 ? 6.747   -5.643  16.587  1.00 28.44 ? 136 ASP B OD1 1 
ATOM   1075 O OD2 . ASP A 1 138 ? 6.028   -5.353  18.651  1.00 37.60 ? 136 ASP B OD2 1 
ATOM   1076 N N   . ASP A 1 139 ? 3.422   -6.456  15.954  1.00 19.59 ? 137 ASP B N   1 
ATOM   1077 C CA  . ASP A 1 139 ? 2.771   -7.668  15.513  1.00 20.58 ? 137 ASP B CA  1 
ATOM   1078 C C   . ASP A 1 139 ? 1.282   -7.543  15.517  1.00 18.64 ? 137 ASP B C   1 
ATOM   1079 O O   . ASP A 1 139 ? 0.558   -8.512  15.317  1.00 23.38 ? 137 ASP B O   1 
ATOM   1080 C CB  . ASP A 1 139 ? 3.202   -8.887  16.385  1.00 25.50 ? 137 ASP B CB  1 
ATOM   1081 C CG  . ASP A 1 139 ? 3.135   -8.598  17.909  1.00 41.71 ? 137 ASP B CG  1 
ATOM   1082 O OD1 . ASP A 1 139 ? 2.631   -7.530  18.362  1.00 45.14 ? 137 ASP B OD1 1 
ATOM   1083 O OD2 . ASP A 1 139 ? 3.616   -9.475  18.679  1.00 53.87 ? 137 ASP B OD2 1 
ATOM   1084 N N   . LEU A 1 140 ? 0.791   -6.320  15.814  1.00 16.36 ? 138 LEU B N   1 
ATOM   1085 C CA  . LEU A 1 140 ? -0.625  -6.099  15.917  1.00 16.80 ? 138 LEU B CA  1 
ATOM   1086 C C   . LEU A 1 140 ? -1.193  -5.680  14.511  1.00 14.14 ? 138 LEU B C   1 
ATOM   1087 O O   . LEU A 1 140 ? -0.881  -4.602  14.004  1.00 14.69 ? 138 LEU B O   1 
ATOM   1088 C CB  . LEU A 1 140 ? -0.923  -5.015  16.942  1.00 18.22 ? 138 LEU B CB  1 
ATOM   1089 C CG  . LEU A 1 140 ? -2.430  -4.773  17.176  1.00 17.78 ? 138 LEU B CG  1 
ATOM   1090 C CD1 . LEU A 1 140 ? -3.125  -6.023  17.770  1.00 21.65 ? 138 LEU B CD1 1 
ATOM   1091 C CD2 . LEU A 1 140 ? -2.617  -3.486  18.094  1.00 23.03 ? 138 LEU B CD2 1 
ATOM   1092 N N   . LEU A 1 141 ? -2.069  -6.539  13.972  1.00 16.15 ? 139 LEU B N   1 
ATOM   1093 C CA  . LEU A 1 141 ? -2.766  -6.225  12.695  1.00 15.45 ? 139 LEU B CA  1 
ATOM   1094 C C   . LEU A 1 141 ? -3.797  -5.175  12.853  1.00 14.37 ? 139 LEU B C   1 
ATOM   1095 O O   . LEU A 1 141 ? -4.740  -5.468  13.659  1.00 20.45 ? 139 LEU B O   1 
ATOM   1096 C CB  . LEU A 1 141 ? -3.343  -7.542  12.098  1.00 16.57 ? 139 LEU B CB  1 
ATOM   1097 C CG  . LEU A 1 141 ? -4.069  -7.294  10.725  1.00 15.04 ? 139 LEU B CG  1 
ATOM   1098 C CD1 . LEU A 1 141 ? -3.112  -6.831  9.608   1.00 16.88 ? 139 LEU B CD1 1 
ATOM   1099 C CD2 . LEU A 1 141 ? -4.696  -8.697  10.372  1.00 19.87 ? 139 LEU B CD2 1 
ATOM   1100 N N   . VAL A 1 142 ? -3.672  -4.038  12.190  1.00 14.73 ? 140 VAL B N   1 
ATOM   1101 C CA  . VAL A 1 142 ? -4.590  -2.918  12.327  1.00 15.60 ? 140 VAL B CA  1 
ATOM   1102 C C   . VAL A 1 142 ? -5.616  -2.855  11.204  1.00 19.21 ? 140 VAL B C   1 
ATOM   1103 O O   . VAL A 1 142 ? -6.793  -2.463  11.439  1.00 19.88 ? 140 VAL B O   1 
ATOM   1104 C CB  . VAL A 1 142 ? -3.837  -1.618  12.391  1.00 18.98 ? 140 VAL B CB  1 
ATOM   1105 C CG1 . VAL A 1 142 ? -4.801  -0.379  12.352  1.00 19.50 ? 140 VAL B CG1 1 
ATOM   1106 C CG2 . VAL A 1 142 ? -2.954  -1.663  13.723  1.00 17.78 ? 140 VAL B CG2 1 
ATOM   1107 N N   . SER A 1 143 ? -5.205  -3.165  9.977   1.00 15.74 ? 141 SER B N   1 
ATOM   1108 C CA  . SER A 1 143 ? -6.244  -3.330  8.933   1.00 19.59 ? 141 SER B CA  1 
ATOM   1109 C C   . SER A 1 143 ? -5.710  -4.093  7.730   1.00 16.47 ? 141 SER B C   1 
ATOM   1110 O O   . SER A 1 143 ? -4.463  -4.140  7.475   1.00 16.27 ? 141 SER B O   1 
ATOM   1111 C CB  . SER A 1 143 ? -6.740  -2.054  8.499   1.00 27.64 ? 141 SER B CB  1 
ATOM   1112 O OG  . SER A 1 143 ? -5.700  -1.353  7.947   1.00 22.25 ? 141 SER B OG  1 
ATOM   1113 N N   . THR A 1 144 ? -6.652  -4.670  7.018   1.00 14.51 ? 142 THR B N   1 
ATOM   1114 C CA  . THR A 1 144 ? -6.364  -5.422  5.798   1.00 15.51 ? 142 THR B CA  1 
ATOM   1115 C C   . THR A 1 144 ? -7.262  -4.812  4.750   1.00 13.40 ? 142 THR B C   1 
ATOM   1116 O O   . THR A 1 144 ? -8.458  -4.627  4.971   1.00 16.55 ? 142 THR B O   1 
ATOM   1117 C CB  . THR A 1 144 ? -6.710  -6.900  5.936   1.00 17.02 ? 142 THR B CB  1 
ATOM   1118 O OG1 . THR A 1 144 ? -5.946  -7.442  7.060   1.00 17.69 ? 142 THR B OG1 1 
ATOM   1119 C CG2 . THR A 1 144 ? -6.399  -7.710  4.721   1.00 19.00 ? 142 THR B CG2 1 
ATOM   1120 N N   . SER A 1 145 ? -6.656  -4.538  3.601   1.00 13.44 ? 143 SER B N   1 
ATOM   1121 C CA  . SER A 1 145 ? -7.483  -3.894  2.511   1.00 13.00 ? 143 SER B CA  1 
ATOM   1122 C C   . SER A 1 145 ? -6.931  -4.416  1.213   1.00 12.43 ? 143 SER B C   1 
ATOM   1123 O O   . SER A 1 145 ? -5.839  -4.995  1.131   1.00 13.01 ? 143 SER B O   1 
ATOM   1124 C CB  . SER A 1 145 ? -7.379  -2.385  2.628   1.00 15.94 ? 143 SER B CB  1 
ATOM   1125 O OG  . SER A 1 145 ? -6.040  -1.949  2.556   1.00 15.16 ? 143 SER B OG  1 
ATOM   1126 N N   . ARG A 1 146 ? -7.744  -4.220  0.181   1.00 11.59 ? 144 ARG B N   1 
ATOM   1127 C CA  . ARG A 1 146 ? -7.415  -4.779  -1.204  1.00 11.46 ? 144 ARG B CA  1 
ATOM   1128 C C   . ARG A 1 146 ? -7.709  -3.736  -2.231  1.00 10.56 ? 144 ARG B C   1 
ATOM   1129 O O   . ARG A 1 146 ? -8.764  -3.001  -2.193  1.00 12.14 ? 144 ARG B O   1 
ATOM   1130 C CB  . ARG A 1 146 ? -8.298  -6.004  -1.508  1.00 12.73 ? 144 ARG B CB  1 
ATOM   1131 C CG  . ARG A 1 146 ? -7.871  -7.164  -0.622  1.00 17.04 ? 144 ARG B CG  1 
ATOM   1132 C CD  . ARG A 1 146 ? -8.909  -8.372  -0.610  1.00 20.02 ? 144 ARG B CD  1 
ATOM   1133 N NE  . ARG A 1 146 ? -8.300  -9.424  0.257   1.00 29.38 ? 144 ARG B NE  1 
ATOM   1134 C CZ  . ARG A 1 146 ? -8.471  -9.487  1.591   1.00 32.33 ? 144 ARG B CZ  1 
ATOM   1135 N NH1 . ARG A 1 146 ? -9.227  -8.602  2.255   1.00 35.20 ? 144 ARG B NH1 1 
ATOM   1136 N NH2 . ARG A 1 146 ? -7.882  -10.460 2.271   1.00 41.04 ? 144 ARG B NH2 1 
ATOM   1137 N N   . VAL A 1 147 ? -6.842  -3.674  -3.238  1.00 9.99  ? 145 VAL B N   1 
ATOM   1138 C CA  . VAL A 1 147 ? -7.088  -2.868  -4.433  1.00 10.95 ? 145 VAL B CA  1 
ATOM   1139 C C   . VAL A 1 147 ? -6.929  -3.779  -5.634  1.00 11.01 ? 145 VAL B C   1 
ATOM   1140 O O   . VAL A 1 147 ? -5.876  -4.457  -5.819  1.00 12.46 ? 145 VAL B O   1 
ATOM   1141 C CB  . VAL A 1 147 ? -6.054  -1.726  -4.587  1.00 11.58 ? 145 VAL B CB  1 
ATOM   1142 C CG1 . VAL A 1 147 ? -6.331  -0.833  -5.779  1.00 15.18 ? 145 VAL B CG1 1 
ATOM   1143 C CG2 . VAL A 1 147 ? -6.041  -0.790  -3.298  1.00 14.85 ? 145 VAL B CG2 1 
ATOM   1144 N N   . ARG A 1 148 ? -7.943  -3.772  -6.498  1.00 10.42 ? 146 ARG B N   1 
ATOM   1145 C CA  . ARG A 1 148 ? -7.828  -4.440  -7.828  1.00 10.87 ? 146 ARG B CA  1 
ATOM   1146 C C   . ARG A 1 148 ? -7.222  -3.473  -8.862  1.00 9.72  ? 146 ARG B C   1 
ATOM   1147 O O   . ARG A 1 148 ? -7.645  -2.303  -8.901  1.00 11.25 ? 146 ARG B O   1 
ATOM   1148 C CB  . ARG A 1 148 ? -9.231  -4.866  -8.265  1.00 11.45 ? 146 ARG B CB  1 
ATOM   1149 C CG  . ARG A 1 148 ? -9.185  -5.671  -9.590  1.00 12.00 ? 146 ARG B CG  1 
ATOM   1150 C CD  . ARG A 1 148 ? -10.634 -6.156  -9.917  1.00 13.47 ? 146 ARG B CD  1 
ATOM   1151 N NE  . ARG A 1 148 ? -11.093 -7.175  -8.931  1.00 18.24 ? 146 ARG B NE  1 
ATOM   1152 C CZ  . ARG A 1 148 ? -10.684 -8.443  -8.788  1.00 20.51 ? 146 ARG B CZ  1 
ATOM   1153 N NH1 . ARG A 1 148 ? -9.767  -9.093  -9.575  1.00 19.14 ? 146 ARG B NH1 1 
ATOM   1154 N NH2 . ARG A 1 148 ? -11.291 -9.131  -7.805  1.00 23.38 ? 146 ARG B NH2 1 
ATOM   1155 N N   . LEU A 1 149 ? -6.238  -3.928  -9.609  1.00 10.57 ? 147 LEU B N   1 
ATOM   1156 C CA  . LEU A 1 149 ? -5.527  -3.079  -10.529 1.00 9.68  ? 147 LEU B CA  1 
ATOM   1157 C C   . LEU A 1 149 ? -5.882  -3.315  -12.004 1.00 10.18 ? 147 LEU B C   1 
ATOM   1158 O O   . LEU A 1 149 ? -6.045  -4.472  -12.421 1.00 11.52 ? 147 LEU B O   1 
ATOM   1159 C CB  . LEU A 1 149 ? -4.011  -3.299  -10.417 1.00 11.55 ? 147 LEU B CB  1 
ATOM   1160 C CG  . LEU A 1 149 ? -3.412  -2.844  -9.059  1.00 12.88 ? 147 LEU B CG  1 
ATOM   1161 C CD1 . LEU A 1 149 ? -1.934  -2.963  -9.144  1.00 15.62 ? 147 LEU B CD1 1 
ATOM   1162 C CD2 . LEU A 1 149 ? -3.852  -1.387  -8.711  1.00 20.12 ? 147 LEU B CD2 1 
ATOM   1163 N N   . PHE A 1 150 ? -6.034  -2.218  -12.702 1.00 11.22 ? 148 PHE B N   1 
ATOM   1164 C CA  . PHE A 1 150 ? -6.214  -2.229  -14.197 1.00 10.97 ? 148 PHE B CA  1 
ATOM   1165 C C   . PHE A 1 150 ? -5.038  -1.485  -14.738 1.00 12.10 ? 148 PHE B C   1 
ATOM   1166 O O   . PHE A 1 150 ? -4.587  -0.444  -14.170 1.00 13.74 ? 148 PHE B O   1 
ATOM   1167 C CB  . PHE A 1 150 ? -7.522  -1.496  -14.578 1.00 12.22 ? 148 PHE B CB  1 
ATOM   1168 C CG  . PHE A 1 150 ? -8.735  -2.085  -13.917 1.00 11.27 ? 148 PHE B CG  1 
ATOM   1169 C CD1 . PHE A 1 150 ? -9.277  -3.293  -14.304 1.00 11.00 ? 148 PHE B CD1 1 
ATOM   1170 C CD2 . PHE A 1 150 ? -9.223  -1.503  -12.791 1.00 17.69 ? 148 PHE B CD2 1 
ATOM   1171 C CE1 . PHE A 1 150 ? -10.316 -3.885  -13.698 1.00 11.67 ? 148 PHE B CE1 1 
ATOM   1172 C CE2 . PHE A 1 150 ? -10.281 -2.100  -12.081 1.00 18.54 ? 148 PHE B CE2 1 
ATOM   1173 C CZ  . PHE A 1 150 ? -10.836 -3.349  -12.518 1.00 13.63 ? 148 PHE B CZ  1 
ATOM   1174 N N   . TYR A 1 151 ? -4.445  -2.035  -15.777 1.00 11.54 ? 149 TYR B N   1 
ATOM   1175 C CA  . TYR A 1 151 ? -3.281  -1.448  -16.487 1.00 10.98 ? 149 TYR B CA  1 
ATOM   1176 C C   . TYR A 1 151 ? -3.746  -0.875  -17.822 1.00 14.00 ? 149 TYR B C   1 
ATOM   1177 O O   . TYR A 1 151 ? -4.305  -1.616  -18.625 1.00 13.99 ? 149 TYR B O   1 
ATOM   1178 C CB  . TYR A 1 151 ? -2.182  -2.496  -16.687 1.00 13.76 ? 149 TYR B CB  1 
ATOM   1179 C CG  . TYR A 1 151 ? -1.738  -3.157  -15.384 1.00 11.48 ? 149 TYR B CG  1 
ATOM   1180 C CD1 . TYR A 1 151 ? -0.733  -2.530  -14.583 1.00 13.17 ? 149 TYR B CD1 1 
ATOM   1181 C CD2 . TYR A 1 151 ? -2.344  -4.248  -14.880 1.00 11.78 ? 149 TYR B CD2 1 
ATOM   1182 C CE1 . TYR A 1 151 ? -0.356  -3.108  -13.355 1.00 14.38 ? 149 TYR B CE1 1 
ATOM   1183 C CE2 . TYR A 1 151 ? -2.004  -4.833  -13.617 1.00 11.99 ? 149 TYR B CE2 1 
ATOM   1184 C CZ  . TYR A 1 151 ? -1.016  -4.244  -12.876 1.00 13.24 ? 149 TYR B CZ  1 
ATOM   1185 O OH  . TYR A 1 151 ? -0.630  -4.806  -11.686 1.00 13.40 ? 149 TYR B OH  1 
ATOM   1186 N N   . VAL A 1 152 ? -3.557  0.435   -17.985 1.00 15.49 ? 150 VAL B N   1 
ATOM   1187 C CA  . VAL A 1 152 ? -4.170  1.155   -19.146 1.00 19.21 ? 150 VAL B CA  1 
ATOM   1188 C C   . VAL A 1 152 ? -3.108  1.923   -19.941 1.00 21.81 ? 150 VAL B C   1 
ATOM   1189 O O   . VAL A 1 152 ? -1.971  2.096   -19.585 1.00 21.38 ? 150 VAL B O   1 
ATOM   1190 C CB  . VAL A 1 152 ? -5.182  2.129   -18.587 1.00 19.94 ? 150 VAL B CB  1 
ATOM   1191 C CG1 . VAL A 1 152 ? -6.148  1.474   -17.596 1.00 22.94 ? 150 VAL B CG1 1 
ATOM   1192 C CG2 . VAL A 1 152 ? -4.458  3.258   -17.862 1.00 25.70 ? 150 VAL B CG2 1 
HETATM 1193 C CAS . 1M1 B 2 .   ? -1.581  0.334   -6.517  1.00 17.74 ? 201 1M1 B CAS 1 
HETATM 1194 C CAT . 1M1 B 2 .   ? -1.828  1.288   -7.426  1.00 18.87 ? 201 1M1 B CAT 1 
HETATM 1195 C CAU . 1M1 B 2 .   ? -2.531  2.450   -7.209  1.00 18.80 ? 201 1M1 B CAU 1 
HETATM 1196 C CAV . 1M1 B 2 .   ? -2.972  2.699   -5.976  1.00 21.30 ? 201 1M1 B CAV 1 
HETATM 1197 N NAW . 1M1 B 2 .   ? -2.682  1.776   -4.979  1.00 28.54 ? 201 1M1 B NAW 1 
HETATM 1198 C CAR . 1M1 B 2 .   ? -2.022  0.620   -5.268  1.00 17.06 ? 201 1M1 B CAR 1 
HETATM 1199 C CAQ . 1M1 B 2 .   ? -1.650  -0.437  -4.244  1.00 16.30 ? 201 1M1 B CAQ 1 
HETATM 1200 N NAE . 1M1 B 2 .   ? -0.226  -0.274  -3.854  1.00 17.28 ? 201 1M1 B NAE 1 
HETATM 1201 C CAD . 1M1 B 2 .   ? 0.911   -0.553  -4.602  1.00 16.68 ? 201 1M1 B CAD 1 
HETATM 1202 C CAI . 1M1 B 2 .   ? 1.049   -1.231  -5.859  1.00 18.00 ? 201 1M1 B CAI 1 
HETATM 1203 C CAH . 1M1 B 2 .   ? 2.338   -1.348  -6.361  1.00 21.05 ? 201 1M1 B CAH 1 
HETATM 1204 C CAG . 1M1 B 2 .   ? 3.441   -0.859  -5.632  1.00 20.23 ? 201 1M1 B CAG 1 
HETATM 1205 C CAF . 1M1 B 2 .   ? 3.271   -0.186  -4.390  1.00 20.28 ? 201 1M1 B CAF 1 
HETATM 1206 C CAC . 1M1 B 2 .   ? 1.951   -0.025  -3.937  1.00 17.65 ? 201 1M1 B CAC 1 
HETATM 1207 N NAB . 1M1 B 2 .   ? 1.520   0.533   -2.750  1.00 17.06 ? 201 1M1 B NAB 1 
HETATM 1208 C CAA . 1M1 B 2 .   ? 0.183   0.472   -2.767  1.00 16.72 ? 201 1M1 B CAA 1 
HETATM 1209 C CAJ . 1M1 B 2 .   ? -0.754  0.849   -1.771  1.00 16.36 ? 201 1M1 B CAJ 1 
HETATM 1210 C CAK . 1M1 B 2 .   ? -0.317  1.543   -0.605  1.00 17.13 ? 201 1M1 B CAK 1 
HETATM 1211 C CAL . 1M1 B 2 .   ? -1.304  1.775   0.369   1.00 19.46 ? 201 1M1 B CAL 1 
HETATM 1212 C CAM . 1M1 B 2 .   ? -2.651  1.344   0.243   1.00 17.25 ? 201 1M1 B CAM 1 
HETATM 1213 C CAN . 1M1 B 2 .   ? -2.999  0.634   -0.880  1.00 16.81 ? 201 1M1 B CAN 1 
HETATM 1214 C CAO . 1M1 B 2 .   ? -2.036  0.343   -1.865  1.00 15.72 ? 201 1M1 B CAO 1 
HETATM 1215 N NAP . 1M1 B 2 .   ? -2.473  -0.412  -3.015  1.00 16.18 ? 201 1M1 B NAP 1 
HETATM 1216 C CAS . 1M1 C 2 .   ? 7.117   -3.480  -8.831  1.00 19.12 ? 202 1M1 B CAS 1 
HETATM 1217 C CAT . 1M1 C 2 .   ? 8.195   -2.650  -9.130  1.00 21.42 ? 202 1M1 B CAT 1 
HETATM 1218 C CAU . 1M1 C 2 .   ? 8.376   -2.267  -10.442 1.00 21.33 ? 202 1M1 B CAU 1 
HETATM 1219 C CAV . 1M1 C 2 .   ? 7.536   -2.649  -11.513 1.00 23.10 ? 202 1M1 B CAV 1 
HETATM 1220 N NAW . 1M1 C 2 .   ? 6.468   -3.392  -11.208 1.00 23.46 ? 202 1M1 B NAW 1 
HETATM 1221 C CAR . 1M1 C 2 .   ? 6.263   -3.795  -9.915  1.00 20.25 ? 202 1M1 B CAR 1 
HETATM 1222 C CAQ . 1M1 C 2 .   ? 5.103   -4.666  -9.491  1.00 19.19 ? 202 1M1 B CAQ 1 
HETATM 1223 N NAE . 1M1 C 2 .   ? 3.794   -4.051  -9.948  1.00 17.65 ? 202 1M1 B NAE 1 
HETATM 1224 C CAD . 1M1 C 2 .   ? 3.390   -2.732  -9.855  1.00 16.27 ? 202 1M1 B CAD 1 
HETATM 1225 C CAI . 1M1 C 2 .   ? 4.065   -1.591  -9.434  1.00 20.70 ? 202 1M1 B CAI 1 
HETATM 1226 C CAH . 1M1 C 2 .   ? 3.333   -0.408  -9.424  1.00 19.09 ? 202 1M1 B CAH 1 
HETATM 1227 C CAG . 1M1 C 2 .   ? 1.977   -0.335  -9.798  1.00 17.62 ? 202 1M1 B CAG 1 
HETATM 1228 C CAF . 1M1 C 2 .   ? 1.296   -1.509  -10.186 1.00 16.54 ? 202 1M1 B CAF 1 
HETATM 1229 C CAC . 1M1 C 2 .   ? 2.027   -2.703  -10.226 1.00 14.95 ? 202 1M1 B CAC 1 
HETATM 1230 N NAB . 1M1 C 2 .   ? 1.727   -4.014  -10.524 1.00 15.53 ? 202 1M1 B NAB 1 
HETATM 1231 C CAA . 1M1 C 2 .   ? 2.759   -4.837  -10.340 1.00 15.43 ? 202 1M1 B CAA 1 
HETATM 1232 C CAJ . 1M1 C 2 .   ? 2.959   -6.199  -10.519 1.00 15.30 ? 202 1M1 B CAJ 1 
HETATM 1233 C CAK . 1M1 C 2 .   ? 1.921   -7.005  -10.959 1.00 14.43 ? 202 1M1 B CAK 1 
HETATM 1234 C CAL . 1M1 C 2 .   ? 2.054   -8.376  -11.118 1.00 16.61 ? 202 1M1 B CAL 1 
HETATM 1235 C CAM . 1M1 C 2 .   ? 3.299   -8.924  -10.884 1.00 16.47 ? 202 1M1 B CAM 1 
HETATM 1236 C CAN . 1M1 C 2 .   ? 4.372   -8.152  -10.453 1.00 18.47 ? 202 1M1 B CAN 1 
HETATM 1237 C CAO . 1M1 C 2 .   ? 4.182   -6.820  -10.286 1.00 19.34 ? 202 1M1 B CAO 1 
HETATM 1238 N NAP . 1M1 C 2 .   ? 5.277   -6.022  -9.895  1.00 26.12 ? 202 1M1 B NAP 1 
HETATM 1239 O O   . HOH D 3 .   ? 10.034  1.937   3.349   1.00 11.32 ? 301 HOH B O   1 
HETATM 1240 O O   . HOH D 3 .   ? -7.219  5.275   -10.239 1.00 11.92 ? 302 HOH B O   1 
HETATM 1241 O O   . HOH D 3 .   ? -8.374  -11.999 -9.238  1.00 14.84 ? 303 HOH B O   1 
HETATM 1242 O O   . HOH D 3 .   ? -4.553  6.143   14.780  1.00 12.41 ? 304 HOH B O   1 
HETATM 1243 O O   . HOH D 3 .   ? -4.234  -10.606 -22.734 1.00 15.28 ? 305 HOH B O   1 
HETATM 1244 O O   . HOH D 3 .   ? -3.725  -2.639  -1.418  1.00 14.09 ? 306 HOH B O   1 
HETATM 1245 O O   . HOH D 3 .   ? -10.212 -2.923  1.294   1.00 15.90 ? 307 HOH B O   1 
HETATM 1246 O O   . HOH D 3 .   ? -0.143  -5.812  -22.983 1.00 17.19 ? 308 HOH B O   1 
HETATM 1247 O O   . HOH D 3 .   ? -6.811  -7.379  -21.742 1.00 15.52 ? 309 HOH B O   1 
HETATM 1248 O O   . HOH D 3 .   ? -5.925  -11.884 -7.582  1.00 16.60 ? 310 HOH B O   1 
HETATM 1249 O O   . HOH D 3 .   ? -2.247  6.572   21.341  1.00 17.34 ? 311 HOH B O   1 
HETATM 1250 O O   . HOH D 3 .   ? -3.138  -17.957 -10.380 1.00 18.45 ? 312 HOH B O   1 
HETATM 1251 O O   . HOH D 3 .   ? 5.601   4.636   1.212   1.00 17.34 ? 313 HOH B O   1 
HETATM 1252 O O   . HOH D 3 .   ? 6.542   -5.217  7.535   1.00 20.27 ? 314 HOH B O   1 
HETATM 1253 O O   . HOH D 3 .   ? -9.282  -4.973  8.563   1.00 19.99 ? 315 HOH B O   1 
HETATM 1254 O O   . HOH D 3 .   ? -12.171 8.598   13.867  1.00 17.89 ? 316 HOH B O   1 
HETATM 1255 O O   . HOH D 3 .   ? -5.899  8.881   21.630  1.00 18.51 ? 317 HOH B O   1 
HETATM 1256 O O   . HOH D 3 .   ? -3.981  10.997  20.575  1.00 17.02 ? 318 HOH B O   1 
HETATM 1257 O O   . HOH D 3 .   ? -10.821 9.007   1.659   1.00 18.24 ? 319 HOH B O   1 
HETATM 1258 O O   . HOH D 3 .   ? 8.964   10.747  -20.898 1.00 22.08 ? 320 HOH B O   1 
HETATM 1259 O O   . HOH D 3 .   ? -12.944 2.938   19.638  1.00 19.26 ? 321 HOH B O   1 
HETATM 1260 O O   . HOH D 3 .   ? 7.864   -7.612  -9.235  1.00 21.55 ? 322 HOH B O   1 
HETATM 1261 O O   . HOH D 3 .   ? 11.270  -0.261  4.938   1.00 21.31 ? 323 HOH B O   1 
HETATM 1262 O O   . HOH D 3 .   ? 5.364   10.914  13.632  1.00 19.68 ? 324 HOH B O   1 
HETATM 1263 O O   . HOH D 3 .   ? -10.069 6.926   5.703   1.00 20.09 ? 325 HOH B O   1 
HETATM 1264 O O   . HOH D 3 .   ? -8.098  10.247  2.013   1.00 20.59 ? 326 HOH B O   1 
HETATM 1265 O O   . HOH D 3 .   ? -7.176  13.075  19.118  1.00 22.75 ? 327 HOH B O   1 
HETATM 1266 O O   . HOH D 3 .   ? -3.892  -3.613  -20.611 1.00 23.08 ? 328 HOH B O   1 
HETATM 1267 O O   . HOH D 3 .   ? 11.303  4.510   14.737  1.00 24.21 ? 329 HOH B O   1 
HETATM 1268 O O   . HOH D 3 .   ? -0.502  -8.845  2.865   1.00 26.46 ? 330 HOH B O   1 
HETATM 1269 O O   . HOH D 3 .   ? -9.461  5.667   18.173  1.00 27.28 ? 331 HOH B O   1 
HETATM 1270 O O   . HOH D 3 .   ? 0.622   4.283   23.583  1.00 20.36 ? 332 HOH B O   1 
HETATM 1271 O O   . HOH D 3 .   ? -5.674  -1.505  -0.007  1.00 18.53 ? 333 HOH B O   1 
HETATM 1272 O O   . HOH D 3 .   ? 3.646   -14.489 -20.384 1.00 19.86 ? 334 HOH B O   1 
HETATM 1273 O O   . HOH D 3 .   ? 9.368   -4.375  7.597   1.00 25.66 ? 335 HOH B O   1 
HETATM 1274 O O   . HOH D 3 .   ? -10.615 -5.728  4.009   1.00 23.80 ? 336 HOH B O   1 
HETATM 1275 O O   . HOH D 3 .   ? -4.943  -2.007  5.035   1.00 19.14 ? 337 HOH B O   1 
HETATM 1276 O O   . HOH D 3 .   ? -7.124  -12.502 -4.876  1.00 23.55 ? 338 HOH B O   1 
HETATM 1277 O O   . HOH D 3 .   ? 10.229  -6.276  0.721   1.00 25.10 ? 339 HOH B O   1 
HETATM 1278 O O   . HOH D 3 .   ? -10.451 4.600   9.970   1.00 21.89 ? 340 HOH B O   1 
HETATM 1279 O O   . HOH D 3 .   ? 2.324   16.327  12.318  1.00 27.34 ? 341 HOH B O   1 
HETATM 1280 O O   . HOH D 3 .   ? -8.442  -2.872  13.573  1.00 21.11 ? 342 HOH B O   1 
HETATM 1281 O O   . HOH D 3 .   ? -9.268  -12.780 -11.668 1.00 25.04 ? 343 HOH B O   1 
HETATM 1282 O O   . HOH D 3 .   ? 3.602   -10.875 -13.931 1.00 20.29 ? 344 HOH B O   1 
HETATM 1283 O O   . HOH D 3 .   ? -9.072  -17.260 -15.391 1.00 25.32 ? 345 HOH B O   1 
HETATM 1284 O O   . HOH D 3 .   ? -5.955  10.985  12.042  1.00 25.33 ? 346 HOH B O   1 
HETATM 1285 O O   . HOH D 3 .   ? 3.144   -5.083  -20.624 1.00 22.73 ? 347 HOH B O   1 
HETATM 1286 O O   . HOH D 3 .   ? -3.289  9.151   -11.445 1.00 27.03 ? 348 HOH B O   1 
HETATM 1287 O O   . HOH D 3 .   ? -7.431  -7.037  9.362   1.00 30.08 ? 349 HOH B O   1 
HETATM 1288 O O   . HOH D 3 .   ? -0.905  -17.869 -2.952  1.00 25.59 ? 350 HOH B O   1 
HETATM 1289 O O   . HOH D 3 .   ? -12.154 2.248   -5.675  1.00 25.88 ? 351 HOH B O   1 
HETATM 1290 O O   . HOH D 3 .   ? 10.033  8.011   4.623   1.00 28.77 ? 352 HOH B O   1 
HETATM 1291 O O   . HOH D 3 .   ? 6.337   8.589   -5.344  1.00 24.90 ? 353 HOH B O   1 
HETATM 1292 O O   . HOH D 3 .   ? 6.132   14.182  -12.761 1.00 27.45 ? 354 HOH B O   1 
HETATM 1293 O O   . HOH D 3 .   ? -2.766  -9.116  15.312  1.00 27.52 ? 355 HOH B O   1 
HETATM 1294 O O   . HOH D 3 .   ? -7.514  12.461  1.198   1.00 21.59 ? 356 HOH B O   1 
HETATM 1295 O O   . HOH D 3 .   ? 4.634   -6.456  -18.766 1.00 27.50 ? 357 HOH B O   1 
HETATM 1296 O O   . HOH D 3 .   ? -16.080 -1.972  5.116   1.00 26.57 ? 358 HOH B O   1 
HETATM 1297 O O   . HOH D 3 .   ? 9.430   6.935   12.319  1.00 27.87 ? 359 HOH B O   1 
HETATM 1298 O O   . HOH D 3 .   ? 11.883  1.399   0.867   1.00 28.58 ? 360 HOH B O   1 
HETATM 1299 O O   . HOH D 3 .   ? -8.381  3.266   6.702   1.00 28.27 ? 361 HOH B O   1 
HETATM 1300 O O   . HOH D 3 .   ? -7.317  13.327  3.740   1.00 31.83 ? 362 HOH B O   1 
HETATM 1301 O O   . HOH D 3 .   ? -11.810 -7.497  -13.210 1.00 30.86 ? 363 HOH B O   1 
HETATM 1302 O O   . HOH D 3 .   ? 1.942   -13.684 -22.777 1.00 26.19 ? 364 HOH B O   1 
HETATM 1303 O O   . HOH D 3 .   ? -4.199  12.907  13.480  1.00 26.13 ? 365 HOH B O   1 
HETATM 1304 O O   . HOH D 3 .   ? 3.676   -2.592  -19.963 1.00 31.42 ? 366 HOH B O   1 
HETATM 1305 O O   . HOH D 3 .   ? -11.675 3.588   -3.434  1.00 32.41 ? 367 HOH B O   1 
HETATM 1306 O O   . HOH D 3 .   ? 0.838   -10.435 4.692   1.00 26.52 ? 368 HOH B O   1 
HETATM 1307 O O   . HOH D 3 .   ? -8.224  4.706   -7.570  1.00 27.74 ? 369 HOH B O   1 
HETATM 1308 O O   . HOH D 3 .   ? -1.813  15.637  4.331   1.00 28.62 ? 370 HOH B O   1 
HETATM 1309 O O   . HOH D 3 .   ? 1.131   15.708  17.474  1.00 26.03 ? 371 HOH B O   1 
HETATM 1310 O O   . HOH D 3 .   ? -16.096 10.490  14.919  1.00 26.31 ? 372 HOH B O   1 
HETATM 1311 O O   . HOH D 3 .   ? 8.333   -12.072 -2.798  1.00 29.60 ? 373 HOH B O   1 
HETATM 1312 O O   . HOH D 3 .   ? 12.134  5.812   -3.058  1.00 34.31 ? 374 HOH B O   1 
HETATM 1313 O O   . HOH D 3 .   ? -9.495  5.225   7.779   1.00 26.26 ? 375 HOH B O   1 
HETATM 1314 O O   . HOH D 3 .   ? -6.412  7.487   -3.993  1.00 28.59 ? 376 HOH B O   1 
HETATM 1315 O O   . HOH D 3 .   ? -6.586  1.131   6.949   1.00 25.56 ? 377 HOH B O   1 
HETATM 1316 O O   . HOH D 3 .   ? 8.093   2.511   -17.980 1.00 32.11 ? 378 HOH B O   1 
HETATM 1317 O O   . HOH D 3 .   ? -6.381  13.399  7.837   1.00 28.50 ? 379 HOH B O   1 
HETATM 1318 O O   . HOH D 3 .   ? 12.643  2.462   -12.629 1.00 36.07 ? 380 HOH B O   1 
HETATM 1319 O O   . HOH D 3 .   ? 1.895   16.418  5.560   1.00 32.73 ? 381 HOH B O   1 
HETATM 1320 O O   . HOH D 3 .   ? 9.786   -4.310  -14.263 1.00 36.99 ? 382 HOH B O   1 
HETATM 1321 O O   . HOH D 3 .   ? -13.426 -6.161  -11.699 1.00 30.37 ? 383 HOH B O   1 
HETATM 1322 O O   . HOH D 3 .   ? 5.542   13.926  13.544  1.00 32.34 ? 384 HOH B O   1 
HETATM 1323 O O   . HOH D 3 .   ? 3.522   -17.801 -7.167  1.00 27.84 ? 385 HOH B O   1 
HETATM 1324 O O   . HOH D 3 .   ? -11.053 -8.155  -3.252  1.00 36.85 ? 386 HOH B O   1 
HETATM 1325 O O   . HOH D 3 .   ? -11.872 12.260  2.296   1.00 37.83 ? 387 HOH B O   1 
HETATM 1326 O O   . HOH D 3 .   ? 5.228   15.505  1.961   1.00 31.88 ? 388 HOH B O   1 
HETATM 1327 O O   . HOH D 3 .   ? -10.874 -6.340  1.219   1.00 36.39 ? 389 HOH B O   1 
HETATM 1328 O O   . HOH D 3 .   ? -1.505  -7.496  -25.517 1.00 34.00 ? 390 HOH B O   1 
HETATM 1329 O O   . HOH D 3 .   ? -2.222  -12.641 3.523   1.00 33.86 ? 391 HOH B O   1 
HETATM 1330 O O   . HOH D 3 .   ? 7.894   9.888   13.901  1.00 32.41 ? 392 HOH B O   1 
HETATM 1331 O O   . HOH D 3 .   ? -13.570 -4.778  7.295   1.00 32.90 ? 393 HOH B O   1 
HETATM 1332 O O   . HOH D 3 .   ? -10.256 10.039  17.660  1.00 29.56 ? 394 HOH B O   1 
HETATM 1333 O O   . HOH D 3 .   ? -2.093  15.646  12.215  1.00 33.04 ? 395 HOH B O   1 
HETATM 1334 O O   . HOH D 3 .   ? 6.614   13.618  7.117   1.00 32.46 ? 396 HOH B O   1 
HETATM 1335 O O   . HOH D 3 .   ? -8.380  6.752   -5.900  1.00 30.52 ? 397 HOH B O   1 
HETATM 1336 O O   . HOH D 3 .   ? -9.633  -15.701 -12.566 1.00 32.75 ? 398 HOH B O   1 
HETATM 1337 O O   . HOH D 3 .   ? -16.380 -4.831  -2.208  1.00 32.24 ? 399 HOH B O   1 
HETATM 1338 O O   . HOH D 3 .   ? 0.966   -2.041  3.813   1.00 42.72 ? 400 HOH B O   1 
HETATM 1339 O O   . HOH D 3 .   ? 1.730   -3.112  18.900  1.00 33.27 ? 401 HOH B O   1 
HETATM 1340 O O   . HOH D 3 .   ? 11.654  -3.819  -3.148  1.00 36.55 ? 402 HOH B O   1 
HETATM 1341 O O   . HOH D 3 .   ? -12.292 -6.695  -0.975  1.00 37.85 ? 403 HOH B O   1 
HETATM 1342 O O   . HOH D 3 .   ? -8.147  10.495  -5.942  1.00 34.65 ? 404 HOH B O   1 
HETATM 1343 O O   . HOH D 3 .   ? -18.290 -1.269  3.762   1.00 35.54 ? 405 HOH B O   1 
HETATM 1344 O O   . HOH D 3 .   ? -7.346  -11.351 -2.347  1.00 43.73 ? 406 HOH B O   1 
HETATM 1345 O O   . HOH D 3 .   ? 15.154  2.794   -11.020 1.00 45.22 ? 407 HOH B O   1 
HETATM 1346 O O   . HOH D 3 .   ? -9.944  -10.466 -3.556  1.00 40.98 ? 408 HOH B O   1 
HETATM 1347 O O   . HOH D 3 .   ? -2.286  -3.767  -22.952 1.00 29.75 ? 409 HOH B O   1 
HETATM 1348 O O   . HOH D 3 .   ? 4.481   -0.575  -21.957 1.00 32.65 ? 410 HOH B O   1 
HETATM 1349 O O   . HOH D 3 .   ? -5.483  -7.530  15.517  1.00 41.96 ? 411 HOH B O   1 
HETATM 1350 O O   . HOH D 3 .   ? 10.010  -8.252  -16.374 1.00 33.94 ? 412 HOH B O   1 
HETATM 1351 O O   . HOH D 3 .   ? 3.181   15.992  15.192  1.00 39.73 ? 413 HOH B O   1 
HETATM 1352 O O   . HOH D 3 .   ? 0.592   13.266  -5.341  1.00 34.04 ? 414 HOH B O   1 
HETATM 1353 O O   . HOH D 3 .   ? 9.301   9.503   -4.374  1.00 38.41 ? 415 HOH B O   1 
HETATM 1354 O O   . HOH D 3 .   ? -2.123  7.910   -13.700 1.00 34.22 ? 416 HOH B O   1 
HETATM 1355 O O   . HOH D 3 .   ? 7.399   10.397  -0.086  1.00 38.69 ? 417 HOH B O   1 
HETATM 1356 O O   . HOH D 3 .   ? -5.505  14.251  15.321  1.00 40.21 ? 418 HOH B O   1 
HETATM 1357 O O   . HOH D 3 .   ? 6.851   12.165  10.077  1.00 38.31 ? 419 HOH B O   1 
HETATM 1358 O O   . HOH D 3 .   ? -0.746  -16.408 0.045   1.00 34.96 ? 420 HOH B O   1 
HETATM 1359 O O   . HOH D 3 .   ? -1.860  12.709  -4.451  1.00 33.34 ? 421 HOH B O   1 
HETATM 1360 O O   . HOH D 3 .   ? 12.244  2.949   -15.023 1.00 48.79 ? 422 HOH B O   1 
HETATM 1361 O O   . HOH D 3 .   ? 7.441   -5.849  14.081  1.00 42.56 ? 423 HOH B O   1 
HETATM 1362 O O   . HOH D 3 .   ? 3.792   -12.356 5.720   1.00 35.37 ? 424 HOH B O   1 
HETATM 1363 O O   . HOH D 3 .   ? 11.013  0.734   11.811  1.00 39.34 ? 425 HOH B O   1 
HETATM 1364 O O   . HOH D 3 .   ? -12.256 9.913   -1.541  1.00 52.31 ? 426 HOH B O   1 
HETATM 1365 O O   . HOH D 3 .   ? 0.293   -8.037  19.042  1.00 39.06 ? 427 HOH B O   1 
HETATM 1366 O O   . HOH D 3 .   ? 8.737   -0.308  12.009  1.00 45.84 ? 428 HOH B O   1 
HETATM 1367 O O   . HOH D 3 .   ? -13.651 0.869   21.319  1.00 38.46 ? 429 HOH B O   1 
HETATM 1368 O O   . HOH D 3 .   ? 11.578  -2.232  2.881   1.00 38.72 ? 430 HOH B O   1 
HETATM 1369 O O   . HOH D 3 .   ? 6.428   14.288  -19.033 1.00 42.35 ? 431 HOH B O   1 
HETATM 1370 O O   . HOH D 3 .   ? 5.054   -9.288  14.260  1.00 48.34 ? 432 HOH B O   1 
HETATM 1371 O O   . HOH D 3 .   ? 0.014   17.006  2.552   1.00 37.34 ? 433 HOH B O   1 
HETATM 1372 O O   . HOH D 3 .   ? -12.280 -6.704  21.841  1.00 43.17 ? 434 HOH B O   1 
HETATM 1373 O O   . HOH D 3 .   ? 10.776  9.865   -19.004 1.00 35.91 ? 435 HOH B O   1 
HETATM 1374 O O   . HOH D 3 .   ? -3.691  14.045  -6.487  1.00 36.69 ? 436 HOH B O   1 
HETATM 1375 O O   . HOH D 3 .   ? -13.021 -3.392  -7.308  1.00 39.30 ? 437 HOH B O   1 
HETATM 1376 O O   . HOH D 3 .   ? -12.008 12.700  7.048   1.00 41.37 ? 438 HOH B O   1 
HETATM 1377 O O   . HOH D 3 .   ? -6.595  8.450   -8.647  1.00 34.52 ? 439 HOH B O   1 
HETATM 1378 O O   . HOH D 3 .   ? 1.586   8.041   -17.629 1.00 44.22 ? 440 HOH B O   1 
HETATM 1379 O O   . HOH D 3 .   ? 14.606  -4.465  -10.079 1.00 44.06 ? 441 HOH B O   1 
HETATM 1380 O O   . HOH D 3 .   ? 11.377  7.629   13.996  1.00 43.93 ? 442 HOH B O   1 
HETATM 1381 O O   . HOH D 3 .   ? -6.257  -16.511 -2.772  1.00 40.03 ? 443 HOH B O   1 
HETATM 1382 O O   . HOH D 3 .   ? 7.963   11.016  7.784   1.00 43.59 ? 444 HOH B O   1 
HETATM 1383 O O   . HOH D 3 .   ? 10.011  -7.117  -13.661 1.00 42.23 ? 445 HOH B O   1 
HETATM 1384 O O   . HOH D 3 .   ? 11.535  4.451   3.645   1.00 39.70 ? 446 HOH B O   1 
HETATM 1385 O O   . HOH D 3 .   ? -1.521  15.186  20.719  1.00 38.21 ? 447 HOH B O   1 
HETATM 1386 O O   . HOH D 3 .   ? -4.196  -8.577  24.866  1.00 37.60 ? 448 HOH B O   1 
HETATM 1387 O O   . HOH D 3 .   ? -9.318  13.945  15.560  1.00 41.54 ? 449 HOH B O   1 
HETATM 1388 O O   . HOH D 3 .   ? -4.280  15.952  2.525   1.00 42.47 ? 450 HOH B O   1 
HETATM 1389 O O   . HOH D 3 .   ? -7.481  -6.710  12.070  1.00 43.80 ? 451 HOH B O   1 
HETATM 1390 O O   . HOH D 3 .   ? -5.577  -11.905 4.573   1.00 47.79 ? 452 HOH B O   1 
HETATM 1391 O O   . HOH D 3 .   ? -10.525 12.646  -1.826  1.00 41.63 ? 453 HOH B O   1 
HETATM 1392 O O   . HOH D 3 .   ? -9.274  -15.382 -8.293  1.00 43.99 ? 454 HOH B O   1 
HETATM 1393 O O   . HOH D 3 .   ? 7.271   -6.699  -19.528 1.00 41.33 ? 455 HOH B O   1 
HETATM 1394 O O   . HOH D 3 .   ? 9.686   13.461  -9.202  1.00 41.73 ? 456 HOH B O   1 
HETATM 1395 O O   . HOH D 3 .   ? 5.440   -9.389  -20.958 1.00 40.44 ? 457 HOH B O   1 
HETATM 1396 O O   . HOH D 3 .   ? -11.757 4.672   -15.007 1.00 45.62 ? 458 HOH B O   1 
HETATM 1397 O O   . HOH D 3 .   ? -15.620 5.867   -3.732  1.00 43.64 ? 459 HOH B O   1 
HETATM 1398 O O   . HOH D 3 .   ? 4.165   15.958  10.408  1.00 34.00 ? 460 HOH B O   1 
HETATM 1399 O O   . HOH D 3 .   ? -10.238 10.339  13.925  1.00 46.64 ? 461 HOH B O   1 
HETATM 1400 O O   . HOH D 3 .   ? 10.327  -8.932  -0.262  1.00 41.62 ? 462 HOH B O   1 
HETATM 1401 O O   . HOH D 3 .   ? 1.217   -15.885 0.586   1.00 46.52 ? 463 HOH B O   1 
HETATM 1402 O O   . HOH D 3 .   ? -0.961  11.379  -12.695 1.00 44.94 ? 464 HOH B O   1 
HETATM 1403 O O   . HOH D 3 .   ? 6.730   -11.592 -9.439  1.00 58.60 ? 465 HOH B O   1 
HETATM 1404 O O   . HOH D 3 .   ? -4.560  7.225   -2.525  1.00 41.84 ? 466 HOH B O   1 
HETATM 1405 O O   . HOH D 3 .   ? 0.710   -10.818 13.824  1.00 48.31 ? 467 HOH B O   1 
HETATM 1406 O O   . HOH D 3 .   ? -10.200 -11.877 -6.727  1.00 47.65 ? 468 HOH B O   1 
HETATM 1407 O O   . HOH D 3 .   ? 8.437   15.341  -10.652 1.00 54.88 ? 469 HOH B O   1 
HETATM 1408 O O   . HOH D 3 .   ? -11.202 -6.652  6.773   1.00 40.95 ? 470 HOH B O   1 
HETATM 1409 O O   . HOH D 3 .   ? 12.632  1.288   7.048   1.00 53.36 ? 471 HOH B O   1 
HETATM 1410 O O   . HOH D 3 .   ? 4.855   -7.526  -22.555 1.00 51.08 ? 472 HOH B O   1 
HETATM 1411 O O   . HOH D 3 .   ? 8.992   -5.910  -17.527 1.00 41.04 ? 473 HOH B O   1 
HETATM 1412 O O   . HOH D 3 .   ? -1.374  15.742  -2.579  1.00 53.33 ? 474 HOH B O   1 
HETATM 1413 O O   . HOH D 3 .   ? 11.260  -3.694  6.050   1.00 43.91 ? 475 HOH B O   1 
HETATM 1414 O O   . HOH D 3 .   ? -4.752  -5.190  -25.146 1.00 43.63 ? 476 HOH B O   1 
HETATM 1415 O O   . HOH D 3 .   ? 3.837   -6.628  20.816  1.00 50.09 ? 477 HOH B O   1 
HETATM 1416 O O   . HOH D 3 .   ? 8.049   -13.528 1.899   1.00 53.34 ? 478 HOH B O   1 
HETATM 1417 O O   . HOH D 3 .   ? 10.494  9.963   4.086   1.00 51.73 ? 479 HOH B O   1 
HETATM 1418 O O   . HOH D 3 .   ? 9.756   10.908  16.048  1.00 44.05 ? 480 HOH B O   1 
HETATM 1419 O O   . HOH D 3 .   ? 2.629   0.725   19.902  1.00 38.29 ? 481 HOH B O   1 
HETATM 1420 O O   . HOH D 3 .   ? -11.182 2.157   -12.071 1.00 50.65 ? 482 HOH B O   1 
HETATM 1421 O O   . HOH D 3 .   ? 0.045   0.845   19.585  1.00 34.86 ? 483 HOH B O   1 
HETATM 1422 O O   . HOH D 3 .   ? 13.659  1.049   -15.631 1.00 45.86 ? 484 HOH B O   1 
HETATM 1423 O O   . HOH D 3 .   ? -7.078  -9.079  26.931  1.00 38.08 ? 485 HOH B O   1 
HETATM 1424 O O   . HOH D 3 .   ? 1.592   -11.531 8.649   1.00 42.49 ? 486 HOH B O   1 
HETATM 1425 O O   . HOH D 3 .   ? 6.378   -10.112 19.996  1.00 49.36 ? 487 HOH B O   1 
HETATM 1426 O O   . HOH D 3 .   ? 12.040  -7.009  2.838   1.00 49.05 ? 488 HOH B O   1 
HETATM 1427 O O   . HOH D 3 .   ? 12.457  -8.389  -13.406 1.00 50.43 ? 489 HOH B O   1 
HETATM 1428 O O   . HOH D 3 .   ? 10.593  6.141   8.285   1.00 45.08 ? 490 HOH B O   1 
HETATM 1429 O O   . HOH D 3 .   ? 13.002  4.653   -0.166  1.00 47.03 ? 491 HOH B O   1 
HETATM 1430 O O   . HOH D 3 .   ? 1.117   15.489  -3.397  1.00 47.74 ? 492 HOH B O   1 
HETATM 1431 O O   . HOH D 3 .   ? 7.585   5.237   -16.915 1.00 40.58 ? 493 HOH B O   1 
HETATM 1432 O O   . HOH D 3 .   ? 7.353   -8.666  18.241  1.00 51.05 ? 494 HOH B O   1 
HETATM 1433 O O   . HOH D 3 .   ? -11.596 -5.788  14.374  1.00 45.91 ? 495 HOH B O   1 
HETATM 1434 O O   . HOH D 3 .   ? -14.144 -7.409  2.455   1.00 56.27 ? 496 HOH B O   1 
HETATM 1435 O O   . HOH D 3 .   ? 8.916   10.571  -1.935  1.00 44.37 ? 497 HOH B O   1 
HETATM 1436 O O   . HOH D 3 .   ? -3.690  5.606   -15.668 1.00 52.44 ? 498 HOH B O   1 
HETATM 1437 O O   . HOH D 3 .   ? 10.757  -4.567  -1.635  1.00 50.26 ? 499 HOH B O   1 
HETATM 1438 O O   . HOH D 3 .   ? -10.609 -11.913 -15.400 1.00 39.46 ? 500 HOH B O   1 
HETATM 1439 O O   . HOH D 3 .   ? -12.441 -11.123 -11.990 1.00 50.45 ? 501 HOH B O   1 
HETATM 1440 O O   . HOH D 3 .   ? 5.651   -11.923 -21.135 1.00 49.28 ? 502 HOH B O   1 
HETATM 1441 O O   . HOH D 3 .   ? 7.803   -15.349 -6.436  1.00 56.66 ? 503 HOH B O   1 
HETATM 1442 O O   . HOH D 3 .   ? 7.990   -11.075 -6.514  1.00 39.36 ? 504 HOH B O   1 
HETATM 1443 O O   . HOH D 3 .   ? 10.963  4.504   6.301   1.00 47.73 ? 505 HOH B O   1 
HETATM 1444 O O   . HOH D 3 .   ? 11.122  1.999   -17.616 1.00 42.31 ? 506 HOH B O   1 
HETATM 1445 O O   . HOH D 3 .   ? 3.457   -10.364 10.559  1.00 45.97 ? 507 HOH B O   1 
HETATM 1446 O O   . HOH D 3 .   ? 12.249  -1.335  0.532   1.00 45.96 ? 508 HOH B O   1 
HETATM 1447 O O   . HOH D 3 .   ? -6.906  14.371  0.500   1.00 42.75 ? 509 HOH B O   1 
HETATM 1448 O O   . HOH D 3 .   ? -5.583  12.937  -7.444  1.00 51.25 ? 510 HOH B O   1 
HETATM 1449 O O   . HOH D 3 .   ? 8.300   -9.678  -19.667 1.00 38.94 ? 511 HOH B O   1 
HETATM 1450 O O   . HOH D 3 .   ? 5.342   15.955  7.946   1.00 55.43 ? 512 HOH B O   1 
HETATM 1451 O O   . HOH D 3 .   ? -1.657  -11.361 9.464   1.00 43.15 ? 513 HOH B O   1 
HETATM 1452 O O   . HOH D 3 .   ? 9.055   8.142   -16.911 1.00 43.04 ? 514 HOH B O   1 
HETATM 1453 O O   . HOH D 3 .   ? 11.857  12.031  -17.918 1.00 47.00 ? 515 HOH B O   1 
HETATM 1454 O O   . HOH D 3 .   ? -10.063 3.455   -10.559 1.00 52.53 ? 516 HOH B O   1 
HETATM 1455 O O   . HOH D 3 .   ? 6.246   -13.219 6.984   1.00 46.76 ? 517 HOH B O   1 
HETATM 1456 O O   . HOH D 3 .   ? -8.683  -17.757 -5.487  1.00 63.12 ? 518 HOH B O   1 
HETATM 1457 O O   . HOH D 3 .   ? -9.068  -14.637 -5.475  1.00 48.52 ? 519 HOH B O   1 
HETATM 1458 O O   . HOH D 3 .   ? -6.403  -13.074 -2.049  1.00 68.50 ? 520 HOH B O   1 
HETATM 1459 O O   . HOH D 3 .   ? 11.399  1.564   9.926   1.00 50.45 ? 521 HOH B O   1 
HETATM 1460 O O   . HOH D 3 .   ? 11.679  -7.864  5.943   1.00 55.92 ? 522 HOH B O   1 
HETATM 1461 O O   . HOH D 3 .   ? 4.602   -1.990  19.526  1.00 59.57 ? 523 HOH B O   1 
HETATM 1462 O O   . HOH D 3 .   ? -8.910  -5.347  14.329  1.00 49.45 ? 524 HOH B O   1 
HETATM 1463 O O   . HOH D 3 .   ? 5.641   -14.557 -0.484  1.00 55.31 ? 525 HOH B O   1 
HETATM 1464 O O   . HOH D 3 .   ? 1.481   -14.421 5.144   1.00 52.70 ? 526 HOH B O   1 
HETATM 1465 O O   . HOH D 3 .   ? -10.923 -7.098  16.654  1.00 50.68 ? 527 HOH B O   1 
HETATM 1466 O O   . HOH D 3 .   ? 5.801   -14.967 -2.640  1.00 60.95 ? 528 HOH B O   1 
HETATM 1467 O O   . HOH D 3 .   ? 1.845   7.665   -22.351 1.00 44.68 ? 529 HOH B O   1 
HETATM 1468 O O   . HOH D 3 .   ? -0.921  17.718  17.213  1.00 53.37 ? 530 HOH B O   1 
HETATM 1469 O O   . HOH D 3 .   ? 9.395   -7.758  8.319   1.00 48.98 ? 531 HOH B O   1 
HETATM 1470 O O   . HOH D 3 .   ? 2.401   3.010   21.601  1.00 36.64 ? 532 HOH B O   1 
HETATM 1471 O O   . HOH D 3 .   ? -14.333 1.253   -3.612  1.00 43.61 ? 533 HOH B O   1 
HETATM 1472 O O   . HOH D 3 .   ? -1.255  -9.840  17.445  1.00 46.22 ? 534 HOH B O   1 
HETATM 1473 O O   . HOH D 3 .   ? -6.756  -12.257 22.599  1.00 55.79 ? 535 HOH B O   1 
HETATM 1474 O O   . HOH D 3 .   ? -5.434  11.383  -10.125 1.00 55.86 ? 536 HOH B O   1 
HETATM 1475 O O   . HOH D 3 .   ? 16.188  2.708   -8.545  1.00 48.12 ? 537 HOH B O   1 
HETATM 1476 O O   . HOH D 3 .   ? -6.289  -10.250 7.355   1.00 41.73 ? 538 HOH B O   1 
HETATM 1477 O O   . HOH D 3 .   ? 12.386  6.487   -0.344  1.00 65.17 ? 539 HOH B O   1 
HETATM 1478 O O   . HOH D 3 .   ? -7.911  -11.487 5.031   1.00 43.16 ? 540 HOH B O   1 
HETATM 1479 O O   . HOH D 3 .   ? -5.049  15.381  0.193   1.00 54.20 ? 541 HOH B O   1 
HETATM 1480 O O   . HOH D 3 .   ? -12.743 -10.766 22.939  1.00 67.39 ? 542 HOH B O   1 
HETATM 1481 O O   . HOH D 3 .   ? -5.311  15.180  10.262  1.00 49.72 ? 543 HOH B O   1 
HETATM 1482 O O   . HOH D 3 .   ? -14.062 -0.253  0.365   1.00 33.39 ? 544 HOH B O   1 
HETATM 1483 O O   . HOH D 3 .   ? -4.948  8.088   -0.316  1.00 64.82 ? 545 HOH B O   1 
HETATM 1484 O O   . HOH D 3 .   ? 13.332  7.580   1.941   1.00 50.77 ? 546 HOH B O   1 
HETATM 1485 O O   . HOH D 3 .   ? -13.312 -4.132  -9.604  1.00 44.96 ? 547 HOH B O   1 
HETATM 1486 O O   . HOH D 3 .   ? -9.777  -9.440  5.147   1.00 59.48 ? 548 HOH B O   1 
HETATM 1487 O O   . HOH D 3 .   ? -3.916  0.989   -23.037 1.00 75.30 ? 549 HOH B O   1 
HETATM 1488 O O   . HOH D 3 .   ? -10.974 0.727   20.844  1.00 32.49 ? 550 HOH B O   1 
HETATM 1489 O O   . HOH D 3 .   ? 3.689   2.121   -22.338 1.00 48.77 ? 551 HOH B O   1 
# 
loop_
_pdbx_poly_seq_scheme.asym_id 
_pdbx_poly_seq_scheme.entity_id 
_pdbx_poly_seq_scheme.seq_id 
_pdbx_poly_seq_scheme.mon_id 
_pdbx_poly_seq_scheme.ndb_seq_num 
_pdbx_poly_seq_scheme.pdb_seq_num 
_pdbx_poly_seq_scheme.auth_seq_num 
_pdbx_poly_seq_scheme.pdb_mon_id 
_pdbx_poly_seq_scheme.auth_mon_id 
_pdbx_poly_seq_scheme.pdb_strand_id 
_pdbx_poly_seq_scheme.pdb_ins_code 
_pdbx_poly_seq_scheme.hetero 
A 1 1   GLY 1   -1  ?   ?   ?   B . n 
A 1 2   SER 2   0   ?   ?   ?   B . n 
A 1 3   MET 3   1   ?   ?   ?   B . n 
A 1 4   SER 4   2   2   SER SER B . n 
A 1 5   ALA 5   3   3   ALA ALA B . n 
A 1 6   LYS 6   4   4   LYS LYS B . n 
A 1 7   ASP 7   5   5   ASP ASP B . n 
A 1 8   GLU 8   6   6   GLU GLU B . n 
A 1 9   ARG 9   7   7   ARG ARG B . n 
A 1 10  ALA 10  8   8   ALA ALA B . n 
A 1 11  ARG 11  9   9   ARG ARG B . n 
A 1 12  GLU 12  10  10  GLU GLU B . n 
A 1 13  ILE 13  11  11  ILE ILE B . n 
A 1 14  LEU 14  12  12  LEU LEU B . n 
A 1 15  ARG 15  13  13  ARG ARG B . n 
A 1 16  GLY 16  14  14  GLY GLY B . n 
A 1 17  PHE 17  15  15  PHE PHE B . n 
A 1 18  LYS 18  16  16  LYS LYS B . n 
A 1 19  LEU 19  17  17  LEU LEU B . n 
A 1 20  ASN 20  18  18  ASN ASN B . n 
A 1 21  TRP 21  19  19  TRP TRP B . n 
A 1 22  MET 22  20  20  MET MET B . n 
A 1 23  ASN 23  21  21  ASN ASN B . n 
A 1 24  LEU 24  22  22  LEU LEU B . n 
A 1 25  ARG 25  23  23  ARG ARG B . n 
A 1 26  ASP 26  24  24  ASP ASP B . n 
A 1 27  ALA 27  25  25  ALA ALA B . n 
A 1 28  GLU 28  26  26  GLU GLU B . n 
A 1 29  THR 29  27  27  THR THR B . n 
A 1 30  GLY 30  28  28  GLY GLY B . n 
A 1 31  LYS 31  29  29  LYS LYS B . n 
A 1 32  ILE 32  30  30  ILE ILE B . n 
A 1 33  LEU 33  31  31  LEU LEU B . n 
A 1 34  TRP 34  32  32  TRP TRP B . n 
A 1 35  GLN 35  33  33  GLN GLN B . n 
A 1 36  GLY 36  34  34  GLY GLY B . n 
A 1 37  THR 37  35  35  THR THR B . n 
A 1 38  GLU 38  36  36  GLU GLU B . n 
A 1 39  ASP 39  37  37  ASP ASP B . n 
A 1 40  LEU 40  38  38  LEU LEU B . n 
A 1 41  SER 41  39  39  SER SER B . n 
A 1 42  VAL 42  40  40  VAL VAL B . n 
A 1 43  PRO 43  41  41  PRO PRO B . n 
A 1 44  GLY 44  42  42  GLY GLY B . n 
A 1 45  VAL 45  43  43  VAL VAL B . n 
A 1 46  GLU 46  44  44  GLU GLU B . n 
A 1 47  HIS 47  45  45  HIS HIS B . n 
A 1 48  GLU 48  46  46  GLU GLU B . n 
A 1 49  ALA 49  47  47  ALA ALA B . n 
A 1 50  ARG 50  48  48  ARG ARG B . n 
A 1 51  VAL 51  49  49  VAL VAL B . n 
A 1 52  PRO 52  50  50  PRO PRO B . n 
A 1 53  LYS 53  51  51  LYS LYS B . n 
A 1 54  LYS 54  52  52  LYS LYS B . n 
A 1 55  ILE 55  53  53  ILE ILE B . n 
A 1 56  LEU 56  54  54  LEU LEU B . n 
A 1 57  LYS 57  55  55  LYS LYS B . n 
A 1 58  CYS 58  56  56  CYS CYS B . n 
A 1 59  LYS 59  57  57  LYS LYS B . n 
A 1 60  ALA 60  58  58  ALA ALA B . n 
A 1 61  VAL 61  59  59  VAL VAL B . n 
A 1 62  SER 62  60  60  SER SER B . n 
A 1 63  ARG 63  61  61  ARG ARG B . n 
A 1 64  GLU 64  62  62  GLU GLU B . n 
A 1 65  LEU 65  63  63  LEU LEU B . n 
A 1 66  ASN 66  64  64  ASN ASN B . n 
A 1 67  PHE 67  65  65  PHE PHE B . n 
A 1 68  SER 68  66  66  SER SER B . n 
A 1 69  SER 69  67  67  SER SER B . n 
A 1 70  THR 70  68  68  THR THR B . n 
A 1 71  GLU 71  69  69  GLU GLU B . n 
A 1 72  GLN 72  70  70  GLN GLN B . n 
A 1 73  MET 73  71  71  MET MET B . n 
A 1 74  GLU 74  72  72  GLU GLU B . n 
A 1 75  LYS 75  73  73  LYS LYS B . n 
A 1 76  PHE 76  74  74  PHE PHE B . n 
A 1 77  ARG 77  75  75  ARG ARG B . n 
A 1 78  LEU 78  76  76  LEU LEU B . n 
A 1 79  GLU 79  77  77  GLU GLU B . n 
A 1 80  GLN 80  78  78  GLN GLN B . n 
A 1 81  LYS 81  79  79  LYS LYS B . n 
A 1 82  VAL 82  80  80  VAL VAL B . n 
A 1 83  TYR 83  81  81  TYR TYR B . n 
A 1 84  PHE 84  82  82  PHE PHE B . n 
A 1 85  LYS 85  83  83  LYS LYS B . n 
A 1 86  GLY 86  84  84  GLY GLY B . n 
A 1 87  GLN 87  85  85  GLN GLN B . n 
A 1 88  CYS 88  86  86  CYS CYS B . n 
A 1 89  LEU 89  87  87  LEU LEU B . n 
A 1 90  GLU 90  88  88  GLU GLU B . n 
A 1 91  GLU 91  89  89  GLU GLU B . n 
A 1 92  TRP 92  90  90  TRP TRP B . n 
A 1 93  PHE 93  91  91  PHE PHE B . n 
A 1 94  PHE 94  92  92  PHE PHE B . n 
A 1 95  GLU 95  93  93  GLU GLU B . n 
A 1 96  PHE 96  94  94  PHE PHE B . n 
A 1 97  GLY 97  95  95  GLY GLY B . n 
A 1 98  PHE 98  96  96  PHE PHE B . n 
A 1 99  VAL 99  97  97  VAL VAL B . n 
A 1 100 ILE 100 98  98  ILE ILE B . n 
A 1 101 PRO 101 99  99  PRO PRO B . n 
A 1 102 ASN 102 100 100 ASN ASN B . n 
A 1 103 SER 103 101 101 SER SER B . n 
A 1 104 THR 104 102 102 THR THR B . n 
A 1 105 ASN 105 103 103 ASN ASN B . n 
A 1 106 THR 106 104 104 THR THR B . n 
A 1 107 TRP 107 105 105 TRP TRP B . n 
A 1 108 GLN 108 106 106 GLN GLN B . n 
A 1 109 SER 109 107 107 SER SER B . n 
A 1 110 LEU 110 108 108 LEU LEU B . n 
A 1 111 ILE 111 109 109 ILE ILE B . n 
A 1 112 GLU 112 110 110 GLU GLU B . n 
A 1 113 ALA 113 111 111 ALA ALA B . n 
A 1 114 ALA 114 112 112 ALA ALA B . n 
A 1 115 PRO 115 113 ?   ?   ?   B . n 
A 1 116 GLU 116 114 ?   ?   ?   B . n 
A 1 117 SER 117 115 115 SER ALA B . n 
A 1 118 GLN 118 116 116 GLN ALA B . n 
A 1 119 MET 119 117 117 MET MET B . n 
A 1 120 MET 120 118 118 MET MET B . n 
A 1 121 PRO 121 119 119 PRO PRO B . n 
A 1 122 ALA 122 120 120 ALA ALA B . n 
A 1 123 SER 123 121 121 SER SER B . n 
A 1 124 VAL 124 122 122 VAL VAL B . n 
A 1 125 LEU 125 123 123 LEU LEU B . n 
A 1 126 THR 126 124 124 THR THR B . n 
A 1 127 GLY 127 125 125 GLY GLY B . n 
A 1 128 ASN 128 126 126 ASN ASN B . n 
A 1 129 VAL 129 127 127 VAL VAL B . n 
A 1 130 ILE 130 128 128 ILE ILE B . n 
A 1 131 ILE 131 129 129 ILE ILE B . n 
A 1 132 GLU 132 130 130 GLU GLU B . n 
A 1 133 THR 133 131 131 THR THR B . n 
A 1 134 LYS 134 132 132 LYS LYS B . n 
A 1 135 PHE 135 133 133 PHE PHE B . n 
A 1 136 PHE 136 134 134 PHE PHE B . n 
A 1 137 ASP 137 135 135 ASP ASP B . n 
A 1 138 ASP 138 136 136 ASP ASP B . n 
A 1 139 ASP 139 137 137 ASP ASP B . n 
A 1 140 LEU 140 138 138 LEU LEU B . n 
A 1 141 LEU 141 139 139 LEU LEU B . n 
A 1 142 VAL 142 140 140 VAL VAL B . n 
A 1 143 SER 143 141 141 SER SER B . n 
A 1 144 THR 144 142 142 THR THR B . n 
A 1 145 SER 145 143 143 SER SER B . n 
A 1 146 ARG 146 144 144 ARG ARG B . n 
A 1 147 VAL 147 145 145 VAL VAL B . n 
A 1 148 ARG 148 146 146 ARG ARG B . n 
A 1 149 LEU 149 147 147 LEU LEU B . n 
A 1 150 PHE 150 148 148 PHE PHE B . n 
A 1 151 TYR 151 149 149 TYR TYR B . n 
A 1 152 VAL 152 150 150 VAL VAL B . n 
# 
loop_
_pdbx_nonpoly_scheme.asym_id 
_pdbx_nonpoly_scheme.entity_id 
_pdbx_nonpoly_scheme.mon_id 
_pdbx_nonpoly_scheme.ndb_seq_num 
_pdbx_nonpoly_scheme.pdb_seq_num 
_pdbx_nonpoly_scheme.auth_seq_num 
_pdbx_nonpoly_scheme.pdb_mon_id 
_pdbx_nonpoly_scheme.auth_mon_id 
_pdbx_nonpoly_scheme.pdb_strand_id 
_pdbx_nonpoly_scheme.pdb_ins_code 
B 2 1M1 1   201 1   1M1 1M1 B . 
C 2 1M1 1   202 1   1M1 1M1 B . 
D 3 HOH 1   301 301 HOH HOH B . 
D 3 HOH 2   302 302 HOH HOH B . 
D 3 HOH 3   303 303 HOH HOH B . 
D 3 HOH 4   304 304 HOH HOH B . 
D 3 HOH 5   305 305 HOH HOH B . 
D 3 HOH 6   306 306 HOH HOH B . 
D 3 HOH 7   307 307 HOH HOH B . 
D 3 HOH 8   308 308 HOH HOH B . 
D 3 HOH 9   309 309 HOH HOH B . 
D 3 HOH 10  310 310 HOH HOH B . 
D 3 HOH 11  311 311 HOH HOH B . 
D 3 HOH 12  312 312 HOH HOH B . 
D 3 HOH 13  313 313 HOH HOH B . 
D 3 HOH 14  314 314 HOH HOH B . 
D 3 HOH 15  315 315 HOH HOH B . 
D 3 HOH 16  316 316 HOH HOH B . 
D 3 HOH 17  317 317 HOH HOH B . 
D 3 HOH 18  318 318 HOH HOH B . 
D 3 HOH 19  319 319 HOH HOH B . 
D 3 HOH 20  320 320 HOH HOH B . 
D 3 HOH 21  321 321 HOH HOH B . 
D 3 HOH 22  322 322 HOH HOH B . 
D 3 HOH 23  323 323 HOH HOH B . 
D 3 HOH 24  324 324 HOH HOH B . 
D 3 HOH 25  325 325 HOH HOH B . 
D 3 HOH 26  326 326 HOH HOH B . 
D 3 HOH 27  327 327 HOH HOH B . 
D 3 HOH 28  328 328 HOH HOH B . 
D 3 HOH 29  329 329 HOH HOH B . 
D 3 HOH 30  330 330 HOH HOH B . 
D 3 HOH 31  331 331 HOH HOH B . 
D 3 HOH 32  332 332 HOH HOH B . 
D 3 HOH 33  333 333 HOH HOH B . 
D 3 HOH 34  334 334 HOH HOH B . 
D 3 HOH 35  335 335 HOH HOH B . 
D 3 HOH 36  336 336 HOH HOH B . 
D 3 HOH 37  337 337 HOH HOH B . 
D 3 HOH 38  338 338 HOH HOH B . 
D 3 HOH 39  339 339 HOH HOH B . 
D 3 HOH 40  340 340 HOH HOH B . 
D 3 HOH 41  341 341 HOH HOH B . 
D 3 HOH 42  342 342 HOH HOH B . 
D 3 HOH 43  343 343 HOH HOH B . 
D 3 HOH 44  344 344 HOH HOH B . 
D 3 HOH 45  345 345 HOH HOH B . 
D 3 HOH 46  346 346 HOH HOH B . 
D 3 HOH 47  347 347 HOH HOH B . 
D 3 HOH 48  348 348 HOH HOH B . 
D 3 HOH 49  349 349 HOH HOH B . 
D 3 HOH 50  350 350 HOH HOH B . 
D 3 HOH 51  351 351 HOH HOH B . 
D 3 HOH 52  352 352 HOH HOH B . 
D 3 HOH 53  353 353 HOH HOH B . 
D 3 HOH 54  354 354 HOH HOH B . 
D 3 HOH 55  355 355 HOH HOH B . 
D 3 HOH 56  356 356 HOH HOH B . 
D 3 HOH 57  357 357 HOH HOH B . 
D 3 HOH 58  358 358 HOH HOH B . 
D 3 HOH 59  359 359 HOH HOH B . 
D 3 HOH 60  360 360 HOH HOH B . 
D 3 HOH 61  361 361 HOH HOH B . 
D 3 HOH 62  362 362 HOH HOH B . 
D 3 HOH 63  363 363 HOH HOH B . 
D 3 HOH 64  364 364 HOH HOH B . 
D 3 HOH 65  365 365 HOH HOH B . 
D 3 HOH 66  366 366 HOH HOH B . 
D 3 HOH 67  367 367 HOH HOH B . 
D 3 HOH 68  368 368 HOH HOH B . 
D 3 HOH 69  369 369 HOH HOH B . 
D 3 HOH 70  370 370 HOH HOH B . 
D 3 HOH 71  371 371 HOH HOH B . 
D 3 HOH 72  372 372 HOH HOH B . 
D 3 HOH 73  373 373 HOH HOH B . 
D 3 HOH 74  374 374 HOH HOH B . 
D 3 HOH 75  375 375 HOH HOH B . 
D 3 HOH 76  376 376 HOH HOH B . 
D 3 HOH 77  377 377 HOH HOH B . 
D 3 HOH 78  378 378 HOH HOH B . 
D 3 HOH 79  379 379 HOH HOH B . 
D 3 HOH 80  380 380 HOH HOH B . 
D 3 HOH 81  381 381 HOH HOH B . 
D 3 HOH 82  382 382 HOH HOH B . 
D 3 HOH 83  383 383 HOH HOH B . 
D 3 HOH 84  384 384 HOH HOH B . 
D 3 HOH 85  385 385 HOH HOH B . 
D 3 HOH 86  386 386 HOH HOH B . 
D 3 HOH 87  387 387 HOH HOH B . 
D 3 HOH 88  388 388 HOH HOH B . 
D 3 HOH 89  389 389 HOH HOH B . 
D 3 HOH 90  390 390 HOH HOH B . 
D 3 HOH 91  391 391 HOH HOH B . 
D 3 HOH 92  392 392 HOH HOH B . 
D 3 HOH 93  393 393 HOH HOH B . 
D 3 HOH 94  394 394 HOH HOH B . 
D 3 HOH 95  395 395 HOH HOH B . 
D 3 HOH 96  396 396 HOH HOH B . 
D 3 HOH 97  397 397 HOH HOH B . 
D 3 HOH 98  398 398 HOH HOH B . 
D 3 HOH 99  399 399 HOH HOH B . 
D 3 HOH 100 400 400 HOH HOH B . 
D 3 HOH 101 401 401 HOH HOH B . 
D 3 HOH 102 402 402 HOH HOH B . 
D 3 HOH 103 403 403 HOH HOH B . 
D 3 HOH 104 404 404 HOH HOH B . 
D 3 HOH 105 405 405 HOH HOH B . 
D 3 HOH 106 406 406 HOH HOH B . 
D 3 HOH 107 407 407 HOH HOH B . 
D 3 HOH 108 408 408 HOH HOH B . 
D 3 HOH 109 409 409 HOH HOH B . 
D 3 HOH 110 410 410 HOH HOH B . 
D 3 HOH 111 411 411 HOH HOH B . 
D 3 HOH 112 412 412 HOH HOH B . 
D 3 HOH 113 413 413 HOH HOH B . 
D 3 HOH 114 414 414 HOH HOH B . 
D 3 HOH 115 415 415 HOH HOH B . 
D 3 HOH 116 416 416 HOH HOH B . 
D 3 HOH 117 417 417 HOH HOH B . 
D 3 HOH 118 418 418 HOH HOH B . 
D 3 HOH 119 419 419 HOH HOH B . 
D 3 HOH 120 420 420 HOH HOH B . 
D 3 HOH 121 421 421 HOH HOH B . 
D 3 HOH 122 422 422 HOH HOH B . 
D 3 HOH 123 423 423 HOH HOH B . 
D 3 HOH 124 424 425 HOH HOH B . 
D 3 HOH 125 425 426 HOH HOH B . 
D 3 HOH 126 426 427 HOH HOH B . 
D 3 HOH 127 427 428 HOH HOH B . 
D 3 HOH 128 428 431 HOH HOH B . 
D 3 HOH 129 429 432 HOH HOH B . 
D 3 HOH 130 430 433 HOH HOH B . 
D 3 HOH 131 431 434 HOH HOH B . 
D 3 HOH 132 432 435 HOH HOH B . 
D 3 HOH 133 433 436 HOH HOH B . 
D 3 HOH 134 434 437 HOH HOH B . 
D 3 HOH 135 435 438 HOH HOH B . 
D 3 HOH 136 436 439 HOH HOH B . 
D 3 HOH 137 437 440 HOH HOH B . 
D 3 HOH 138 438 441 HOH HOH B . 
D 3 HOH 139 439 442 HOH HOH B . 
D 3 HOH 140 440 443 HOH HOH B . 
D 3 HOH 141 441 444 HOH HOH B . 
D 3 HOH 142 442 445 HOH HOH B . 
D 3 HOH 143 443 446 HOH HOH B . 
D 3 HOH 144 444 447 HOH HOH B . 
D 3 HOH 145 445 448 HOH HOH B . 
D 3 HOH 146 446 449 HOH HOH B . 
D 3 HOH 147 447 450 HOH HOH B . 
D 3 HOH 148 448 451 HOH HOH B . 
D 3 HOH 149 449 452 HOH HOH B . 
D 3 HOH 150 450 453 HOH HOH B . 
D 3 HOH 151 451 454 HOH HOH B . 
D 3 HOH 152 452 455 HOH HOH B . 
D 3 HOH 153 453 456 HOH HOH B . 
D 3 HOH 154 454 457 HOH HOH B . 
D 3 HOH 155 455 459 HOH HOH B . 
D 3 HOH 156 456 460 HOH HOH B . 
D 3 HOH 157 457 461 HOH HOH B . 
D 3 HOH 158 458 462 HOH HOH B . 
D 3 HOH 159 459 463 HOH HOH B . 
D 3 HOH 160 460 464 HOH HOH B . 
D 3 HOH 161 461 465 HOH HOH B . 
D 3 HOH 162 462 466 HOH HOH B . 
D 3 HOH 163 463 467 HOH HOH B . 
D 3 HOH 164 464 468 HOH HOH B . 
D 3 HOH 165 465 469 HOH HOH B . 
D 3 HOH 166 466 470 HOH HOH B . 
D 3 HOH 167 467 471 HOH HOH B . 
D 3 HOH 168 468 472 HOH HOH B . 
D 3 HOH 169 469 473 HOH HOH B . 
D 3 HOH 170 470 474 HOH HOH B . 
D 3 HOH 171 471 475 HOH HOH B . 
D 3 HOH 172 472 476 HOH HOH B . 
D 3 HOH 173 473 477 HOH HOH B . 
D 3 HOH 174 474 478 HOH HOH B . 
D 3 HOH 175 475 479 HOH HOH B . 
D 3 HOH 176 476 480 HOH HOH B . 
D 3 HOH 177 477 481 HOH HOH B . 
D 3 HOH 178 478 482 HOH HOH B . 
D 3 HOH 179 479 483 HOH HOH B . 
D 3 HOH 180 480 484 HOH HOH B . 
D 3 HOH 181 481 485 HOH HOH B . 
D 3 HOH 182 482 486 HOH HOH B . 
D 3 HOH 183 483 487 HOH HOH B . 
D 3 HOH 184 484 488 HOH HOH B . 
D 3 HOH 185 485 489 HOH HOH B . 
D 3 HOH 186 486 490 HOH HOH B . 
D 3 HOH 187 487 491 HOH HOH B . 
D 3 HOH 188 488 492 HOH HOH B . 
D 3 HOH 189 489 494 HOH HOH B . 
D 3 HOH 190 490 495 HOH HOH B . 
D 3 HOH 191 491 496 HOH HOH B . 
D 3 HOH 192 492 497 HOH HOH B . 
D 3 HOH 193 493 498 HOH HOH B . 
D 3 HOH 194 494 499 HOH HOH B . 
D 3 HOH 195 495 500 HOH HOH B . 
D 3 HOH 196 496 501 HOH HOH B . 
D 3 HOH 197 497 502 HOH HOH B . 
D 3 HOH 198 498 503 HOH HOH B . 
D 3 HOH 199 499 504 HOH HOH B . 
D 3 HOH 200 500 505 HOH HOH B . 
D 3 HOH 201 501 506 HOH HOH B . 
D 3 HOH 202 502 507 HOH HOH B . 
D 3 HOH 203 503 508 HOH HOH B . 
D 3 HOH 204 504 509 HOH HOH B . 
D 3 HOH 205 505 510 HOH HOH B . 
D 3 HOH 206 506 511 HOH HOH B . 
D 3 HOH 207 507 512 HOH HOH B . 
D 3 HOH 208 508 513 HOH HOH B . 
D 3 HOH 209 509 514 HOH HOH B . 
D 3 HOH 210 510 515 HOH HOH B . 
D 3 HOH 211 511 516 HOH HOH B . 
D 3 HOH 212 512 517 HOH HOH B . 
D 3 HOH 213 513 518 HOH HOH B . 
D 3 HOH 214 514 519 HOH HOH B . 
D 3 HOH 215 515 520 HOH HOH B . 
D 3 HOH 216 516 521 HOH HOH B . 
D 3 HOH 217 517 522 HOH HOH B . 
D 3 HOH 218 518 523 HOH HOH B . 
D 3 HOH 219 519 524 HOH HOH B . 
D 3 HOH 220 520 525 HOH HOH B . 
D 3 HOH 221 521 526 HOH HOH B . 
D 3 HOH 222 522 527 HOH HOH B . 
D 3 HOH 223 523 528 HOH HOH B . 
D 3 HOH 224 524 529 HOH HOH B . 
D 3 HOH 225 525 530 HOH HOH B . 
D 3 HOH 226 526 531 HOH HOH B . 
D 3 HOH 227 527 532 HOH HOH B . 
D 3 HOH 228 528 533 HOH HOH B . 
D 3 HOH 229 529 534 HOH HOH B . 
D 3 HOH 230 530 535 HOH HOH B . 
D 3 HOH 231 531 536 HOH HOH B . 
D 3 HOH 232 532 537 HOH HOH B . 
D 3 HOH 233 533 538 HOH HOH B . 
D 3 HOH 234 534 539 HOH HOH B . 
D 3 HOH 235 535 540 HOH HOH B . 
D 3 HOH 236 536 541 HOH HOH B . 
D 3 HOH 237 537 542 HOH HOH B . 
D 3 HOH 238 538 543 HOH HOH B . 
D 3 HOH 239 539 544 HOH HOH B . 
D 3 HOH 240 540 545 HOH HOH B . 
D 3 HOH 241 541 546 HOH HOH B . 
D 3 HOH 242 542 547 HOH HOH B . 
D 3 HOH 243 543 548 HOH HOH B . 
D 3 HOH 244 544 550 HOH HOH B . 
D 3 HOH 245 545 552 HOH HOH B . 
D 3 HOH 246 546 554 HOH HOH B . 
D 3 HOH 247 547 557 HOH HOH B . 
D 3 HOH 248 548 558 HOH HOH B . 
D 3 HOH 249 549 559 HOH HOH B . 
D 3 HOH 250 550 560 HOH HOH B . 
D 3 HOH 251 551 561 HOH HOH B . 
# 
_pdbx_struct_assembly.id                   1 
_pdbx_struct_assembly.details              author_and_software_defined_assembly 
_pdbx_struct_assembly.method_details       PISA 
_pdbx_struct_assembly.oligomeric_details   monomeric 
_pdbx_struct_assembly.oligomeric_count     1 
# 
_pdbx_struct_assembly_gen.assembly_id       1 
_pdbx_struct_assembly_gen.oper_expression   1 
_pdbx_struct_assembly_gen.asym_id_list      A,B,C,D 
# 
_pdbx_struct_oper_list.id                   1 
_pdbx_struct_oper_list.type                 'identity operation' 
_pdbx_struct_oper_list.name                 1_555 
_pdbx_struct_oper_list.symmetry_operation   x,y,z 
_pdbx_struct_oper_list.matrix[1][1]         1.0000000000 
_pdbx_struct_oper_list.matrix[1][2]         0.0000000000 
_pdbx_struct_oper_list.matrix[1][3]         0.0000000000 
_pdbx_struct_oper_list.vector[1]            0.0000000000 
_pdbx_struct_oper_list.matrix[2][1]         0.0000000000 
_pdbx_struct_oper_list.matrix[2][2]         1.0000000000 
_pdbx_struct_oper_list.matrix[2][3]         0.0000000000 
_pdbx_struct_oper_list.vector[2]            0.0000000000 
_pdbx_struct_oper_list.matrix[3][1]         0.0000000000 
_pdbx_struct_oper_list.matrix[3][2]         0.0000000000 
_pdbx_struct_oper_list.matrix[3][3]         1.0000000000 
_pdbx_struct_oper_list.vector[3]            0.0000000000 
# 
loop_
_pdbx_audit_revision_history.ordinal 
_pdbx_audit_revision_history.data_content_type 
_pdbx_audit_revision_history.major_revision 
_pdbx_audit_revision_history.minor_revision 
_pdbx_audit_revision_history.revision_date 
1 'Structure model' 1 0 2013-05-22 
2 'Structure model' 1 1 2013-06-05 
3 'Structure model' 1 2 2023-09-20 
# 
_pdbx_audit_revision_details.ordinal             1 
_pdbx_audit_revision_details.revision_ordinal    1 
_pdbx_audit_revision_details.data_content_type   'Structure model' 
_pdbx_audit_revision_details.provider            repository 
_pdbx_audit_revision_details.type                'Initial release' 
_pdbx_audit_revision_details.description         ? 
_pdbx_audit_revision_details.details             ? 
# 
loop_
_pdbx_audit_revision_group.ordinal 
_pdbx_audit_revision_group.revision_ordinal 
_pdbx_audit_revision_group.data_content_type 
_pdbx_audit_revision_group.group 
1 2 'Structure model' 'Database references'    
2 3 'Structure model' 'Data collection'        
3 3 'Structure model' 'Database references'    
4 3 'Structure model' 'Derived calculations'   
5 3 'Structure model' 'Refinement description' 
# 
loop_
_pdbx_audit_revision_category.ordinal 
_pdbx_audit_revision_category.revision_ordinal 
_pdbx_audit_revision_category.data_content_type 
_pdbx_audit_revision_category.category 
1 3 'Structure model' chem_comp_atom                
2 3 'Structure model' chem_comp_bond                
3 3 'Structure model' database_2                    
4 3 'Structure model' pdbx_initial_refinement_model 
5 3 'Structure model' struct_ref_seq_dif            
6 3 'Structure model' struct_site                   
# 
loop_
_pdbx_audit_revision_item.ordinal 
_pdbx_audit_revision_item.revision_ordinal 
_pdbx_audit_revision_item.data_content_type 
_pdbx_audit_revision_item.item 
1 3 'Structure model' '_database_2.pdbx_DOI'                
2 3 'Structure model' '_database_2.pdbx_database_accession' 
3 3 'Structure model' '_struct_ref_seq_dif.details'         
4 3 'Structure model' '_struct_site.pdbx_auth_asym_id'      
5 3 'Structure model' '_struct_site.pdbx_auth_comp_id'      
6 3 'Structure model' '_struct_site.pdbx_auth_seq_id'       
# 
loop_
_software.name 
_software.classification 
_software.version 
_software.citation_id 
_software.pdbx_ordinal 
PRO    'data collection' DC       ? 1 
MOLREP phasing           .        ? 2 
REFMAC refinement        5.6.0093 ? 3 
XDS    'data reduction'  .        ? 4 
XSCALE 'data scaling'    .        ? 5 
# 
loop_
_pdbx_validate_close_contact.id 
_pdbx_validate_close_contact.PDB_model_num 
_pdbx_validate_close_contact.auth_atom_id_1 
_pdbx_validate_close_contact.auth_asym_id_1 
_pdbx_validate_close_contact.auth_comp_id_1 
_pdbx_validate_close_contact.auth_seq_id_1 
_pdbx_validate_close_contact.PDB_ins_code_1 
_pdbx_validate_close_contact.label_alt_id_1 
_pdbx_validate_close_contact.auth_atom_id_2 
_pdbx_validate_close_contact.auth_asym_id_2 
_pdbx_validate_close_contact.auth_comp_id_2 
_pdbx_validate_close_contact.auth_seq_id_2 
_pdbx_validate_close_contact.PDB_ins_code_2 
_pdbx_validate_close_contact.label_alt_id_2 
_pdbx_validate_close_contact.dist 
1  1 OE2 B GLU 72  ? ? O   B HOH 532 ? ? 1.78 
2  1 CB  B VAL 43  ? ? O   B HOH 544 ? ? 1.78 
3  1 O   B HOH 402 ? ? O   B HOH 499 ? ? 1.91 
4  1 O   B HOH 491 ? ? O   B HOH 539 ? ? 1.94 
5  1 OE2 B GLU 6   ? ? O   B HOH 550 ? ? 1.95 
6  1 O   B HOH 406 ? ? O   B HOH 520 ? ? 1.99 
7  1 O   B HOH 352 ? ? O   B HOH 479 ? ? 2.08 
8  1 CD2 B LEU 76  ? ? CD1 B PHE 133 ? ? 2.09 
9  1 O   B HOH 425 ? ? O   B HOH 521 ? ? 2.10 
10 1 O   B HOH 420 ? ? O   B HOH 463 ? ? 2.10 
11 1 O   B HOH 356 ? ? O   B HOH 509 ? ? 2.12 
12 1 O   B HOH 509 ? ? O   B HOH 541 ? ? 2.14 
13 1 CD2 B LEU 76  ? ? CE1 B PHE 133 ? ? 2.16 
# 
loop_
_pdbx_validate_rmsd_bond.id 
_pdbx_validate_rmsd_bond.PDB_model_num 
_pdbx_validate_rmsd_bond.auth_atom_id_1 
_pdbx_validate_rmsd_bond.auth_asym_id_1 
_pdbx_validate_rmsd_bond.auth_comp_id_1 
_pdbx_validate_rmsd_bond.auth_seq_id_1 
_pdbx_validate_rmsd_bond.PDB_ins_code_1 
_pdbx_validate_rmsd_bond.label_alt_id_1 
_pdbx_validate_rmsd_bond.auth_atom_id_2 
_pdbx_validate_rmsd_bond.auth_asym_id_2 
_pdbx_validate_rmsd_bond.auth_comp_id_2 
_pdbx_validate_rmsd_bond.auth_seq_id_2 
_pdbx_validate_rmsd_bond.PDB_ins_code_2 
_pdbx_validate_rmsd_bond.label_alt_id_2 
_pdbx_validate_rmsd_bond.bond_value 
_pdbx_validate_rmsd_bond.bond_target_value 
_pdbx_validate_rmsd_bond.bond_deviation 
_pdbx_validate_rmsd_bond.bond_standard_deviation 
_pdbx_validate_rmsd_bond.linker_flag 
1 1 CB  B GLU 6  ? ? CG  B GLU 6  ? ? 1.402 1.517 -0.115 0.019 N 
2 1 CG  B ARG 48 ? ? CD  B ARG 48 ? ? 1.674 1.515 0.159  0.025 N 
3 1 CB  B CYS 56 ? ? SG  B CYS 56 ? ? 1.667 1.812 -0.145 0.016 N 
4 1 CE2 B TYR 81 ? ? CD2 B TYR 81 ? ? 1.483 1.389 0.094  0.015 N 
# 
loop_
_pdbx_validate_rmsd_angle.id 
_pdbx_validate_rmsd_angle.PDB_model_num 
_pdbx_validate_rmsd_angle.auth_atom_id_1 
_pdbx_validate_rmsd_angle.auth_asym_id_1 
_pdbx_validate_rmsd_angle.auth_comp_id_1 
_pdbx_validate_rmsd_angle.auth_seq_id_1 
_pdbx_validate_rmsd_angle.PDB_ins_code_1 
_pdbx_validate_rmsd_angle.label_alt_id_1 
_pdbx_validate_rmsd_angle.auth_atom_id_2 
_pdbx_validate_rmsd_angle.auth_asym_id_2 
_pdbx_validate_rmsd_angle.auth_comp_id_2 
_pdbx_validate_rmsd_angle.auth_seq_id_2 
_pdbx_validate_rmsd_angle.PDB_ins_code_2 
_pdbx_validate_rmsd_angle.label_alt_id_2 
_pdbx_validate_rmsd_angle.auth_atom_id_3 
_pdbx_validate_rmsd_angle.auth_asym_id_3 
_pdbx_validate_rmsd_angle.auth_comp_id_3 
_pdbx_validate_rmsd_angle.auth_seq_id_3 
_pdbx_validate_rmsd_angle.PDB_ins_code_3 
_pdbx_validate_rmsd_angle.label_alt_id_3 
_pdbx_validate_rmsd_angle.angle_value 
_pdbx_validate_rmsd_angle.angle_target_value 
_pdbx_validate_rmsd_angle.angle_deviation 
_pdbx_validate_rmsd_angle.angle_standard_deviation 
_pdbx_validate_rmsd_angle.linker_flag 
1 1 OE1 B GLU 10  ? ? CD B GLU 10  ? ? OE2 B GLU 10  ? ? 111.67 123.30 -11.63 1.20 N 
2 1 CG  B GLU 10  ? ? CD B GLU 10  ? ? OE1 B GLU 10  ? ? 133.37 118.30 15.07  2.00 N 
3 1 CB  B PHE 96  ? ? CG B PHE 96  ? ? CD1 B PHE 96  ? ? 116.54 120.80 -4.26  0.70 N 
4 1 NE  B ARG 146 ? ? CZ B ARG 146 ? ? NH1 B ARG 146 ? ? 126.23 120.30 5.93   0.50 N 
5 1 NE  B ARG 146 ? ? CZ B ARG 146 ? ? NH2 B ARG 146 ? ? 115.12 120.30 -5.18  0.50 N 
# 
_pdbx_validate_torsion.id              1 
_pdbx_validate_torsion.PDB_model_num   1 
_pdbx_validate_torsion.auth_comp_id    ASP 
_pdbx_validate_torsion.auth_asym_id    B 
_pdbx_validate_torsion.auth_seq_id     136 
_pdbx_validate_torsion.PDB_ins_code    ? 
_pdbx_validate_torsion.label_alt_id    ? 
_pdbx_validate_torsion.phi             59.47 
_pdbx_validate_torsion.psi             -114.80 
# 
loop_
_pdbx_unobs_or_zero_occ_atoms.id 
_pdbx_unobs_or_zero_occ_atoms.PDB_model_num 
_pdbx_unobs_or_zero_occ_atoms.polymer_flag 
_pdbx_unobs_or_zero_occ_atoms.occupancy_flag 
_pdbx_unobs_or_zero_occ_atoms.auth_asym_id 
_pdbx_unobs_or_zero_occ_atoms.auth_comp_id 
_pdbx_unobs_or_zero_occ_atoms.auth_seq_id 
_pdbx_unobs_or_zero_occ_atoms.PDB_ins_code 
_pdbx_unobs_or_zero_occ_atoms.auth_atom_id 
_pdbx_unobs_or_zero_occ_atoms.label_alt_id 
_pdbx_unobs_or_zero_occ_atoms.label_asym_id 
_pdbx_unobs_or_zero_occ_atoms.label_comp_id 
_pdbx_unobs_or_zero_occ_atoms.label_seq_id 
_pdbx_unobs_or_zero_occ_atoms.label_atom_id 
1 1 Y 1 B GLU 26  ? CG  ? A GLU 28  CG  
2 1 Y 1 B GLU 26  ? CD  ? A GLU 28  CD  
3 1 Y 1 B GLU 26  ? OE1 ? A GLU 28  OE1 
4 1 Y 1 B GLU 26  ? OE2 ? A GLU 28  OE2 
5 1 Y 1 B SER 115 ? OG  ? A SER 117 OG  
6 1 Y 1 B GLN 116 ? CG  ? A GLN 118 CG  
7 1 Y 1 B GLN 116 ? CD  ? A GLN 118 CD  
8 1 Y 1 B GLN 116 ? OE1 ? A GLN 118 OE1 
9 1 Y 1 B GLN 116 ? NE2 ? A GLN 118 NE2 
# 
loop_
_pdbx_unobs_or_zero_occ_residues.id 
_pdbx_unobs_or_zero_occ_residues.PDB_model_num 
_pdbx_unobs_or_zero_occ_residues.polymer_flag 
_pdbx_unobs_or_zero_occ_residues.occupancy_flag 
_pdbx_unobs_or_zero_occ_residues.auth_asym_id 
_pdbx_unobs_or_zero_occ_residues.auth_comp_id 
_pdbx_unobs_or_zero_occ_residues.auth_seq_id 
_pdbx_unobs_or_zero_occ_residues.PDB_ins_code 
_pdbx_unobs_or_zero_occ_residues.label_asym_id 
_pdbx_unobs_or_zero_occ_residues.label_comp_id 
_pdbx_unobs_or_zero_occ_residues.label_seq_id 
1 1 Y 1 B GLY -1  ? A GLY 1   
2 1 Y 1 B SER 0   ? A SER 2   
3 1 Y 1 B MET 1   ? A MET 3   
4 1 Y 1 B PRO 113 ? A PRO 115 
5 1 Y 1 B GLU 114 ? A GLU 116 
# 
loop_
_chem_comp_atom.comp_id 
_chem_comp_atom.atom_id 
_chem_comp_atom.type_symbol 
_chem_comp_atom.pdbx_aromatic_flag 
_chem_comp_atom.pdbx_stereo_config 
_chem_comp_atom.pdbx_ordinal 
1M1 CAS  C Y N 1   
1M1 CAT  C Y N 2   
1M1 CAU  C Y N 3   
1M1 CAV  C Y N 4   
1M1 NAW  N Y N 5   
1M1 CAR  C Y N 6   
1M1 CAQ  C N R 7   
1M1 NAE  N Y N 8   
1M1 CAD  C Y N 9   
1M1 CAI  C Y N 10  
1M1 CAH  C Y N 11  
1M1 CAG  C Y N 12  
1M1 CAF  C Y N 13  
1M1 CAC  C Y N 14  
1M1 NAB  N Y N 15  
1M1 CAA  C Y N 16  
1M1 CAJ  C Y N 17  
1M1 CAK  C Y N 18  
1M1 CAL  C Y N 19  
1M1 CAM  C Y N 20  
1M1 CAN  C Y N 21  
1M1 CAO  C Y N 22  
1M1 NAP  N N N 23  
1M1 H1   H N N 24  
1M1 H2   H N N 25  
1M1 H3   H N N 26  
1M1 H4   H N N 27  
1M1 H5   H N N 28  
1M1 H6   H N N 29  
1M1 H7   H N N 30  
1M1 H8   H N N 31  
1M1 H9   H N N 32  
1M1 H10  H N N 33  
1M1 H11  H N N 34  
1M1 H12  H N N 35  
1M1 H13  H N N 36  
1M1 H14  H N N 37  
ALA N    N N N 38  
ALA CA   C N S 39  
ALA C    C N N 40  
ALA O    O N N 41  
ALA CB   C N N 42  
ALA OXT  O N N 43  
ALA H    H N N 44  
ALA H2   H N N 45  
ALA HA   H N N 46  
ALA HB1  H N N 47  
ALA HB2  H N N 48  
ALA HB3  H N N 49  
ALA HXT  H N N 50  
ARG N    N N N 51  
ARG CA   C N S 52  
ARG C    C N N 53  
ARG O    O N N 54  
ARG CB   C N N 55  
ARG CG   C N N 56  
ARG CD   C N N 57  
ARG NE   N N N 58  
ARG CZ   C N N 59  
ARG NH1  N N N 60  
ARG NH2  N N N 61  
ARG OXT  O N N 62  
ARG H    H N N 63  
ARG H2   H N N 64  
ARG HA   H N N 65  
ARG HB2  H N N 66  
ARG HB3  H N N 67  
ARG HG2  H N N 68  
ARG HG3  H N N 69  
ARG HD2  H N N 70  
ARG HD3  H N N 71  
ARG HE   H N N 72  
ARG HH11 H N N 73  
ARG HH12 H N N 74  
ARG HH21 H N N 75  
ARG HH22 H N N 76  
ARG HXT  H N N 77  
ASN N    N N N 78  
ASN CA   C N S 79  
ASN C    C N N 80  
ASN O    O N N 81  
ASN CB   C N N 82  
ASN CG   C N N 83  
ASN OD1  O N N 84  
ASN ND2  N N N 85  
ASN OXT  O N N 86  
ASN H    H N N 87  
ASN H2   H N N 88  
ASN HA   H N N 89  
ASN HB2  H N N 90  
ASN HB3  H N N 91  
ASN HD21 H N N 92  
ASN HD22 H N N 93  
ASN HXT  H N N 94  
ASP N    N N N 95  
ASP CA   C N S 96  
ASP C    C N N 97  
ASP O    O N N 98  
ASP CB   C N N 99  
ASP CG   C N N 100 
ASP OD1  O N N 101 
ASP OD2  O N N 102 
ASP OXT  O N N 103 
ASP H    H N N 104 
ASP H2   H N N 105 
ASP HA   H N N 106 
ASP HB2  H N N 107 
ASP HB3  H N N 108 
ASP HD2  H N N 109 
ASP HXT  H N N 110 
CYS N    N N N 111 
CYS CA   C N R 112 
CYS C    C N N 113 
CYS O    O N N 114 
CYS CB   C N N 115 
CYS SG   S N N 116 
CYS OXT  O N N 117 
CYS H    H N N 118 
CYS H2   H N N 119 
CYS HA   H N N 120 
CYS HB2  H N N 121 
CYS HB3  H N N 122 
CYS HG   H N N 123 
CYS HXT  H N N 124 
GLN N    N N N 125 
GLN CA   C N S 126 
GLN C    C N N 127 
GLN O    O N N 128 
GLN CB   C N N 129 
GLN CG   C N N 130 
GLN CD   C N N 131 
GLN OE1  O N N 132 
GLN NE2  N N N 133 
GLN OXT  O N N 134 
GLN H    H N N 135 
GLN H2   H N N 136 
GLN HA   H N N 137 
GLN HB2  H N N 138 
GLN HB3  H N N 139 
GLN HG2  H N N 140 
GLN HG3  H N N 141 
GLN HE21 H N N 142 
GLN HE22 H N N 143 
GLN HXT  H N N 144 
GLU N    N N N 145 
GLU CA   C N S 146 
GLU C    C N N 147 
GLU O    O N N 148 
GLU CB   C N N 149 
GLU CG   C N N 150 
GLU CD   C N N 151 
GLU OE1  O N N 152 
GLU OE2  O N N 153 
GLU OXT  O N N 154 
GLU H    H N N 155 
GLU H2   H N N 156 
GLU HA   H N N 157 
GLU HB2  H N N 158 
GLU HB3  H N N 159 
GLU HG2  H N N 160 
GLU HG3  H N N 161 
GLU HE2  H N N 162 
GLU HXT  H N N 163 
GLY N    N N N 164 
GLY CA   C N N 165 
GLY C    C N N 166 
GLY O    O N N 167 
GLY OXT  O N N 168 
GLY H    H N N 169 
GLY H2   H N N 170 
GLY HA2  H N N 171 
GLY HA3  H N N 172 
GLY HXT  H N N 173 
HIS N    N N N 174 
HIS CA   C N S 175 
HIS C    C N N 176 
HIS O    O N N 177 
HIS CB   C N N 178 
HIS CG   C Y N 179 
HIS ND1  N Y N 180 
HIS CD2  C Y N 181 
HIS CE1  C Y N 182 
HIS NE2  N Y N 183 
HIS OXT  O N N 184 
HIS H    H N N 185 
HIS H2   H N N 186 
HIS HA   H N N 187 
HIS HB2  H N N 188 
HIS HB3  H N N 189 
HIS HD1  H N N 190 
HIS HD2  H N N 191 
HIS HE1  H N N 192 
HIS HE2  H N N 193 
HIS HXT  H N N 194 
HOH O    O N N 195 
HOH H1   H N N 196 
HOH H2   H N N 197 
ILE N    N N N 198 
ILE CA   C N S 199 
ILE C    C N N 200 
ILE O    O N N 201 
ILE CB   C N S 202 
ILE CG1  C N N 203 
ILE CG2  C N N 204 
ILE CD1  C N N 205 
ILE OXT  O N N 206 
ILE H    H N N 207 
ILE H2   H N N 208 
ILE HA   H N N 209 
ILE HB   H N N 210 
ILE HG12 H N N 211 
ILE HG13 H N N 212 
ILE HG21 H N N 213 
ILE HG22 H N N 214 
ILE HG23 H N N 215 
ILE HD11 H N N 216 
ILE HD12 H N N 217 
ILE HD13 H N N 218 
ILE HXT  H N N 219 
LEU N    N N N 220 
LEU CA   C N S 221 
LEU C    C N N 222 
LEU O    O N N 223 
LEU CB   C N N 224 
LEU CG   C N N 225 
LEU CD1  C N N 226 
LEU CD2  C N N 227 
LEU OXT  O N N 228 
LEU H    H N N 229 
LEU H2   H N N 230 
LEU HA   H N N 231 
LEU HB2  H N N 232 
LEU HB3  H N N 233 
LEU HG   H N N 234 
LEU HD11 H N N 235 
LEU HD12 H N N 236 
LEU HD13 H N N 237 
LEU HD21 H N N 238 
LEU HD22 H N N 239 
LEU HD23 H N N 240 
LEU HXT  H N N 241 
LYS N    N N N 242 
LYS CA   C N S 243 
LYS C    C N N 244 
LYS O    O N N 245 
LYS CB   C N N 246 
LYS CG   C N N 247 
LYS CD   C N N 248 
LYS CE   C N N 249 
LYS NZ   N N N 250 
LYS OXT  O N N 251 
LYS H    H N N 252 
LYS H2   H N N 253 
LYS HA   H N N 254 
LYS HB2  H N N 255 
LYS HB3  H N N 256 
LYS HG2  H N N 257 
LYS HG3  H N N 258 
LYS HD2  H N N 259 
LYS HD3  H N N 260 
LYS HE2  H N N 261 
LYS HE3  H N N 262 
LYS HZ1  H N N 263 
LYS HZ2  H N N 264 
LYS HZ3  H N N 265 
LYS HXT  H N N 266 
MET N    N N N 267 
MET CA   C N S 268 
MET C    C N N 269 
MET O    O N N 270 
MET CB   C N N 271 
MET CG   C N N 272 
MET SD   S N N 273 
MET CE   C N N 274 
MET OXT  O N N 275 
MET H    H N N 276 
MET H2   H N N 277 
MET HA   H N N 278 
MET HB2  H N N 279 
MET HB3  H N N 280 
MET HG2  H N N 281 
MET HG3  H N N 282 
MET HE1  H N N 283 
MET HE2  H N N 284 
MET HE3  H N N 285 
MET HXT  H N N 286 
PHE N    N N N 287 
PHE CA   C N S 288 
PHE C    C N N 289 
PHE O    O N N 290 
PHE CB   C N N 291 
PHE CG   C Y N 292 
PHE CD1  C Y N 293 
PHE CD2  C Y N 294 
PHE CE1  C Y N 295 
PHE CE2  C Y N 296 
PHE CZ   C Y N 297 
PHE OXT  O N N 298 
PHE H    H N N 299 
PHE H2   H N N 300 
PHE HA   H N N 301 
PHE HB2  H N N 302 
PHE HB3  H N N 303 
PHE HD1  H N N 304 
PHE HD2  H N N 305 
PHE HE1  H N N 306 
PHE HE2  H N N 307 
PHE HZ   H N N 308 
PHE HXT  H N N 309 
PRO N    N N N 310 
PRO CA   C N S 311 
PRO C    C N N 312 
PRO O    O N N 313 
PRO CB   C N N 314 
PRO CG   C N N 315 
PRO CD   C N N 316 
PRO OXT  O N N 317 
PRO H    H N N 318 
PRO HA   H N N 319 
PRO HB2  H N N 320 
PRO HB3  H N N 321 
PRO HG2  H N N 322 
PRO HG3  H N N 323 
PRO HD2  H N N 324 
PRO HD3  H N N 325 
PRO HXT  H N N 326 
SER N    N N N 327 
SER CA   C N S 328 
SER C    C N N 329 
SER O    O N N 330 
SER CB   C N N 331 
SER OG   O N N 332 
SER OXT  O N N 333 
SER H    H N N 334 
SER H2   H N N 335 
SER HA   H N N 336 
SER HB2  H N N 337 
SER HB3  H N N 338 
SER HG   H N N 339 
SER HXT  H N N 340 
THR N    N N N 341 
THR CA   C N S 342 
THR C    C N N 343 
THR O    O N N 344 
THR CB   C N R 345 
THR OG1  O N N 346 
THR CG2  C N N 347 
THR OXT  O N N 348 
THR H    H N N 349 
THR H2   H N N 350 
THR HA   H N N 351 
THR HB   H N N 352 
THR HG1  H N N 353 
THR HG21 H N N 354 
THR HG22 H N N 355 
THR HG23 H N N 356 
THR HXT  H N N 357 
TRP N    N N N 358 
TRP CA   C N S 359 
TRP C    C N N 360 
TRP O    O N N 361 
TRP CB   C N N 362 
TRP CG   C Y N 363 
TRP CD1  C Y N 364 
TRP CD2  C Y N 365 
TRP NE1  N Y N 366 
TRP CE2  C Y N 367 
TRP CE3  C Y N 368 
TRP CZ2  C Y N 369 
TRP CZ3  C Y N 370 
TRP CH2  C Y N 371 
TRP OXT  O N N 372 
TRP H    H N N 373 
TRP H2   H N N 374 
TRP HA   H N N 375 
TRP HB2  H N N 376 
TRP HB3  H N N 377 
TRP HD1  H N N 378 
TRP HE1  H N N 379 
TRP HE3  H N N 380 
TRP HZ2  H N N 381 
TRP HZ3  H N N 382 
TRP HH2  H N N 383 
TRP HXT  H N N 384 
TYR N    N N N 385 
TYR CA   C N S 386 
TYR C    C N N 387 
TYR O    O N N 388 
TYR CB   C N N 389 
TYR CG   C Y N 390 
TYR CD1  C Y N 391 
TYR CD2  C Y N 392 
TYR CE1  C Y N 393 
TYR CE2  C Y N 394 
TYR CZ   C Y N 395 
TYR OH   O N N 396 
TYR OXT  O N N 397 
TYR H    H N N 398 
TYR H2   H N N 399 
TYR HA   H N N 400 
TYR HB2  H N N 401 
TYR HB3  H N N 402 
TYR HD1  H N N 403 
TYR HD2  H N N 404 
TYR HE1  H N N 405 
TYR HE2  H N N 406 
TYR HH   H N N 407 
TYR HXT  H N N 408 
VAL N    N N N 409 
VAL CA   C N S 410 
VAL C    C N N 411 
VAL O    O N N 412 
VAL CB   C N N 413 
VAL CG1  C N N 414 
VAL CG2  C N N 415 
VAL OXT  O N N 416 
VAL H    H N N 417 
VAL H2   H N N 418 
VAL HA   H N N 419 
VAL HB   H N N 420 
VAL HG11 H N N 421 
VAL HG12 H N N 422 
VAL HG13 H N N 423 
VAL HG21 H N N 424 
VAL HG22 H N N 425 
VAL HG23 H N N 426 
VAL HXT  H N N 427 
# 
loop_
_chem_comp_bond.comp_id 
_chem_comp_bond.atom_id_1 
_chem_comp_bond.atom_id_2 
_chem_comp_bond.value_order 
_chem_comp_bond.pdbx_aromatic_flag 
_chem_comp_bond.pdbx_stereo_config 
_chem_comp_bond.pdbx_ordinal 
1M1 CAU CAT  doub Y N 1   
1M1 CAU CAV  sing Y N 2   
1M1 CAT CAS  sing Y N 3   
1M1 CAS CAR  doub Y N 4   
1M1 CAV NAW  doub Y N 5   
1M1 CAR NAW  sing Y N 6   
1M1 CAR CAQ  sing N N 7   
1M1 CAQ NAP  sing N N 8   
1M1 CAQ NAE  sing N N 9   
1M1 NAP CAO  sing N N 10  
1M1 CAI CAH  doub Y N 11  
1M1 CAI CAD  sing Y N 12  
1M1 CAH CAG  sing Y N 13  
1M1 NAE CAD  sing Y N 14  
1M1 NAE CAA  sing Y N 15  
1M1 CAD CAC  doub Y N 16  
1M1 CAO CAN  doub Y N 17  
1M1 CAO CAJ  sing Y N 18  
1M1 CAN CAM  sing Y N 19  
1M1 CAG CAF  doub Y N 20  
1M1 CAA CAJ  sing N N 21  
1M1 CAA NAB  doub Y N 22  
1M1 CAJ CAK  doub Y N 23  
1M1 CAC CAF  sing Y N 24  
1M1 CAC NAB  sing Y N 25  
1M1 CAM CAL  doub Y N 26  
1M1 CAK CAL  sing Y N 27  
1M1 CAS H1   sing N N 28  
1M1 CAT H2   sing N N 29  
1M1 CAU H3   sing N N 30  
1M1 CAV H4   sing N N 31  
1M1 CAQ H5   sing N N 32  
1M1 CAI H6   sing N N 33  
1M1 CAH H7   sing N N 34  
1M1 CAG H8   sing N N 35  
1M1 CAF H9   sing N N 36  
1M1 CAK H10  sing N N 37  
1M1 CAL H11  sing N N 38  
1M1 CAM H12  sing N N 39  
1M1 CAN H13  sing N N 40  
1M1 NAP H14  sing N N 41  
ALA N   CA   sing N N 42  
ALA N   H    sing N N 43  
ALA N   H2   sing N N 44  
ALA CA  C    sing N N 45  
ALA CA  CB   sing N N 46  
ALA CA  HA   sing N N 47  
ALA C   O    doub N N 48  
ALA C   OXT  sing N N 49  
ALA CB  HB1  sing N N 50  
ALA CB  HB2  sing N N 51  
ALA CB  HB3  sing N N 52  
ALA OXT HXT  sing N N 53  
ARG N   CA   sing N N 54  
ARG N   H    sing N N 55  
ARG N   H2   sing N N 56  
ARG CA  C    sing N N 57  
ARG CA  CB   sing N N 58  
ARG CA  HA   sing N N 59  
ARG C   O    doub N N 60  
ARG C   OXT  sing N N 61  
ARG CB  CG   sing N N 62  
ARG CB  HB2  sing N N 63  
ARG CB  HB3  sing N N 64  
ARG CG  CD   sing N N 65  
ARG CG  HG2  sing N N 66  
ARG CG  HG3  sing N N 67  
ARG CD  NE   sing N N 68  
ARG CD  HD2  sing N N 69  
ARG CD  HD3  sing N N 70  
ARG NE  CZ   sing N N 71  
ARG NE  HE   sing N N 72  
ARG CZ  NH1  sing N N 73  
ARG CZ  NH2  doub N N 74  
ARG NH1 HH11 sing N N 75  
ARG NH1 HH12 sing N N 76  
ARG NH2 HH21 sing N N 77  
ARG NH2 HH22 sing N N 78  
ARG OXT HXT  sing N N 79  
ASN N   CA   sing N N 80  
ASN N   H    sing N N 81  
ASN N   H2   sing N N 82  
ASN CA  C    sing N N 83  
ASN CA  CB   sing N N 84  
ASN CA  HA   sing N N 85  
ASN C   O    doub N N 86  
ASN C   OXT  sing N N 87  
ASN CB  CG   sing N N 88  
ASN CB  HB2  sing N N 89  
ASN CB  HB3  sing N N 90  
ASN CG  OD1  doub N N 91  
ASN CG  ND2  sing N N 92  
ASN ND2 HD21 sing N N 93  
ASN ND2 HD22 sing N N 94  
ASN OXT HXT  sing N N 95  
ASP N   CA   sing N N 96  
ASP N   H    sing N N 97  
ASP N   H2   sing N N 98  
ASP CA  C    sing N N 99  
ASP CA  CB   sing N N 100 
ASP CA  HA   sing N N 101 
ASP C   O    doub N N 102 
ASP C   OXT  sing N N 103 
ASP CB  CG   sing N N 104 
ASP CB  HB2  sing N N 105 
ASP CB  HB3  sing N N 106 
ASP CG  OD1  doub N N 107 
ASP CG  OD2  sing N N 108 
ASP OD2 HD2  sing N N 109 
ASP OXT HXT  sing N N 110 
CYS N   CA   sing N N 111 
CYS N   H    sing N N 112 
CYS N   H2   sing N N 113 
CYS CA  C    sing N N 114 
CYS CA  CB   sing N N 115 
CYS CA  HA   sing N N 116 
CYS C   O    doub N N 117 
CYS C   OXT  sing N N 118 
CYS CB  SG   sing N N 119 
CYS CB  HB2  sing N N 120 
CYS CB  HB3  sing N N 121 
CYS SG  HG   sing N N 122 
CYS OXT HXT  sing N N 123 
GLN N   CA   sing N N 124 
GLN N   H    sing N N 125 
GLN N   H2   sing N N 126 
GLN CA  C    sing N N 127 
GLN CA  CB   sing N N 128 
GLN CA  HA   sing N N 129 
GLN C   O    doub N N 130 
GLN C   OXT  sing N N 131 
GLN CB  CG   sing N N 132 
GLN CB  HB2  sing N N 133 
GLN CB  HB3  sing N N 134 
GLN CG  CD   sing N N 135 
GLN CG  HG2  sing N N 136 
GLN CG  HG3  sing N N 137 
GLN CD  OE1  doub N N 138 
GLN CD  NE2  sing N N 139 
GLN NE2 HE21 sing N N 140 
GLN NE2 HE22 sing N N 141 
GLN OXT HXT  sing N N 142 
GLU N   CA   sing N N 143 
GLU N   H    sing N N 144 
GLU N   H2   sing N N 145 
GLU CA  C    sing N N 146 
GLU CA  CB   sing N N 147 
GLU CA  HA   sing N N 148 
GLU C   O    doub N N 149 
GLU C   OXT  sing N N 150 
GLU CB  CG   sing N N 151 
GLU CB  HB2  sing N N 152 
GLU CB  HB3  sing N N 153 
GLU CG  CD   sing N N 154 
GLU CG  HG2  sing N N 155 
GLU CG  HG3  sing N N 156 
GLU CD  OE1  doub N N 157 
GLU CD  OE2  sing N N 158 
GLU OE2 HE2  sing N N 159 
GLU OXT HXT  sing N N 160 
GLY N   CA   sing N N 161 
GLY N   H    sing N N 162 
GLY N   H2   sing N N 163 
GLY CA  C    sing N N 164 
GLY CA  HA2  sing N N 165 
GLY CA  HA3  sing N N 166 
GLY C   O    doub N N 167 
GLY C   OXT  sing N N 168 
GLY OXT HXT  sing N N 169 
HIS N   CA   sing N N 170 
HIS N   H    sing N N 171 
HIS N   H2   sing N N 172 
HIS CA  C    sing N N 173 
HIS CA  CB   sing N N 174 
HIS CA  HA   sing N N 175 
HIS C   O    doub N N 176 
HIS C   OXT  sing N N 177 
HIS CB  CG   sing N N 178 
HIS CB  HB2  sing N N 179 
HIS CB  HB3  sing N N 180 
HIS CG  ND1  sing Y N 181 
HIS CG  CD2  doub Y N 182 
HIS ND1 CE1  doub Y N 183 
HIS ND1 HD1  sing N N 184 
HIS CD2 NE2  sing Y N 185 
HIS CD2 HD2  sing N N 186 
HIS CE1 NE2  sing Y N 187 
HIS CE1 HE1  sing N N 188 
HIS NE2 HE2  sing N N 189 
HIS OXT HXT  sing N N 190 
HOH O   H1   sing N N 191 
HOH O   H2   sing N N 192 
ILE N   CA   sing N N 193 
ILE N   H    sing N N 194 
ILE N   H2   sing N N 195 
ILE CA  C    sing N N 196 
ILE CA  CB   sing N N 197 
ILE CA  HA   sing N N 198 
ILE C   O    doub N N 199 
ILE C   OXT  sing N N 200 
ILE CB  CG1  sing N N 201 
ILE CB  CG2  sing N N 202 
ILE CB  HB   sing N N 203 
ILE CG1 CD1  sing N N 204 
ILE CG1 HG12 sing N N 205 
ILE CG1 HG13 sing N N 206 
ILE CG2 HG21 sing N N 207 
ILE CG2 HG22 sing N N 208 
ILE CG2 HG23 sing N N 209 
ILE CD1 HD11 sing N N 210 
ILE CD1 HD12 sing N N 211 
ILE CD1 HD13 sing N N 212 
ILE OXT HXT  sing N N 213 
LEU N   CA   sing N N 214 
LEU N   H    sing N N 215 
LEU N   H2   sing N N 216 
LEU CA  C    sing N N 217 
LEU CA  CB   sing N N 218 
LEU CA  HA   sing N N 219 
LEU C   O    doub N N 220 
LEU C   OXT  sing N N 221 
LEU CB  CG   sing N N 222 
LEU CB  HB2  sing N N 223 
LEU CB  HB3  sing N N 224 
LEU CG  CD1  sing N N 225 
LEU CG  CD2  sing N N 226 
LEU CG  HG   sing N N 227 
LEU CD1 HD11 sing N N 228 
LEU CD1 HD12 sing N N 229 
LEU CD1 HD13 sing N N 230 
LEU CD2 HD21 sing N N 231 
LEU CD2 HD22 sing N N 232 
LEU CD2 HD23 sing N N 233 
LEU OXT HXT  sing N N 234 
LYS N   CA   sing N N 235 
LYS N   H    sing N N 236 
LYS N   H2   sing N N 237 
LYS CA  C    sing N N 238 
LYS CA  CB   sing N N 239 
LYS CA  HA   sing N N 240 
LYS C   O    doub N N 241 
LYS C   OXT  sing N N 242 
LYS CB  CG   sing N N 243 
LYS CB  HB2  sing N N 244 
LYS CB  HB3  sing N N 245 
LYS CG  CD   sing N N 246 
LYS CG  HG2  sing N N 247 
LYS CG  HG3  sing N N 248 
LYS CD  CE   sing N N 249 
LYS CD  HD2  sing N N 250 
LYS CD  HD3  sing N N 251 
LYS CE  NZ   sing N N 252 
LYS CE  HE2  sing N N 253 
LYS CE  HE3  sing N N 254 
LYS NZ  HZ1  sing N N 255 
LYS NZ  HZ2  sing N N 256 
LYS NZ  HZ3  sing N N 257 
LYS OXT HXT  sing N N 258 
MET N   CA   sing N N 259 
MET N   H    sing N N 260 
MET N   H2   sing N N 261 
MET CA  C    sing N N 262 
MET CA  CB   sing N N 263 
MET CA  HA   sing N N 264 
MET C   O    doub N N 265 
MET C   OXT  sing N N 266 
MET CB  CG   sing N N 267 
MET CB  HB2  sing N N 268 
MET CB  HB3  sing N N 269 
MET CG  SD   sing N N 270 
MET CG  HG2  sing N N 271 
MET CG  HG3  sing N N 272 
MET SD  CE   sing N N 273 
MET CE  HE1  sing N N 274 
MET CE  HE2  sing N N 275 
MET CE  HE3  sing N N 276 
MET OXT HXT  sing N N 277 
PHE N   CA   sing N N 278 
PHE N   H    sing N N 279 
PHE N   H2   sing N N 280 
PHE CA  C    sing N N 281 
PHE CA  CB   sing N N 282 
PHE CA  HA   sing N N 283 
PHE C   O    doub N N 284 
PHE C   OXT  sing N N 285 
PHE CB  CG   sing N N 286 
PHE CB  HB2  sing N N 287 
PHE CB  HB3  sing N N 288 
PHE CG  CD1  doub Y N 289 
PHE CG  CD2  sing Y N 290 
PHE CD1 CE1  sing Y N 291 
PHE CD1 HD1  sing N N 292 
PHE CD2 CE2  doub Y N 293 
PHE CD2 HD2  sing N N 294 
PHE CE1 CZ   doub Y N 295 
PHE CE1 HE1  sing N N 296 
PHE CE2 CZ   sing Y N 297 
PHE CE2 HE2  sing N N 298 
PHE CZ  HZ   sing N N 299 
PHE OXT HXT  sing N N 300 
PRO N   CA   sing N N 301 
PRO N   CD   sing N N 302 
PRO N   H    sing N N 303 
PRO CA  C    sing N N 304 
PRO CA  CB   sing N N 305 
PRO CA  HA   sing N N 306 
PRO C   O    doub N N 307 
PRO C   OXT  sing N N 308 
PRO CB  CG   sing N N 309 
PRO CB  HB2  sing N N 310 
PRO CB  HB3  sing N N 311 
PRO CG  CD   sing N N 312 
PRO CG  HG2  sing N N 313 
PRO CG  HG3  sing N N 314 
PRO CD  HD2  sing N N 315 
PRO CD  HD3  sing N N 316 
PRO OXT HXT  sing N N 317 
SER N   CA   sing N N 318 
SER N   H    sing N N 319 
SER N   H2   sing N N 320 
SER CA  C    sing N N 321 
SER CA  CB   sing N N 322 
SER CA  HA   sing N N 323 
SER C   O    doub N N 324 
SER C   OXT  sing N N 325 
SER CB  OG   sing N N 326 
SER CB  HB2  sing N N 327 
SER CB  HB3  sing N N 328 
SER OG  HG   sing N N 329 
SER OXT HXT  sing N N 330 
THR N   CA   sing N N 331 
THR N   H    sing N N 332 
THR N   H2   sing N N 333 
THR CA  C    sing N N 334 
THR CA  CB   sing N N 335 
THR CA  HA   sing N N 336 
THR C   O    doub N N 337 
THR C   OXT  sing N N 338 
THR CB  OG1  sing N N 339 
THR CB  CG2  sing N N 340 
THR CB  HB   sing N N 341 
THR OG1 HG1  sing N N 342 
THR CG2 HG21 sing N N 343 
THR CG2 HG22 sing N N 344 
THR CG2 HG23 sing N N 345 
THR OXT HXT  sing N N 346 
TRP N   CA   sing N N 347 
TRP N   H    sing N N 348 
TRP N   H2   sing N N 349 
TRP CA  C    sing N N 350 
TRP CA  CB   sing N N 351 
TRP CA  HA   sing N N 352 
TRP C   O    doub N N 353 
TRP C   OXT  sing N N 354 
TRP CB  CG   sing N N 355 
TRP CB  HB2  sing N N 356 
TRP CB  HB3  sing N N 357 
TRP CG  CD1  doub Y N 358 
TRP CG  CD2  sing Y N 359 
TRP CD1 NE1  sing Y N 360 
TRP CD1 HD1  sing N N 361 
TRP CD2 CE2  doub Y N 362 
TRP CD2 CE3  sing Y N 363 
TRP NE1 CE2  sing Y N 364 
TRP NE1 HE1  sing N N 365 
TRP CE2 CZ2  sing Y N 366 
TRP CE3 CZ3  doub Y N 367 
TRP CE3 HE3  sing N N 368 
TRP CZ2 CH2  doub Y N 369 
TRP CZ2 HZ2  sing N N 370 
TRP CZ3 CH2  sing Y N 371 
TRP CZ3 HZ3  sing N N 372 
TRP CH2 HH2  sing N N 373 
TRP OXT HXT  sing N N 374 
TYR N   CA   sing N N 375 
TYR N   H    sing N N 376 
TYR N   H2   sing N N 377 
TYR CA  C    sing N N 378 
TYR CA  CB   sing N N 379 
TYR CA  HA   sing N N 380 
TYR C   O    doub N N 381 
TYR C   OXT  sing N N 382 
TYR CB  CG   sing N N 383 
TYR CB  HB2  sing N N 384 
TYR CB  HB3  sing N N 385 
TYR CG  CD1  doub Y N 386 
TYR CG  CD2  sing Y N 387 
TYR CD1 CE1  sing Y N 388 
TYR CD1 HD1  sing N N 389 
TYR CD2 CE2  doub Y N 390 
TYR CD2 HD2  sing N N 391 
TYR CE1 CZ   doub Y N 392 
TYR CE1 HE1  sing N N 393 
TYR CE2 CZ   sing Y N 394 
TYR CE2 HE2  sing N N 395 
TYR CZ  OH   sing N N 396 
TYR OH  HH   sing N N 397 
TYR OXT HXT  sing N N 398 
VAL N   CA   sing N N 399 
VAL N   H    sing N N 400 
VAL N   H2   sing N N 401 
VAL CA  C    sing N N 402 
VAL CA  CB   sing N N 403 
VAL CA  HA   sing N N 404 
VAL C   O    doub N N 405 
VAL C   OXT  sing N N 406 
VAL CB  CG1  sing N N 407 
VAL CB  CG2  sing N N 408 
VAL CB  HB   sing N N 409 
VAL CG1 HG11 sing N N 410 
VAL CG1 HG12 sing N N 411 
VAL CG1 HG13 sing N N 412 
VAL CG2 HG21 sing N N 413 
VAL CG2 HG22 sing N N 414 
VAL CG2 HG23 sing N N 415 
VAL OXT HXT  sing N N 416 
# 
loop_
_pdbx_entity_nonpoly.entity_id 
_pdbx_entity_nonpoly.name 
_pdbx_entity_nonpoly.comp_id 
2 '(6R)-6-(pyridin-2-yl)-5,6-dihydrobenzimidazo[1,2-c]quinazoline' 1M1 
3 water                                                            HOH 
# 
_pdbx_initial_refinement_model.id               1 
_pdbx_initial_refinement_model.entity_id_list   ? 
_pdbx_initial_refinement_model.type             'experimental model' 
_pdbx_initial_refinement_model.source_name      PDB 
_pdbx_initial_refinement_model.accession_code   3T5G 
_pdbx_initial_refinement_model.details          ? 
# 
